data_1AIO
# 
_entry.id   1AIO 
# 
_audit_conform.dict_name       mmcif_pdbx.dic 
_audit_conform.dict_version    5.385 
_audit_conform.dict_location   http://mmcif.pdb.org/dictionaries/ascii/mmcif_pdbx.dic 
# 
loop_
_database_2.database_id 
_database_2.database_code 
_database_2.pdbx_database_accession 
_database_2.pdbx_DOI 
PDB   1AIO         pdb_00001aio 10.2210/pdb1aio/pdb 
RCSB  DDLB73       ?            ?                   
WWPDB D_1000170864 ?            ?                   
# 
loop_
_pdbx_audit_revision_history.ordinal 
_pdbx_audit_revision_history.data_content_type 
_pdbx_audit_revision_history.major_revision 
_pdbx_audit_revision_history.minor_revision 
_pdbx_audit_revision_history.revision_date 
1 'Structure model' 1 0 1997-04-24 
2 'Structure model' 1 1 2008-05-22 
3 'Structure model' 1 2 2011-07-13 
4 'Structure model' 1 3 2024-02-07 
# 
_pdbx_audit_revision_details.ordinal             1 
_pdbx_audit_revision_details.revision_ordinal    1 
_pdbx_audit_revision_details.data_content_type   'Structure model' 
_pdbx_audit_revision_details.provider            repository 
_pdbx_audit_revision_details.type                'Initial release' 
_pdbx_audit_revision_details.description         ? 
_pdbx_audit_revision_details.details             ? 
# 
loop_
_pdbx_audit_revision_group.ordinal 
_pdbx_audit_revision_group.revision_ordinal 
_pdbx_audit_revision_group.data_content_type 
_pdbx_audit_revision_group.group 
1 2 'Structure model' 'Version format compliance' 
2 3 'Structure model' 'Non-polymer description'   
3 3 'Structure model' 'Version format compliance' 
4 4 'Structure model' 'Data collection'           
5 4 'Structure model' 'Database references'       
6 4 'Structure model' 'Derived calculations'      
# 
loop_
_pdbx_audit_revision_category.ordinal 
_pdbx_audit_revision_category.revision_ordinal 
_pdbx_audit_revision_category.data_content_type 
_pdbx_audit_revision_category.category 
1 4 'Structure model' chem_comp_atom         
2 4 'Structure model' chem_comp_bond         
3 4 'Structure model' database_2             
4 4 'Structure model' pdbx_struct_conn_angle 
5 4 'Structure model' struct_conn            
6 4 'Structure model' struct_conn_type       
7 4 'Structure model' struct_site            
# 
loop_
_pdbx_audit_revision_item.ordinal 
_pdbx_audit_revision_item.revision_ordinal 
_pdbx_audit_revision_item.data_content_type 
_pdbx_audit_revision_item.item 
1  4 'Structure model' '_database_2.pdbx_DOI'                        
2  4 'Structure model' '_database_2.pdbx_database_accession'         
3  4 'Structure model' '_pdbx_struct_conn_angle.ptnr1_auth_seq_id'   
4  4 'Structure model' '_pdbx_struct_conn_angle.ptnr1_label_atom_id' 
5  4 'Structure model' '_pdbx_struct_conn_angle.ptnr1_label_seq_id'  
6  4 'Structure model' '_pdbx_struct_conn_angle.ptnr3_auth_seq_id'   
7  4 'Structure model' '_pdbx_struct_conn_angle.ptnr3_label_atom_id' 
8  4 'Structure model' '_pdbx_struct_conn_angle.ptnr3_label_seq_id'  
9  4 'Structure model' '_pdbx_struct_conn_angle.value'               
10 4 'Structure model' '_struct_conn.conn_type_id'                   
11 4 'Structure model' '_struct_conn.id'                             
12 4 'Structure model' '_struct_conn.pdbx_dist_value'                
13 4 'Structure model' '_struct_conn.pdbx_leaving_atom_flag'         
14 4 'Structure model' '_struct_conn.ptnr1_auth_asym_id'             
15 4 'Structure model' '_struct_conn.ptnr1_auth_comp_id'             
16 4 'Structure model' '_struct_conn.ptnr1_auth_seq_id'              
17 4 'Structure model' '_struct_conn.ptnr1_label_asym_id'            
18 4 'Structure model' '_struct_conn.ptnr1_label_atom_id'            
19 4 'Structure model' '_struct_conn.ptnr1_label_comp_id'            
20 4 'Structure model' '_struct_conn.ptnr1_label_seq_id'             
21 4 'Structure model' '_struct_conn.ptnr2_auth_asym_id'             
22 4 'Structure model' '_struct_conn.ptnr2_auth_comp_id'             
23 4 'Structure model' '_struct_conn.ptnr2_auth_seq_id'              
24 4 'Structure model' '_struct_conn.ptnr2_label_asym_id'            
25 4 'Structure model' '_struct_conn.ptnr2_label_atom_id'            
26 4 'Structure model' '_struct_conn.ptnr2_label_comp_id'            
27 4 'Structure model' '_struct_conn.ptnr2_label_seq_id'             
28 4 'Structure model' '_struct_conn_type.id'                        
29 4 'Structure model' '_struct_site.pdbx_auth_asym_id'              
30 4 'Structure model' '_struct_site.pdbx_auth_comp_id'              
31 4 'Structure model' '_struct_site.pdbx_auth_seq_id'               
# 
_pdbx_database_PDB_obs_spr.id               SPRSDE 
_pdbx_database_PDB_obs_spr.date             1997-05-15 
_pdbx_database_PDB_obs_spr.pdb_id           1AIO 
_pdbx_database_PDB_obs_spr.replace_pdb_id   1GPG 
_pdbx_database_PDB_obs_spr.details          ? 
# 
_pdbx_database_status.status_code                     REL 
_pdbx_database_status.entry_id                        1AIO 
_pdbx_database_status.recvd_initial_deposition_date   1997-04-23 
_pdbx_database_status.deposit_site                    NDB 
_pdbx_database_status.process_site                    NDB 
_pdbx_database_status.SG_entry                        . 
_pdbx_database_status.status_code_sf                  ? 
_pdbx_database_status.status_code_mr                  ? 
_pdbx_database_status.pdb_format_compatible           Y 
_pdbx_database_status.status_code_cs                  ? 
_pdbx_database_status.status_code_nmr_data            ? 
_pdbx_database_status.methods_development_category    ? 
# 
loop_
_audit_author.name 
_audit_author.pdbx_ordinal 
'Takahara, P.M.'   1 
'Rosenzweig, A.C.' 2 
'Frederick, C.A.'  3 
'Lippard, S.J.'    4 
# 
loop_
_citation.id 
_citation.title 
_citation.journal_abbrev 
_citation.journal_volume 
_citation.page_first 
_citation.page_last 
_citation.year 
_citation.journal_id_ASTM 
_citation.country 
_citation.journal_id_ISSN 
_citation.journal_id_CSD 
_citation.book_publisher 
_citation.pdbx_database_id_PubMed 
_citation.pdbx_database_id_DOI 
primary 'Crystal structure of double-stranded DNA containing the major adduct of the anticancer drug cisplatin.' Nature         
377 649   652   1995 NATUAS UK 0028-0836 0006 ? 7566180 10.1038/377649a0 
1       'Crystal Structure of the Anticancer Drug Cisplatin Bound to Duplex DNA'                                 J.Am.Chem.Soc. 
118 12309 12321 1996 JACSAT US 0002-7863 0004 ? ?       ?                
# 
loop_
_citation_author.citation_id 
_citation_author.name 
_citation_author.ordinal 
_citation_author.identifier_ORCID 
primary 'Takahara, P.M.'   1 ? 
primary 'Rosenzweig, A.C.' 2 ? 
primary 'Frederick, C.A.'  3 ? 
primary 'Lippard, S.J.'    4 ? 
1       'Takahara, P.M.'   5 ? 
1       'Frederick, C.A.'  6 ? 
1       'Lippard, S.J.'    7 ? 
# 
loop_
_entity.id 
_entity.type 
_entity.src_method 
_entity.pdbx_description 
_entity.formula_weight 
_entity.pdbx_number_of_molecules 
_entity.pdbx_ec 
_entity.pdbx_mutation 
_entity.pdbx_fragment 
_entity.details 
1 polymer     man 
;DNA (5'-D(*CP*CP*(BRU)P*CP*TP*[PT(NH3)2(GP*GP)]*TP*CP*TP*CP*C)-3')
;
3630.186 2  ? ? ? ? 
2 polymer     man 
;DNA (5'-D(*GP*GP*AP*GP*AP*CP*CP*AP*GP*AP*GP*G)-3')
;
3761.468 2  ? ? ? ? 
3 non-polymer syn Cisplatin                                                            300.045  2  ? ? ? ? 
4 water       nat water                                                                18.015   62 ? ? ? ? 
# 
loop_
_entity_poly.entity_id 
_entity_poly.type 
_entity_poly.nstd_linkage 
_entity_poly.nstd_monomer 
_entity_poly.pdbx_seq_one_letter_code 
_entity_poly.pdbx_seq_one_letter_code_can 
_entity_poly.pdbx_strand_id 
_entity_poly.pdbx_target_identifier 
1 polydeoxyribonucleotide no yes '(DC)(DC)(BRU)(DC)(DT)(DG)(DG)(DT)(DC)(DT)(DC)(DC)' CCUCTGGTCTCC A,C ? 
2 polydeoxyribonucleotide no no  '(DG)(DG)(DA)(DG)(DA)(DC)(DC)(DA)(DG)(DA)(DG)(DG)'  GGAGACCAGAGG B,D ? 
# 
loop_
_pdbx_entity_nonpoly.entity_id 
_pdbx_entity_nonpoly.name 
_pdbx_entity_nonpoly.comp_id 
3 Cisplatin CPT 
4 water     HOH 
# 
loop_
_entity_poly_seq.entity_id 
_entity_poly_seq.num 
_entity_poly_seq.mon_id 
_entity_poly_seq.hetero 
1 1  DC  n 
1 2  DC  n 
1 3  BRU n 
1 4  DC  n 
1 5  DT  n 
1 6  DG  n 
1 7  DG  n 
1 8  DT  n 
1 9  DC  n 
1 10 DT  n 
1 11 DC  n 
1 12 DC  n 
2 1  DG  n 
2 2  DG  n 
2 3  DA  n 
2 4  DG  n 
2 5  DA  n 
2 6  DC  n 
2 7  DC  n 
2 8  DA  n 
2 9  DG  n 
2 10 DA  n 
2 11 DG  n 
2 12 DG  n 
# 
loop_
_chem_comp.id 
_chem_comp.type 
_chem_comp.mon_nstd_flag 
_chem_comp.name 
_chem_comp.pdbx_synonyms 
_chem_comp.formula 
_chem_comp.formula_weight 
BRU 'DNA linking' n "5-BROMO-2'-DEOXYURIDINE-5'-MONOPHOSPHATE" ?                            'C9 H12 Br N2 O8 P' 387.078 
CPT non-polymer   . Cisplatin                                  'diammine(dichloro)platinum' 'Cl2 H6 N2 Pt'      300.045 
DA  'DNA linking' y "2'-DEOXYADENOSINE-5'-MONOPHOSPHATE"       ?                            'C10 H14 N5 O6 P'   331.222 
DC  'DNA linking' y "2'-DEOXYCYTIDINE-5'-MONOPHOSPHATE"        ?                            'C9 H14 N3 O7 P'    307.197 
DG  'DNA linking' y "2'-DEOXYGUANOSINE-5'-MONOPHOSPHATE"       ?                            'C10 H14 N5 O7 P'   347.221 
DT  'DNA linking' y "THYMIDINE-5'-MONOPHOSPHATE"               ?                            'C10 H15 N2 O8 P'   322.208 
HOH non-polymer   . WATER                                      ?                            'H2 O'              18.015  
# 
loop_
_pdbx_poly_seq_scheme.asym_id 
_pdbx_poly_seq_scheme.entity_id 
_pdbx_poly_seq_scheme.seq_id 
_pdbx_poly_seq_scheme.mon_id 
_pdbx_poly_seq_scheme.ndb_seq_num 
_pdbx_poly_seq_scheme.pdb_seq_num 
_pdbx_poly_seq_scheme.auth_seq_num 
_pdbx_poly_seq_scheme.pdb_mon_id 
_pdbx_poly_seq_scheme.auth_mon_id 
_pdbx_poly_seq_scheme.pdb_strand_id 
_pdbx_poly_seq_scheme.pdb_ins_code 
_pdbx_poly_seq_scheme.hetero 
A 1 1  DC  1  1  1  DC  C  A . n 
A 1 2  DC  2  2  2  DC  C  A . n 
A 1 3  BRU 3  3  3  BRU +U A . n 
A 1 4  DC  4  4  4  DC  C  A . n 
A 1 5  DT  5  5  5  DT  T  A . n 
A 1 6  DG  6  6  6  DG  +G A . n 
A 1 7  DG  7  7  7  DG  +G A . n 
A 1 8  DT  8  8  8  DT  T  A . n 
A 1 9  DC  9  9  9  DC  C  A . n 
A 1 10 DT  10 10 10 DT  T  A . n 
A 1 11 DC  11 11 11 DC  C  A . n 
A 1 12 DC  12 12 12 DC  C  A . n 
B 2 1  DG  1  13 13 DG  G  B . n 
B 2 2  DG  2  14 14 DG  G  B . n 
B 2 3  DA  3  15 15 DA  A  B . n 
B 2 4  DG  4  16 16 DG  G  B . n 
B 2 5  DA  5  17 17 DA  A  B . n 
B 2 6  DC  6  18 18 DC  C  B . n 
B 2 7  DC  7  19 19 DC  C  B . n 
B 2 8  DA  8  20 20 DA  A  B . n 
B 2 9  DG  9  21 21 DG  G  B . n 
B 2 10 DA  10 22 22 DA  A  B . n 
B 2 11 DG  11 23 23 DG  G  B . n 
B 2 12 DG  12 24 24 DG  G  B . n 
C 1 1  DC  1  25 25 DC  C  C . n 
C 1 2  DC  2  26 26 DC  C  C . n 
C 1 3  BRU 3  27 27 BRU +U C . n 
C 1 4  DC  4  28 28 DC  C  C . n 
C 1 5  DT  5  29 29 DT  T  C . n 
C 1 6  DG  6  30 30 DG  +G C . n 
C 1 7  DG  7  31 31 DG  +G C . n 
C 1 8  DT  8  32 32 DT  T  C . n 
C 1 9  DC  9  33 33 DC  C  C . n 
C 1 10 DT  10 34 34 DT  T  C . n 
C 1 11 DC  11 35 35 DC  C  C . n 
C 1 12 DC  12 36 36 DC  C  C . n 
D 2 1  DG  1  37 37 DG  G  D . n 
D 2 2  DG  2  38 38 DG  G  D . n 
D 2 3  DA  3  39 39 DA  A  D . n 
D 2 4  DG  4  40 40 DG  G  D . n 
D 2 5  DA  5  41 41 DA  A  D . n 
D 2 6  DC  6  42 42 DC  C  D . n 
D 2 7  DC  7  43 43 DC  C  D . n 
D 2 8  DA  8  44 44 DA  A  D . n 
D 2 9  DG  9  45 45 DG  G  D . n 
D 2 10 DA  10 46 46 DA  A  D . n 
D 2 11 DG  11 47 47 DG  G  D . n 
D 2 12 DG  12 48 48 DG  G  D . n 
# 
loop_
_pdbx_nonpoly_scheme.asym_id 
_pdbx_nonpoly_scheme.entity_id 
_pdbx_nonpoly_scheme.mon_id 
_pdbx_nonpoly_scheme.ndb_seq_num 
_pdbx_nonpoly_scheme.pdb_seq_num 
_pdbx_nonpoly_scheme.auth_seq_num 
_pdbx_nonpoly_scheme.pdb_mon_id 
_pdbx_nonpoly_scheme.auth_mon_id 
_pdbx_nonpoly_scheme.pdb_strand_id 
_pdbx_nonpoly_scheme.pdb_ins_code 
E 3 CPT 1  49  49  CPT CPT A . 
F 3 CPT 1  50  50  CPT CPT C . 
G 4 HOH 1  54  54  HOH HOH A . 
G 4 HOH 2  55  55  HOH HOH A . 
G 4 HOH 3  58  58  HOH HOH A . 
G 4 HOH 4  60  60  HOH HOH A . 
G 4 HOH 5  62  62  HOH HOH A . 
G 4 HOH 6  66  66  HOH HOH A . 
G 4 HOH 7  68  68  HOH HOH A . 
G 4 HOH 8  80  80  HOH HOH A . 
G 4 HOH 9  85  85  HOH HOH A . 
G 4 HOH 10 86  86  HOH HOH A . 
G 4 HOH 11 89  89  HOH HOH A . 
G 4 HOH 12 91  91  HOH HOH A . 
G 4 HOH 13 93  93  HOH HOH A . 
G 4 HOH 14 97  97  HOH HOH A . 
G 4 HOH 15 99  99  HOH HOH A . 
G 4 HOH 16 111 111 HOH HOH A . 
H 4 HOH 1  51  51  HOH HOH B . 
H 4 HOH 2  52  52  HOH HOH B . 
H 4 HOH 3  53  53  HOH HOH B . 
H 4 HOH 4  56  56  HOH HOH B . 
H 4 HOH 5  59  59  HOH HOH B . 
H 4 HOH 6  61  61  HOH HOH B . 
H 4 HOH 7  63  63  HOH HOH B . 
H 4 HOH 8  69  69  HOH HOH B . 
H 4 HOH 9  76  76  HOH HOH B . 
H 4 HOH 10 79  79  HOH HOH B . 
H 4 HOH 11 82  82  HOH HOH B . 
H 4 HOH 12 83  83  HOH HOH B . 
H 4 HOH 13 84  84  HOH HOH B . 
H 4 HOH 14 87  87  HOH HOH B . 
H 4 HOH 15 90  90  HOH HOH B . 
H 4 HOH 16 92  92  HOH HOH B . 
H 4 HOH 17 94  94  HOH HOH B . 
H 4 HOH 18 100 100 HOH HOH B . 
H 4 HOH 19 107 107 HOH HOH B . 
H 4 HOH 20 110 110 HOH HOH B . 
I 4 HOH 1  67  67  HOH HOH C . 
I 4 HOH 2  72  72  HOH HOH C . 
I 4 HOH 3  73  73  HOH HOH C . 
I 4 HOH 4  75  75  HOH HOH C . 
I 4 HOH 5  78  78  HOH HOH C . 
I 4 HOH 6  81  81  HOH HOH C . 
I 4 HOH 7  98  98  HOH HOH C . 
I 4 HOH 8  103 103 HOH HOH C . 
I 4 HOH 9  104 104 HOH HOH C . 
I 4 HOH 10 106 106 HOH HOH C . 
I 4 HOH 11 109 109 HOH HOH C . 
I 4 HOH 12 112 112 HOH HOH C . 
J 4 HOH 1  57  57  HOH HOH D . 
J 4 HOH 2  64  64  HOH HOH D . 
J 4 HOH 3  65  65  HOH HOH D . 
J 4 HOH 4  70  70  HOH HOH D . 
J 4 HOH 5  71  71  HOH HOH D . 
J 4 HOH 6  74  74  HOH HOH D . 
J 4 HOH 7  77  77  HOH HOH D . 
J 4 HOH 8  88  88  HOH HOH D . 
J 4 HOH 9  95  95  HOH HOH D . 
J 4 HOH 10 96  96  HOH HOH D . 
J 4 HOH 11 101 101 HOH HOH D . 
J 4 HOH 12 102 102 HOH HOH D . 
J 4 HOH 13 105 105 HOH HOH D . 
J 4 HOH 14 108 108 HOH HOH D . 
# 
loop_
_software.name 
_software.classification 
_software.version 
_software.citation_id 
_software.pdbx_ordinal 
X-PLOR    refinement       3.1 ? 1 
DENZO     'data reduction' .   ? 2 
SCALEPACK 'data scaling'   .   ? 3 
# 
_cell.entry_id           1AIO 
_cell.length_a           31.270 
_cell.length_b           35.460 
_cell.length_c           47.010 
_cell.angle_alpha        79.81 
_cell.angle_beta         84.75 
_cell.angle_gamma        82.79 
_cell.Z_PDB              2 
_cell.pdbx_unique_axis   ? 
# 
_symmetry.entry_id                         1AIO 
_symmetry.space_group_name_H-M             'P 1' 
_symmetry.pdbx_full_space_group_name_H-M   ? 
_symmetry.cell_setting                     ? 
_symmetry.Int_Tables_number                1 
# 
_exptl.entry_id          1AIO 
_exptl.method            'X-RAY DIFFRACTION' 
_exptl.crystals_number   4 
# 
_exptl_crystal.id                    1 
_exptl_crystal.density_meas          ? 
_exptl_crystal.density_percent_sol   62.94 
_exptl_crystal.density_Matthews      3.32 
_exptl_crystal.description           ? 
# 
_exptl_crystal_grow.crystal_id      1 
_exptl_crystal_grow.method          'VAPOR DIFFUSION, SITTING DROP' 
_exptl_crystal_grow.temp            277.00 
_exptl_crystal_grow.temp_details    ? 
_exptl_crystal_grow.pH              6.50 
_exptl_crystal_grow.pdbx_details    'pH 6.50, VAPOR DIFFUSION, SITTING DROP, temperature 277.00K' 
_exptl_crystal_grow.pdbx_pH_range   . 
# 
loop_
_exptl_crystal_grow_comp.crystal_id 
_exptl_crystal_grow_comp.id 
_exptl_crystal_grow_comp.sol_id 
_exptl_crystal_grow_comp.name 
_exptl_crystal_grow_comp.volume 
_exptl_crystal_grow_comp.conc 
_exptl_crystal_grow_comp.details 
1 1 1 WATER           ? ? ? 
1 2 1 MPD             ? ? ? 
1 3 1 'NA CACODYLATE' ? ? ? 
1 4 1 MGCL2           ? ? ? 
1 5 1 '[CO(NH3)6]CL3' ? ? ? 
1 6 2 WATER           ? ? ? 
1 7 2 MPD             ? ? ? 
# 
_diffrn.id                     1 
_diffrn.ambient_temp           277.00 
_diffrn.ambient_temp_details   ? 
_diffrn.crystal_id             1 
# 
_diffrn_detector.diffrn_id              1 
_diffrn_detector.detector               'IMAGE PLATE' 
_diffrn_detector.type                   MARRESEARCH 
_diffrn_detector.pdbx_collection_date   1995-01-01 
_diffrn_detector.details                ? 
# 
_diffrn_radiation.diffrn_id                        1 
_diffrn_radiation.wavelength_id                    1 
_diffrn_radiation.pdbx_monochromatic_or_laue_m_l   M 
_diffrn_radiation.monochromator                    ? 
_diffrn_radiation.pdbx_diffrn_protocol             'SINGLE WAVELENGTH' 
_diffrn_radiation.pdbx_scattering_type             x-ray 
# 
_diffrn_radiation_wavelength.id           1 
_diffrn_radiation_wavelength.wavelength   . 
_diffrn_radiation_wavelength.wt           1.0 
# 
_diffrn_source.diffrn_id                   1 
_diffrn_source.source                      ? 
_diffrn_source.type                        ? 
_diffrn_source.pdbx_synchrotron_site       ? 
_diffrn_source.pdbx_synchrotron_beamline   ? 
_diffrn_source.pdbx_wavelength             ? 
_diffrn_source.pdbx_wavelength_list        ? 
# 
_reflns.entry_id                     1AIO 
_reflns.observed_criterion_sigma_I   1.000 
_reflns.observed_criterion_sigma_F   ? 
_reflns.d_resolution_low             8.000 
_reflns.d_resolution_high            2.600 
_reflns.number_obs                   5797 
_reflns.number_all                   ? 
_reflns.percent_possible_obs         ? 
_reflns.pdbx_Rmerge_I_obs            ? 
_reflns.pdbx_Rsym_value              ? 
_reflns.pdbx_netI_over_sigmaI        ? 
_reflns.B_iso_Wilson_estimate        ? 
_reflns.pdbx_redundancy              ? 
_reflns.R_free_details               ? 
_reflns.pdbx_ordinal                 1 
_reflns.pdbx_diffrn_id               1 
# 
_refine.entry_id                                 1AIO 
_refine.ls_number_reflns_obs                     5797 
_refine.ls_number_reflns_all                     ? 
_refine.pdbx_ls_sigma_I                          ? 
_refine.pdbx_ls_sigma_F                          1.000 
_refine.pdbx_data_cutoff_high_absF               ? 
_refine.pdbx_data_cutoff_low_absF                ? 
_refine.pdbx_data_cutoff_high_rms_absF           ? 
_refine.ls_d_res_low                             8.000 
_refine.ls_d_res_high                            2.600 
_refine.ls_percent_reflns_obs                    97.000 
_refine.ls_R_factor_obs                          0.206 
_refine.ls_R_factor_all                          ? 
_refine.ls_R_factor_R_work                       0.206 
_refine.ls_R_factor_R_free                       0.251 
_refine.ls_R_factor_R_free_error                 ? 
_refine.ls_R_factor_R_free_error_details         ? 
_refine.ls_percent_reflns_R_free                 10.00 
_refine.ls_number_reflns_R_free                  579 
_refine.ls_number_parameters                     ? 
_refine.ls_number_restraints                     ? 
_refine.occupancy_min                            ? 
_refine.occupancy_max                            ? 
_refine.B_iso_mean                               ? 
_refine.aniso_B[1][1]                            ? 
_refine.aniso_B[2][2]                            ? 
_refine.aniso_B[3][3]                            ? 
_refine.aniso_B[1][2]                            ? 
_refine.aniso_B[1][3]                            ? 
_refine.aniso_B[2][3]                            ? 
_refine.solvent_model_details                    ? 
_refine.solvent_model_param_ksol                 ? 
_refine.solvent_model_param_bsol                 ? 
_refine.pdbx_ls_cross_valid_method               THROUGHOUT 
_refine.details                                  ? 
_refine.pdbx_starting_model                      ? 
_refine.pdbx_method_to_determine_struct          ? 
_refine.pdbx_isotropic_thermal_model             ? 
_refine.pdbx_stereochemistry_target_values       ? 
_refine.pdbx_stereochem_target_val_spec_case     ? 
_refine.pdbx_R_Free_selection_details            RANDOM 
_refine.pdbx_overall_ESU_R                       ? 
_refine.pdbx_overall_ESU_R_Free                  ? 
_refine.overall_SU_ML                            ? 
_refine.overall_SU_B                             ? 
_refine.ls_redundancy_reflns_obs                 ? 
_refine.correlation_coeff_Fo_to_Fc               ? 
_refine.correlation_coeff_Fo_to_Fc_free          ? 
_refine.pdbx_solvent_vdw_probe_radii             ? 
_refine.pdbx_solvent_ion_probe_radii             ? 
_refine.pdbx_solvent_shrinkage_radii             ? 
_refine.overall_SU_R_Cruickshank_DPI             ? 
_refine.overall_SU_R_free                        ? 
_refine.pdbx_refine_id                           'X-RAY DIFFRACTION' 
_refine.pdbx_diffrn_id                           1 
_refine.pdbx_TLS_residual_ADP_flag               ? 
_refine.pdbx_overall_phase_error                 ? 
_refine.pdbx_overall_SU_R_free_Cruickshank_DPI   ? 
_refine.pdbx_overall_SU_R_Blow_DPI               ? 
_refine.pdbx_overall_SU_R_free_Blow_DPI          ? 
# 
_refine_hist.pdbx_refine_id                   'X-RAY DIFFRACTION' 
_refine_hist.cycle_id                         LAST 
_refine_hist.pdbx_number_atoms_protein        0 
_refine_hist.pdbx_number_atoms_nucleic_acid   972 
_refine_hist.pdbx_number_atoms_ligand         6 
_refine_hist.number_atoms_solvent             62 
_refine_hist.number_atoms_total               1040 
_refine_hist.d_res_high                       2.600 
_refine_hist.d_res_low                        8.000 
# 
loop_
_refine_ls_restr.type 
_refine_ls_restr.dev_ideal 
_refine_ls_restr.dev_ideal_target 
_refine_ls_restr.weight 
_refine_ls_restr.number 
_refine_ls_restr.pdbx_refine_id 
_refine_ls_restr.pdbx_restraint_function 
x_bond_d                0.015 ? ? ? 'X-RAY DIFFRACTION' ? 
x_bond_d_na             ?     ? ? ? 'X-RAY DIFFRACTION' ? 
x_bond_d_prot           ?     ? ? ? 'X-RAY DIFFRACTION' ? 
x_angle_d               ?     ? ? ? 'X-RAY DIFFRACTION' ? 
x_angle_d_na            ?     ? ? ? 'X-RAY DIFFRACTION' ? 
x_angle_d_prot          ?     ? ? ? 'X-RAY DIFFRACTION' ? 
x_angle_deg             3.10  ? ? ? 'X-RAY DIFFRACTION' ? 
x_angle_deg_na          ?     ? ? ? 'X-RAY DIFFRACTION' ? 
x_angle_deg_prot        ?     ? ? ? 'X-RAY DIFFRACTION' ? 
x_dihedral_angle_d      ?     ? ? ? 'X-RAY DIFFRACTION' ? 
x_dihedral_angle_d_na   ?     ? ? ? 'X-RAY DIFFRACTION' ? 
x_dihedral_angle_d_prot ?     ? ? ? 'X-RAY DIFFRACTION' ? 
x_improper_angle_d      ?     ? ? ? 'X-RAY DIFFRACTION' ? 
x_improper_angle_d_na   ?     ? ? ? 'X-RAY DIFFRACTION' ? 
x_improper_angle_d_prot ?     ? ? ? 'X-RAY DIFFRACTION' ? 
x_mcbond_it             ?     ? ? ? 'X-RAY DIFFRACTION' ? 
x_mcangle_it            ?     ? ? ? 'X-RAY DIFFRACTION' ? 
x_scbond_it             ?     ? ? ? 'X-RAY DIFFRACTION' ? 
x_scangle_it            ?     ? ? ? 'X-RAY DIFFRACTION' ? 
# 
_struct.entry_id                  1AIO 
_struct.title                     
'CRYSTAL STRUCTURE OF A DOUBLE-STRANDED DNA CONTAINING THE MAJOR ADDUCT OF THE ANTICANCER DRUG CISPLATIN' 
_struct.pdbx_model_details        ? 
_struct.pdbx_CASP_flag            ? 
_struct.pdbx_model_type_details   ? 
# 
_struct_keywords.entry_id        1AIO 
_struct_keywords.pdbx_keywords   DNA 
_struct_keywords.text            'RIGHT HANDED DNA, DOUBLE HELIX, COMPLEXED WITH DRUG, MODIFIED, DNA' 
# 
loop_
_struct_asym.id 
_struct_asym.pdbx_blank_PDB_chainid_flag 
_struct_asym.pdbx_modified 
_struct_asym.entity_id 
_struct_asym.details 
A N N 1 ? 
B N N 2 ? 
C N N 1 ? 
D N N 2 ? 
E N N 3 ? 
F N N 3 ? 
G N N 4 ? 
H N N 4 ? 
I N N 4 ? 
J N N 4 ? 
# 
loop_
_struct_ref.id 
_struct_ref.entity_id 
_struct_ref.db_name 
_struct_ref.db_code 
_struct_ref.pdbx_db_accession 
_struct_ref.pdbx_db_isoform 
_struct_ref.pdbx_seq_one_letter_code 
_struct_ref.pdbx_align_begin 
1 1 PDB 1AIO 1AIO ? ? ? 
2 2 PDB 1AIO 1AIO ? ? ? 
# 
loop_
_struct_ref_seq.align_id 
_struct_ref_seq.ref_id 
_struct_ref_seq.pdbx_PDB_id_code 
_struct_ref_seq.pdbx_strand_id 
_struct_ref_seq.seq_align_beg 
_struct_ref_seq.pdbx_seq_align_beg_ins_code 
_struct_ref_seq.seq_align_end 
_struct_ref_seq.pdbx_seq_align_end_ins_code 
_struct_ref_seq.pdbx_db_accession 
_struct_ref_seq.db_align_beg 
_struct_ref_seq.pdbx_db_align_beg_ins_code 
_struct_ref_seq.db_align_end 
_struct_ref_seq.pdbx_db_align_end_ins_code 
_struct_ref_seq.pdbx_auth_seq_align_beg 
_struct_ref_seq.pdbx_auth_seq_align_end 
1 1 1AIO A 1 ? 12 ? 1AIO 1  ? 12 ? 1  12 
2 2 1AIO B 1 ? 12 ? 1AIO 13 ? 24 ? 13 24 
3 1 1AIO C 1 ? 12 ? 1AIO 25 ? 36 ? 25 36 
4 2 1AIO D 1 ? 12 ? 1AIO 37 ? 48 ? 37 48 
# 
loop_
_pdbx_struct_assembly.id 
_pdbx_struct_assembly.details 
_pdbx_struct_assembly.method_details 
_pdbx_struct_assembly.oligomeric_details 
_pdbx_struct_assembly.oligomeric_count 
1 author_defined_assembly ? dimeric 2 
2 author_defined_assembly ? dimeric 2 
# 
loop_
_pdbx_struct_assembly_gen.assembly_id 
_pdbx_struct_assembly_gen.oper_expression 
_pdbx_struct_assembly_gen.asym_id_list 
1 1 A,B,E,G,H 
2 1 C,D,F,I,J 
# 
_pdbx_struct_oper_list.id                   1 
_pdbx_struct_oper_list.type                 'identity operation' 
_pdbx_struct_oper_list.name                 1_555 
_pdbx_struct_oper_list.symmetry_operation   x,y,z 
_pdbx_struct_oper_list.matrix[1][1]         1.0000000000 
_pdbx_struct_oper_list.matrix[1][2]         0.0000000000 
_pdbx_struct_oper_list.matrix[1][3]         0.0000000000 
_pdbx_struct_oper_list.vector[1]            0.0000000000 
_pdbx_struct_oper_list.matrix[2][1]         0.0000000000 
_pdbx_struct_oper_list.matrix[2][2]         1.0000000000 
_pdbx_struct_oper_list.matrix[2][3]         0.0000000000 
_pdbx_struct_oper_list.vector[2]            0.0000000000 
_pdbx_struct_oper_list.matrix[3][1]         0.0000000000 
_pdbx_struct_oper_list.matrix[3][2]         0.0000000000 
_pdbx_struct_oper_list.matrix[3][3]         1.0000000000 
_pdbx_struct_oper_list.vector[3]            0.0000000000 
# 
loop_
_struct_biol.id 
_struct_biol.pdbx_parent_biol_id 
_struct_biol.details 
1 ? ? 
2 ? ? 
# 
loop_
_struct_conn.id 
_struct_conn.conn_type_id 
_struct_conn.pdbx_leaving_atom_flag 
_struct_conn.pdbx_PDB_id 
_struct_conn.ptnr1_label_asym_id 
_struct_conn.ptnr1_label_comp_id 
_struct_conn.ptnr1_label_seq_id 
_struct_conn.ptnr1_label_atom_id 
_struct_conn.pdbx_ptnr1_label_alt_id 
_struct_conn.pdbx_ptnr1_PDB_ins_code 
_struct_conn.pdbx_ptnr1_standard_comp_id 
_struct_conn.ptnr1_symmetry 
_struct_conn.ptnr2_label_asym_id 
_struct_conn.ptnr2_label_comp_id 
_struct_conn.ptnr2_label_seq_id 
_struct_conn.ptnr2_label_atom_id 
_struct_conn.pdbx_ptnr2_label_alt_id 
_struct_conn.pdbx_ptnr2_PDB_ins_code 
_struct_conn.ptnr1_auth_asym_id 
_struct_conn.ptnr1_auth_comp_id 
_struct_conn.ptnr1_auth_seq_id 
_struct_conn.ptnr2_auth_asym_id 
_struct_conn.ptnr2_auth_comp_id 
_struct_conn.ptnr2_auth_seq_id 
_struct_conn.ptnr2_symmetry 
_struct_conn.pdbx_ptnr3_label_atom_id 
_struct_conn.pdbx_ptnr3_label_seq_id 
_struct_conn.pdbx_ptnr3_label_comp_id 
_struct_conn.pdbx_ptnr3_label_asym_id 
_struct_conn.pdbx_ptnr3_label_alt_id 
_struct_conn.pdbx_ptnr3_PDB_ins_code 
_struct_conn.details 
_struct_conn.pdbx_dist_value 
_struct_conn.pdbx_value_order 
_struct_conn.pdbx_role 
covale1  covale both ? A DC  2  "O3'" ? ? ? 1_555 A BRU 3  P   ? ? A DC  2  A BRU 3  1_555 ? ? ? ? ? ? ?            1.623 ? ? 
covale2  covale both ? A BRU 3  "O3'" ? ? ? 1_555 A DC  4  P   ? ? A BRU 3  A DC  4  1_555 ? ? ? ? ? ? ?            1.561 ? ? 
covale3  covale both ? C DC  2  "O3'" ? ? ? 1_555 C BRU 3  P   ? ? C DC  26 C BRU 27 1_555 ? ? ? ? ? ? ?            1.612 ? ? 
covale4  covale both ? C BRU 3  "O3'" ? ? ? 1_555 C DC  4  P   ? ? C BRU 27 C DC  28 1_555 ? ? ? ? ? ? ?            1.562 ? ? 
metalc1  metalc ?    ? A DG  6  N7    ? ? ? 1_555 E CPT .  PT1 ? ? A DG  6  A CPT 49 1_555 ? ? ? ? ? ? ?            1.859 ? ? 
metalc2  metalc ?    ? A DG  6  C8    ? ? ? 1_555 E CPT .  PT1 ? ? A DG  6  A CPT 49 1_555 ? ? ? ? ? ? ?            2.712 ? ? 
metalc3  metalc ?    ? A DG  6  C5    ? ? ? 1_555 E CPT .  PT1 ? ? A DG  6  A CPT 49 1_555 ? ? ? ? ? ? ?            2.921 ? ? 
metalc4  metalc ?    ? A DG  7  N7    ? ? ? 1_555 E CPT .  PT1 ? ? A DG  7  A CPT 49 1_555 ? ? ? ? ? ? ?            1.925 ? ? 
metalc5  metalc ?    ? A DG  7  C8    ? ? ? 1_555 E CPT .  PT1 ? ? A DG  7  A CPT 49 1_555 ? ? ? ? ? ? ?            2.449 ? ? 
metalc6  metalc ?    ? A DG  7  C5    ? ? ? 1_555 E CPT .  PT1 ? ? A DG  7  A CPT 49 1_555 ? ? ? ? ? ? ?            3.264 ? ? 
metalc7  metalc ?    ? C DG  6  N7    ? ? ? 1_555 F CPT .  PT1 ? ? C DG  30 C CPT 50 1_555 ? ? ? ? ? ? ?            1.914 ? ? 
metalc8  metalc ?    ? C DG  6  C8    ? ? ? 1_555 F CPT .  PT1 ? ? C DG  30 C CPT 50 1_555 ? ? ? ? ? ? ?            2.711 ? ? 
metalc9  metalc ?    ? C DG  6  C5    ? ? ? 1_555 F CPT .  PT1 ? ? C DG  30 C CPT 50 1_555 ? ? ? ? ? ? ?            2.988 ? ? 
metalc10 metalc ?    ? C DG  7  N7    ? ? ? 1_555 F CPT .  PT1 ? ? C DG  31 C CPT 50 1_555 ? ? ? ? ? ? ?            1.901 ? ? 
metalc11 metalc ?    ? C DG  7  C8    ? ? ? 1_555 F CPT .  PT1 ? ? C DG  31 C CPT 50 1_555 ? ? ? ? ? ? ?            2.456 ? ? 
metalc12 metalc ?    ? C DG  7  C5    ? ? ? 1_555 F CPT .  PT1 ? ? C DG  31 C CPT 50 1_555 ? ? ? ? ? ? ?            3.190 ? ? 
hydrog1  hydrog ?    ? A DC  1  N3    ? ? ? 1_555 B DG  12 N1  ? ? A DC  1  B DG  24 1_555 ? ? ? ? ? ? WATSON-CRICK ?     ? ? 
hydrog2  hydrog ?    ? A DC  1  N4    ? ? ? 1_555 B DG  12 O6  ? ? A DC  1  B DG  24 1_555 ? ? ? ? ? ? WATSON-CRICK ?     ? ? 
hydrog3  hydrog ?    ? A DC  1  O2    ? ? ? 1_555 B DG  12 N2  ? ? A DC  1  B DG  24 1_555 ? ? ? ? ? ? WATSON-CRICK ?     ? ? 
hydrog4  hydrog ?    ? A DC  2  N3    ? ? ? 1_555 B DG  11 N1  ? ? A DC  2  B DG  23 1_555 ? ? ? ? ? ? WATSON-CRICK ?     ? ? 
hydrog5  hydrog ?    ? A DC  2  N4    ? ? ? 1_555 B DG  11 O6  ? ? A DC  2  B DG  23 1_555 ? ? ? ? ? ? WATSON-CRICK ?     ? ? 
hydrog6  hydrog ?    ? A DC  2  O2    ? ? ? 1_555 B DG  11 N2  ? ? A DC  2  B DG  23 1_555 ? ? ? ? ? ? WATSON-CRICK ?     ? ? 
hydrog7  hydrog ?    ? A BRU 3  N3    ? ? ? 1_555 B DA  10 N1  ? ? A BRU 3  B DA  22 1_555 ? ? ? ? ? ? WATSON-CRICK ?     ? ? 
hydrog8  hydrog ?    ? A BRU 3  O4    ? ? ? 1_555 B DA  10 N6  ? ? A BRU 3  B DA  22 1_555 ? ? ? ? ? ? WATSON-CRICK ?     ? ? 
hydrog9  hydrog ?    ? A DC  4  N3    ? ? ? 1_555 B DG  9  N1  ? ? A DC  4  B DG  21 1_555 ? ? ? ? ? ? WATSON-CRICK ?     ? ? 
hydrog10 hydrog ?    ? A DC  4  N4    ? ? ? 1_555 B DG  9  O6  ? ? A DC  4  B DG  21 1_555 ? ? ? ? ? ? WATSON-CRICK ?     ? ? 
hydrog11 hydrog ?    ? A DC  4  O2    ? ? ? 1_555 B DG  9  N2  ? ? A DC  4  B DG  21 1_555 ? ? ? ? ? ? WATSON-CRICK ?     ? ? 
hydrog12 hydrog ?    ? A DT  5  N3    ? ? ? 1_555 B DA  8  N1  ? ? A DT  5  B DA  20 1_555 ? ? ? ? ? ? WATSON-CRICK ?     ? ? 
hydrog13 hydrog ?    ? A DT  5  O4    ? ? ? 1_555 B DA  8  N6  ? ? A DT  5  B DA  20 1_555 ? ? ? ? ? ? WATSON-CRICK ?     ? ? 
hydrog14 hydrog ?    ? A DG  6  N1    ? ? ? 1_555 B DC  7  N3  ? ? A DG  6  B DC  19 1_555 ? ? ? ? ? ? WATSON-CRICK ?     ? ? 
hydrog15 hydrog ?    ? A DG  6  N2    ? ? ? 1_555 B DC  7  O2  ? ? A DG  6  B DC  19 1_555 ? ? ? ? ? ? WATSON-CRICK ?     ? ? 
hydrog16 hydrog ?    ? A DG  6  O6    ? ? ? 1_555 B DC  7  N4  ? ? A DG  6  B DC  19 1_555 ? ? ? ? ? ? WATSON-CRICK ?     ? ? 
hydrog17 hydrog ?    ? A DG  7  N1    ? ? ? 1_555 B DC  6  N3  ? ? A DG  7  B DC  18 1_555 ? ? ? ? ? ? WATSON-CRICK ?     ? ? 
hydrog18 hydrog ?    ? A DG  7  N2    ? ? ? 1_555 B DC  6  O2  ? ? A DG  7  B DC  18 1_555 ? ? ? ? ? ? WATSON-CRICK ?     ? ? 
hydrog19 hydrog ?    ? A DG  7  O6    ? ? ? 1_555 B DC  6  N4  ? ? A DG  7  B DC  18 1_555 ? ? ? ? ? ? WATSON-CRICK ?     ? ? 
hydrog20 hydrog ?    ? A DT  8  N3    ? ? ? 1_555 B DA  5  N1  ? ? A DT  8  B DA  17 1_555 ? ? ? ? ? ? 'DT-DA PAIR' ?     ? ? 
hydrog21 hydrog ?    ? A DC  9  N3    ? ? ? 1_555 B DG  4  N1  ? ? A DC  9  B DG  16 1_555 ? ? ? ? ? ? WATSON-CRICK ?     ? ? 
hydrog22 hydrog ?    ? A DC  9  N4    ? ? ? 1_555 B DG  4  O6  ? ? A DC  9  B DG  16 1_555 ? ? ? ? ? ? WATSON-CRICK ?     ? ? 
hydrog23 hydrog ?    ? A DC  9  O2    ? ? ? 1_555 B DG  4  N2  ? ? A DC  9  B DG  16 1_555 ? ? ? ? ? ? WATSON-CRICK ?     ? ? 
hydrog24 hydrog ?    ? A DT  10 N3    ? ? ? 1_555 B DA  3  N1  ? ? A DT  10 B DA  15 1_555 ? ? ? ? ? ? WATSON-CRICK ?     ? ? 
hydrog25 hydrog ?    ? A DT  10 O4    ? ? ? 1_555 B DA  3  N6  ? ? A DT  10 B DA  15 1_555 ? ? ? ? ? ? WATSON-CRICK ?     ? ? 
hydrog26 hydrog ?    ? A DC  11 N3    ? ? ? 1_555 B DG  2  N1  ? ? A DC  11 B DG  14 1_555 ? ? ? ? ? ? WATSON-CRICK ?     ? ? 
hydrog27 hydrog ?    ? A DC  11 N4    ? ? ? 1_555 B DG  2  O6  ? ? A DC  11 B DG  14 1_555 ? ? ? ? ? ? WATSON-CRICK ?     ? ? 
hydrog28 hydrog ?    ? A DC  11 O2    ? ? ? 1_555 B DG  2  N2  ? ? A DC  11 B DG  14 1_555 ? ? ? ? ? ? WATSON-CRICK ?     ? ? 
hydrog29 hydrog ?    ? A DC  12 N3    ? ? ? 1_555 B DG  1  N1  ? ? A DC  12 B DG  13 1_555 ? ? ? ? ? ? WATSON-CRICK ?     ? ? 
hydrog30 hydrog ?    ? A DC  12 N4    ? ? ? 1_555 B DG  1  O6  ? ? A DC  12 B DG  13 1_555 ? ? ? ? ? ? WATSON-CRICK ?     ? ? 
hydrog31 hydrog ?    ? A DC  12 O2    ? ? ? 1_555 B DG  1  N2  ? ? A DC  12 B DG  13 1_555 ? ? ? ? ? ? WATSON-CRICK ?     ? ? 
hydrog32 hydrog ?    ? C DC  1  N3    ? ? ? 1_555 D DG  12 N1  ? ? C DC  25 D DG  48 1_555 ? ? ? ? ? ? WATSON-CRICK ?     ? ? 
hydrog33 hydrog ?    ? C DC  1  N4    ? ? ? 1_555 D DG  12 O6  ? ? C DC  25 D DG  48 1_555 ? ? ? ? ? ? WATSON-CRICK ?     ? ? 
hydrog34 hydrog ?    ? C DC  1  O2    ? ? ? 1_555 D DG  12 N2  ? ? C DC  25 D DG  48 1_555 ? ? ? ? ? ? WATSON-CRICK ?     ? ? 
hydrog35 hydrog ?    ? C DC  2  N3    ? ? ? 1_555 D DG  11 N1  ? ? C DC  26 D DG  47 1_555 ? ? ? ? ? ? WATSON-CRICK ?     ? ? 
hydrog36 hydrog ?    ? C DC  2  N4    ? ? ? 1_555 D DG  11 O6  ? ? C DC  26 D DG  47 1_555 ? ? ? ? ? ? WATSON-CRICK ?     ? ? 
hydrog37 hydrog ?    ? C DC  2  O2    ? ? ? 1_555 D DG  11 N2  ? ? C DC  26 D DG  47 1_555 ? ? ? ? ? ? WATSON-CRICK ?     ? ? 
hydrog38 hydrog ?    ? C BRU 3  N3    ? ? ? 1_555 D DA  10 N1  ? ? C BRU 27 D DA  46 1_555 ? ? ? ? ? ? WATSON-CRICK ?     ? ? 
hydrog39 hydrog ?    ? C BRU 3  O4    ? ? ? 1_555 D DA  10 N6  ? ? C BRU 27 D DA  46 1_555 ? ? ? ? ? ? WATSON-CRICK ?     ? ? 
hydrog40 hydrog ?    ? C DC  4  N3    ? ? ? 1_555 D DG  9  N1  ? ? C DC  28 D DG  45 1_555 ? ? ? ? ? ? WATSON-CRICK ?     ? ? 
hydrog41 hydrog ?    ? C DC  4  N4    ? ? ? 1_555 D DG  9  O6  ? ? C DC  28 D DG  45 1_555 ? ? ? ? ? ? WATSON-CRICK ?     ? ? 
hydrog42 hydrog ?    ? C DC  4  O2    ? ? ? 1_555 D DG  9  N2  ? ? C DC  28 D DG  45 1_555 ? ? ? ? ? ? WATSON-CRICK ?     ? ? 
hydrog43 hydrog ?    ? C DT  5  N3    ? ? ? 1_555 D DA  8  N1  ? ? C DT  29 D DA  44 1_555 ? ? ? ? ? ? WATSON-CRICK ?     ? ? 
hydrog44 hydrog ?    ? C DT  5  O4    ? ? ? 1_555 D DA  8  N6  ? ? C DT  29 D DA  44 1_555 ? ? ? ? ? ? WATSON-CRICK ?     ? ? 
hydrog45 hydrog ?    ? C DG  6  N1    ? ? ? 1_555 D DC  7  N3  ? ? C DG  30 D DC  43 1_555 ? ? ? ? ? ? WATSON-CRICK ?     ? ? 
hydrog46 hydrog ?    ? C DG  6  N2    ? ? ? 1_555 D DC  7  O2  ? ? C DG  30 D DC  43 1_555 ? ? ? ? ? ? WATSON-CRICK ?     ? ? 
hydrog47 hydrog ?    ? C DG  6  O6    ? ? ? 1_555 D DC  7  N4  ? ? C DG  30 D DC  43 1_555 ? ? ? ? ? ? WATSON-CRICK ?     ? ? 
hydrog48 hydrog ?    ? C DG  7  N1    ? ? ? 1_555 D DC  6  N3  ? ? C DG  31 D DC  42 1_555 ? ? ? ? ? ? WATSON-CRICK ?     ? ? 
hydrog49 hydrog ?    ? C DG  7  N2    ? ? ? 1_555 D DC  6  O2  ? ? C DG  31 D DC  42 1_555 ? ? ? ? ? ? WATSON-CRICK ?     ? ? 
hydrog50 hydrog ?    ? C DG  7  O6    ? ? ? 1_555 D DC  6  N4  ? ? C DG  31 D DC  42 1_555 ? ? ? ? ? ? WATSON-CRICK ?     ? ? 
hydrog51 hydrog ?    ? C DT  8  N3    ? ? ? 1_555 D DA  5  N1  ? ? C DT  32 D DA  41 1_555 ? ? ? ? ? ? 'DT-DA PAIR' ?     ? ? 
hydrog52 hydrog ?    ? C DC  9  N3    ? ? ? 1_555 D DG  4  N1  ? ? C DC  33 D DG  40 1_555 ? ? ? ? ? ? WATSON-CRICK ?     ? ? 
hydrog53 hydrog ?    ? C DC  9  N4    ? ? ? 1_555 D DG  4  O6  ? ? C DC  33 D DG  40 1_555 ? ? ? ? ? ? WATSON-CRICK ?     ? ? 
hydrog54 hydrog ?    ? C DC  9  O2    ? ? ? 1_555 D DG  4  N2  ? ? C DC  33 D DG  40 1_555 ? ? ? ? ? ? WATSON-CRICK ?     ? ? 
hydrog55 hydrog ?    ? C DT  10 N3    ? ? ? 1_555 D DA  3  N1  ? ? C DT  34 D DA  39 1_555 ? ? ? ? ? ? WATSON-CRICK ?     ? ? 
hydrog56 hydrog ?    ? C DT  10 O4    ? ? ? 1_555 D DA  3  N6  ? ? C DT  34 D DA  39 1_555 ? ? ? ? ? ? WATSON-CRICK ?     ? ? 
hydrog57 hydrog ?    ? C DC  11 N3    ? ? ? 1_555 D DG  2  N1  ? ? C DC  35 D DG  38 1_555 ? ? ? ? ? ? WATSON-CRICK ?     ? ? 
hydrog58 hydrog ?    ? C DC  11 N4    ? ? ? 1_555 D DG  2  O6  ? ? C DC  35 D DG  38 1_555 ? ? ? ? ? ? WATSON-CRICK ?     ? ? 
hydrog59 hydrog ?    ? C DC  11 O2    ? ? ? 1_555 D DG  2  N2  ? ? C DC  35 D DG  38 1_555 ? ? ? ? ? ? WATSON-CRICK ?     ? ? 
hydrog60 hydrog ?    ? C DC  12 N3    ? ? ? 1_555 D DG  1  N1  ? ? C DC  36 D DG  37 1_555 ? ? ? ? ? ? WATSON-CRICK ?     ? ? 
hydrog61 hydrog ?    ? C DC  12 N4    ? ? ? 1_555 D DG  1  O6  ? ? C DC  36 D DG  37 1_555 ? ? ? ? ? ? WATSON-CRICK ?     ? ? 
hydrog62 hydrog ?    ? C DC  12 O2    ? ? ? 1_555 D DG  1  N2  ? ? C DC  36 D DG  37 1_555 ? ? ? ? ? ? WATSON-CRICK ?     ? ? 
# 
loop_
_struct_conn_type.id 
_struct_conn_type.criteria 
_struct_conn_type.reference 
covale ? ? 
metalc ? ? 
hydrog ? ? 
# 
loop_
_pdbx_struct_conn_angle.id 
_pdbx_struct_conn_angle.ptnr1_label_atom_id 
_pdbx_struct_conn_angle.ptnr1_label_alt_id 
_pdbx_struct_conn_angle.ptnr1_label_asym_id 
_pdbx_struct_conn_angle.ptnr1_label_comp_id 
_pdbx_struct_conn_angle.ptnr1_label_seq_id 
_pdbx_struct_conn_angle.ptnr1_auth_atom_id 
_pdbx_struct_conn_angle.ptnr1_auth_asym_id 
_pdbx_struct_conn_angle.ptnr1_auth_comp_id 
_pdbx_struct_conn_angle.ptnr1_auth_seq_id 
_pdbx_struct_conn_angle.ptnr1_PDB_ins_code 
_pdbx_struct_conn_angle.ptnr1_symmetry 
_pdbx_struct_conn_angle.ptnr2_label_atom_id 
_pdbx_struct_conn_angle.ptnr2_label_alt_id 
_pdbx_struct_conn_angle.ptnr2_label_asym_id 
_pdbx_struct_conn_angle.ptnr2_label_comp_id 
_pdbx_struct_conn_angle.ptnr2_label_seq_id 
_pdbx_struct_conn_angle.ptnr2_auth_atom_id 
_pdbx_struct_conn_angle.ptnr2_auth_asym_id 
_pdbx_struct_conn_angle.ptnr2_auth_comp_id 
_pdbx_struct_conn_angle.ptnr2_auth_seq_id 
_pdbx_struct_conn_angle.ptnr2_PDB_ins_code 
_pdbx_struct_conn_angle.ptnr2_symmetry 
_pdbx_struct_conn_angle.ptnr3_label_atom_id 
_pdbx_struct_conn_angle.ptnr3_label_alt_id 
_pdbx_struct_conn_angle.ptnr3_label_asym_id 
_pdbx_struct_conn_angle.ptnr3_label_comp_id 
_pdbx_struct_conn_angle.ptnr3_label_seq_id 
_pdbx_struct_conn_angle.ptnr3_auth_atom_id 
_pdbx_struct_conn_angle.ptnr3_auth_asym_id 
_pdbx_struct_conn_angle.ptnr3_auth_comp_id 
_pdbx_struct_conn_angle.ptnr3_auth_seq_id 
_pdbx_struct_conn_angle.ptnr3_PDB_ins_code 
_pdbx_struct_conn_angle.ptnr3_symmetry 
_pdbx_struct_conn_angle.value 
_pdbx_struct_conn_angle.value_esd 
1  N7 ? A DG  6 ? A DG  6  ? 1_555 PT1 ? E CPT . ? A CPT 49 ? 1_555 N1 ? E CPT . ? A CPT 49 ? 1_555 83.2  ? 
2  N7 ? A DG  6 ? A DG  6  ? 1_555 PT1 ? E CPT . ? A CPT 49 ? 1_555 N2 ? E CPT . ? A CPT 49 ? 1_555 154.9 ? 
3  N1 ? E CPT . ? A CPT 49 ? 1_555 PT1 ? E CPT . ? A CPT 49 ? 1_555 N2 ? E CPT . ? A CPT 49 ? 1_555 98.5  ? 
4  N7 ? A DG  6 ? A DG  6  ? 1_555 PT1 ? E CPT . ? A CPT 49 ? 1_555 C8 ? A DG  6 ? A DG  6  ? 1_555 24.9  ? 
5  N1 ? E CPT . ? A CPT 49 ? 1_555 PT1 ? E CPT . ? A CPT 49 ? 1_555 C8 ? A DG  6 ? A DG  6  ? 1_555 83.0  ? 
6  N2 ? E CPT . ? A CPT 49 ? 1_555 PT1 ? E CPT . ? A CPT 49 ? 1_555 C8 ? A DG  6 ? A DG  6  ? 1_555 178.4 ? 
7  N7 ? A DG  6 ? A DG  6  ? 1_555 PT1 ? E CPT . ? A CPT 49 ? 1_555 C5 ? A DG  6 ? A DG  6  ? 1_555 23.3  ? 
8  N1 ? E CPT . ? A CPT 49 ? 1_555 PT1 ? E CPT . ? A CPT 49 ? 1_555 C5 ? A DG  6 ? A DG  6  ? 1_555 101.8 ? 
9  N2 ? E CPT . ? A CPT 49 ? 1_555 PT1 ? E CPT . ? A CPT 49 ? 1_555 C5 ? A DG  6 ? A DG  6  ? 1_555 135.8 ? 
10 C8 ? A DG  6 ? A DG  6  ? 1_555 PT1 ? E CPT . ? A CPT 49 ? 1_555 C5 ? A DG  6 ? A DG  6  ? 1_555 43.4  ? 
11 N7 ? A DG  6 ? A DG  6  ? 1_555 PT1 ? E CPT . ? A CPT 49 ? 1_555 N7 ? A DG  7 ? A DG  7  ? 1_555 99.5  ? 
12 N1 ? E CPT . ? A CPT 49 ? 1_555 PT1 ? E CPT . ? A CPT 49 ? 1_555 N7 ? A DG  7 ? A DG  7  ? 1_555 160.4 ? 
13 N2 ? E CPT . ? A CPT 49 ? 1_555 PT1 ? E CPT . ? A CPT 49 ? 1_555 N7 ? A DG  7 ? A DG  7  ? 1_555 70.9  ? 
14 C8 ? A DG  6 ? A DG  6  ? 1_555 PT1 ? E CPT . ? A CPT 49 ? 1_555 N7 ? A DG  7 ? A DG  7  ? 1_555 107.6 ? 
15 C5 ? A DG  6 ? A DG  6  ? 1_555 PT1 ? E CPT . ? A CPT 49 ? 1_555 N7 ? A DG  7 ? A DG  7  ? 1_555 77.2  ? 
16 N7 ? A DG  6 ? A DG  6  ? 1_555 PT1 ? E CPT . ? A CPT 49 ? 1_555 C8 ? A DG  7 ? A DG  7  ? 1_555 83.9  ? 
17 N1 ? E CPT . ? A CPT 49 ? 1_555 PT1 ? E CPT . ? A CPT 49 ? 1_555 C8 ? A DG  7 ? A DG  7  ? 1_555 164.1 ? 
18 N2 ? E CPT . ? A CPT 49 ? 1_555 PT1 ? E CPT . ? A CPT 49 ? 1_555 C8 ? A DG  7 ? A DG  7  ? 1_555 97.1  ? 
19 C8 ? A DG  6 ? A DG  6  ? 1_555 PT1 ? E CPT . ? A CPT 49 ? 1_555 C8 ? A DG  7 ? A DG  7  ? 1_555 81.4  ? 
20 C5 ? A DG  6 ? A DG  6  ? 1_555 PT1 ? E CPT . ? A CPT 49 ? 1_555 C8 ? A DG  7 ? A DG  7  ? 1_555 68.4  ? 
21 N7 ? A DG  7 ? A DG  7  ? 1_555 PT1 ? E CPT . ? A CPT 49 ? 1_555 C8 ? A DG  7 ? A DG  7  ? 1_555 32.7  ? 
22 N7 ? A DG  6 ? A DG  6  ? 1_555 PT1 ? E CPT . ? A CPT 49 ? 1_555 C5 ? A DG  7 ? A DG  7  ? 1_555 94.4  ? 
23 N1 ? E CPT . ? A CPT 49 ? 1_555 PT1 ? E CPT . ? A CPT 49 ? 1_555 C5 ? A DG  7 ? A DG  7  ? 1_555 150.6 ? 
24 N2 ? E CPT . ? A CPT 49 ? 1_555 PT1 ? E CPT . ? A CPT 49 ? 1_555 C5 ? A DG  7 ? A DG  7  ? 1_555 71.8  ? 
25 C8 ? A DG  6 ? A DG  6  ? 1_555 PT1 ? E CPT . ? A CPT 49 ? 1_555 C5 ? A DG  7 ? A DG  7  ? 1_555 106.8 ? 
26 C5 ? A DG  6 ? A DG  6  ? 1_555 PT1 ? E CPT . ? A CPT 49 ? 1_555 C5 ? A DG  7 ? A DG  7  ? 1_555 71.3  ? 
27 N7 ? A DG  7 ? A DG  7  ? 1_555 PT1 ? E CPT . ? A CPT 49 ? 1_555 C5 ? A DG  7 ? A DG  7  ? 1_555 11.0  ? 
28 C8 ? A DG  7 ? A DG  7  ? 1_555 PT1 ? E CPT . ? A CPT 49 ? 1_555 C5 ? A DG  7 ? A DG  7  ? 1_555 40.1  ? 
29 N7 ? C DG  6 ? C DG  30 ? 1_555 PT1 ? F CPT . ? C CPT 50 ? 1_555 N1 ? F CPT . ? C CPT 50 ? 1_555 88.1  ? 
30 N7 ? C DG  6 ? C DG  30 ? 1_555 PT1 ? F CPT . ? C CPT 50 ? 1_555 N2 ? F CPT . ? C CPT 50 ? 1_555 155.2 ? 
31 N1 ? F CPT . ? C CPT 50 ? 1_555 PT1 ? F CPT . ? C CPT 50 ? 1_555 N2 ? F CPT . ? C CPT 50 ? 1_555 91.8  ? 
32 N7 ? C DG  6 ? C DG  30 ? 1_555 PT1 ? F CPT . ? C CPT 50 ? 1_555 C8 ? C DG  6 ? C DG  30 ? 1_555 25.5  ? 
33 N1 ? F CPT . ? C CPT 50 ? 1_555 PT1 ? F CPT . ? C CPT 50 ? 1_555 C8 ? C DG  6 ? C DG  30 ? 1_555 87.8  ? 
34 N2 ? F CPT . ? C CPT 50 ? 1_555 PT1 ? F CPT . ? C CPT 50 ? 1_555 C8 ? C DG  6 ? C DG  30 ? 1_555 179.2 ? 
35 N7 ? C DG  6 ? C DG  30 ? 1_555 PT1 ? F CPT . ? C CPT 50 ? 1_555 C5 ? C DG  6 ? C DG  30 ? 1_555 21.2  ? 
36 N1 ? F CPT . ? C CPT 50 ? 1_555 PT1 ? F CPT . ? C CPT 50 ? 1_555 C5 ? C DG  6 ? C DG  30 ? 1_555 104.2 ? 
37 N2 ? F CPT . ? C CPT 50 ? 1_555 PT1 ? F CPT . ? C CPT 50 ? 1_555 C5 ? C DG  6 ? C DG  30 ? 1_555 138.3 ? 
38 C8 ? C DG  6 ? C DG  30 ? 1_555 PT1 ? F CPT . ? C CPT 50 ? 1_555 C5 ? C DG  6 ? C DG  30 ? 1_555 42.5  ? 
39 N7 ? C DG  6 ? C DG  30 ? 1_555 PT1 ? F CPT . ? C CPT 50 ? 1_555 N7 ? C DG  7 ? C DG  31 ? 1_555 99.9  ? 
40 N1 ? F CPT . ? C CPT 50 ? 1_555 PT1 ? F CPT . ? C CPT 50 ? 1_555 N7 ? C DG  7 ? C DG  31 ? 1_555 157.1 ? 
41 N2 ? F CPT . ? C CPT 50 ? 1_555 PT1 ? F CPT . ? C CPT 50 ? 1_555 N7 ? C DG  7 ? C DG  31 ? 1_555 72.0  ? 
42 C8 ? C DG  6 ? C DG  30 ? 1_555 PT1 ? F CPT . ? C CPT 50 ? 1_555 N7 ? C DG  7 ? C DG  31 ? 1_555 108.6 ? 
43 C5 ? C DG  6 ? C DG  30 ? 1_555 PT1 ? F CPT . ? C CPT 50 ? 1_555 N7 ? C DG  7 ? C DG  31 ? 1_555 79.8  ? 
44 N7 ? C DG  6 ? C DG  30 ? 1_555 PT1 ? F CPT . ? C CPT 50 ? 1_555 C8 ? C DG  7 ? C DG  31 ? 1_555 84.2  ? 
45 N1 ? F CPT . ? C CPT 50 ? 1_555 PT1 ? F CPT . ? C CPT 50 ? 1_555 C8 ? C DG  7 ? C DG  31 ? 1_555 169.5 ? 
46 N2 ? F CPT . ? C CPT 50 ? 1_555 PT1 ? F CPT . ? C CPT 50 ? 1_555 C8 ? C DG  7 ? C DG  31 ? 1_555 98.2  ? 
47 C8 ? C DG  6 ? C DG  30 ? 1_555 PT1 ? F CPT . ? C CPT 50 ? 1_555 C8 ? C DG  7 ? C DG  31 ? 1_555 82.2  ? 
48 C5 ? C DG  6 ? C DG  30 ? 1_555 PT1 ? F CPT . ? C CPT 50 ? 1_555 C8 ? C DG  7 ? C DG  31 ? 1_555 70.3  ? 
49 N7 ? C DG  7 ? C DG  31 ? 1_555 PT1 ? F CPT . ? C CPT 50 ? 1_555 C8 ? C DG  7 ? C DG  31 ? 1_555 32.6  ? 
50 N7 ? C DG  6 ? C DG  30 ? 1_555 PT1 ? F CPT . ? C CPT 50 ? 1_555 C5 ? C DG  7 ? C DG  31 ? 1_555 93.3  ? 
51 N1 ? F CPT . ? C CPT 50 ? 1_555 PT1 ? F CPT . ? C CPT 50 ? 1_555 C5 ? C DG  7 ? C DG  31 ? 1_555 146.2 ? 
52 N2 ? F CPT . ? C CPT 50 ? 1_555 PT1 ? F CPT . ? C CPT 50 ? 1_555 C5 ? C DG  7 ? C DG  31 ? 1_555 73.4  ? 
53 C8 ? C DG  6 ? C DG  30 ? 1_555 PT1 ? F CPT . ? C CPT 50 ? 1_555 C5 ? C DG  7 ? C DG  31 ? 1_555 107.3 ? 
54 C5 ? C DG  6 ? C DG  30 ? 1_555 PT1 ? F CPT . ? C CPT 50 ? 1_555 C5 ? C DG  7 ? C DG  31 ? 1_555 72.2  ? 
55 N7 ? C DG  7 ? C DG  31 ? 1_555 PT1 ? F CPT . ? C CPT 50 ? 1_555 C5 ? C DG  7 ? C DG  31 ? 1_555 13.8  ? 
56 C8 ? C DG  7 ? C DG  31 ? 1_555 PT1 ? F CPT . ? C CPT 50 ? 1_555 C5 ? C DG  7 ? C DG  31 ? 1_555 41.8  ? 
# 
loop_
_struct_site.id 
_struct_site.pdbx_evidence_code 
_struct_site.pdbx_auth_asym_id 
_struct_site.pdbx_auth_comp_id 
_struct_site.pdbx_auth_seq_id 
_struct_site.pdbx_auth_ins_code 
_struct_site.pdbx_num_residues 
_struct_site.details 
AC1 Software A CPT 49 ? 3 'BINDING SITE FOR RESIDUE CPT A 49' 
AC2 Software C CPT 50 ? 3 'BINDING SITE FOR RESIDUE CPT C 50' 
1   ?        ? ?   ?  ? ? ?                                   
# 
loop_
_struct_site_gen.id 
_struct_site_gen.site_id 
_struct_site_gen.pdbx_num_res 
_struct_site_gen.label_comp_id 
_struct_site_gen.label_asym_id 
_struct_site_gen.label_seq_id 
_struct_site_gen.pdbx_auth_ins_code 
_struct_site_gen.auth_comp_id 
_struct_site_gen.auth_asym_id 
_struct_site_gen.auth_seq_id 
_struct_site_gen.label_atom_id 
_struct_site_gen.label_alt_id 
_struct_site_gen.symmetry 
_struct_site_gen.details 
1 AC1 3 DT A 5 ? DT A 5  . ? 1_555 ? 
2 AC1 3 DG A 6 ? DG A 6  . ? 1_555 ? 
3 AC1 3 DG A 7 ? DG A 7  . ? 1_555 ? 
4 AC2 3 DT C 5 ? DT C 29 . ? 1_555 ? 
5 AC2 3 DG C 6 ? DG C 30 . ? 1_555 ? 
6 AC2 3 DG C 7 ? DG C 31 . ? 1_555 ? 
# 
loop_
_pdbx_validate_close_contact.id 
_pdbx_validate_close_contact.PDB_model_num 
_pdbx_validate_close_contact.auth_atom_id_1 
_pdbx_validate_close_contact.auth_asym_id_1 
_pdbx_validate_close_contact.auth_comp_id_1 
_pdbx_validate_close_contact.auth_seq_id_1 
_pdbx_validate_close_contact.PDB_ins_code_1 
_pdbx_validate_close_contact.label_alt_id_1 
_pdbx_validate_close_contact.auth_atom_id_2 
_pdbx_validate_close_contact.auth_asym_id_2 
_pdbx_validate_close_contact.auth_comp_id_2 
_pdbx_validate_close_contact.auth_seq_id_2 
_pdbx_validate_close_contact.PDB_ins_code_2 
_pdbx_validate_close_contact.label_alt_id_2 
_pdbx_validate_close_contact.dist 
1  1 O A HOH 54 ? ? O A HOH 85  ? ? 0.00 
2  1 O A HOH 55 ? ? O A HOH 86  ? ? 0.00 
3  1 O A HOH 58 ? ? O A HOH 89  ? ? 0.00 
4  1 O A HOH 60 ? ? O A HOH 91  ? ? 0.00 
5  1 O A HOH 62 ? ? O A HOH 93  ? ? 0.00 
6  1 O A HOH 66 ? ? O A HOH 97  ? ? 0.00 
7  1 O A HOH 68 ? ? O A HOH 99  ? ? 0.00 
8  1 O A HOH 80 ? ? O A HOH 111 ? ? 0.00 
9  1 O B HOH 51 ? ? O B HOH 82  ? ? 0.00 
10 1 O B HOH 52 ? ? O B HOH 83  ? ? 0.00 
11 1 O B HOH 53 ? ? O B HOH 84  ? ? 0.00 
12 1 O B HOH 56 ? ? O B HOH 87  ? ? 0.00 
13 1 O B HOH 59 ? ? O B HOH 90  ? ? 0.00 
14 1 O B HOH 61 ? ? O B HOH 92  ? ? 0.00 
15 1 O B HOH 63 ? ? O B HOH 94  ? ? 0.00 
16 1 O B HOH 69 ? ? O B HOH 100 ? ? 0.00 
17 1 O B HOH 76 ? ? O B HOH 107 ? ? 0.00 
18 1 O B HOH 79 ? ? O B HOH 110 ? ? 0.00 
19 1 O C HOH 67 ? ? O C HOH 98  ? ? 0.00 
20 1 O C HOH 72 ? ? O C HOH 103 ? ? 0.00 
21 1 O C HOH 73 ? ? O C HOH 104 ? ? 0.00 
22 1 O C HOH 75 ? ? O C HOH 106 ? ? 0.00 
23 1 O C HOH 78 ? ? O C HOH 109 ? ? 0.00 
24 1 O C HOH 81 ? ? O C HOH 112 ? ? 0.00 
25 1 O D HOH 57 ? ? O D HOH 88  ? ? 0.00 
26 1 O D HOH 64 ? ? O D HOH 95  ? ? 0.00 
27 1 O D HOH 65 ? ? O D HOH 96  ? ? 0.00 
28 1 O D HOH 70 ? ? O D HOH 101 ? ? 0.00 
29 1 O D HOH 71 ? ? O D HOH 102 ? ? 0.00 
30 1 O D HOH 74 ? ? O D HOH 105 ? ? 0.00 
31 1 O D HOH 77 ? ? O D HOH 108 ? ? 0.00 
# 
loop_
_pdbx_validate_rmsd_bond.id 
_pdbx_validate_rmsd_bond.PDB_model_num 
_pdbx_validate_rmsd_bond.auth_atom_id_1 
_pdbx_validate_rmsd_bond.auth_asym_id_1 
_pdbx_validate_rmsd_bond.auth_comp_id_1 
_pdbx_validate_rmsd_bond.auth_seq_id_1 
_pdbx_validate_rmsd_bond.PDB_ins_code_1 
_pdbx_validate_rmsd_bond.label_alt_id_1 
_pdbx_validate_rmsd_bond.auth_atom_id_2 
_pdbx_validate_rmsd_bond.auth_asym_id_2 
_pdbx_validate_rmsd_bond.auth_comp_id_2 
_pdbx_validate_rmsd_bond.auth_seq_id_2 
_pdbx_validate_rmsd_bond.PDB_ins_code_2 
_pdbx_validate_rmsd_bond.label_alt_id_2 
_pdbx_validate_rmsd_bond.bond_value 
_pdbx_validate_rmsd_bond.bond_target_value 
_pdbx_validate_rmsd_bond.bond_deviation 
_pdbx_validate_rmsd_bond.bond_standard_deviation 
_pdbx_validate_rmsd_bond.linker_flag 
1  1 "C5'" A DC 2  ? ? "C4'" A DC 2  ? ? 1.555 1.512 0.043  0.007 N 
2  1 N1    A DC 4  ? ? C6    A DC 4  ? ? 1.329 1.367 -0.038 0.006 N 
3  1 N3    A DT 5  ? ? C4    A DT 5  ? ? 1.333 1.382 -0.049 0.008 N 
4  1 "C5'" A DG 7  ? ? "C4'" A DG 7  ? ? 1.571 1.512 0.059  0.007 N 
5  1 C8    A DG 7  ? ? N9    A DG 7  ? ? 1.425 1.374 0.051  0.007 N 
6  1 "C3'" A DT 8  ? ? "C2'" A DT 8  ? ? 1.455 1.516 -0.061 0.008 N 
7  1 N3    A DT 10 ? ? C4    A DT 10 ? ? 1.333 1.382 -0.049 0.008 N 
8  1 C6    A DT 10 ? ? N1    A DT 10 ? ? 1.333 1.378 -0.045 0.007 N 
9  1 P     A DC 11 ? ? "O5'" A DC 11 ? ? 1.673 1.593 0.080  0.010 N 
10 1 "C3'" A DC 11 ? ? "C2'" A DC 11 ? ? 1.457 1.516 -0.059 0.008 N 
11 1 "C5'" B DG 16 ? ? "C4'" B DG 16 ? ? 1.575 1.512 0.063  0.007 N 
12 1 "O3'" B DG 16 ? ? "C3'" B DG 16 ? ? 1.383 1.419 -0.036 0.006 N 
13 1 C6    B DG 16 ? ? N1    B DG 16 ? ? 1.343 1.391 -0.048 0.007 N 
14 1 "C3'" B DC 18 ? ? "C2'" B DC 18 ? ? 1.467 1.516 -0.049 0.008 N 
15 1 "C3'" B DC 19 ? ? "C2'" B DC 19 ? ? 1.456 1.516 -0.060 0.008 N 
16 1 N1    B DC 19 ? ? C6    B DC 19 ? ? 1.324 1.367 -0.043 0.006 N 
17 1 C4    B DA 22 ? ? C5    B DA 22 ? ? 1.335 1.383 -0.048 0.007 N 
18 1 C5    B DA 22 ? ? N7    B DA 22 ? ? 1.351 1.388 -0.037 0.006 N 
19 1 C8    B DA 22 ? ? N9    B DA 22 ? ? 1.321 1.373 -0.052 0.008 N 
20 1 N9    B DA 22 ? ? C4    B DA 22 ? ? 1.337 1.374 -0.037 0.006 N 
21 1 C6    B DG 23 ? ? N1    B DG 23 ? ? 1.347 1.391 -0.044 0.007 N 
22 1 C6    B DG 24 ? ? N1    B DG 24 ? ? 1.340 1.391 -0.051 0.007 N 
23 1 C8    B DG 24 ? ? N9    B DG 24 ? ? 1.325 1.374 -0.049 0.007 N 
24 1 "C3'" C DT 29 ? ? "C2'" C DT 29 ? ? 1.449 1.516 -0.067 0.008 N 
25 1 N1    C DG 30 ? ? C2    C DG 30 ? ? 1.322 1.373 -0.051 0.008 N 
26 1 "C5'" C DG 31 ? ? "C4'" C DG 31 ? ? 1.573 1.512 0.061  0.007 N 
27 1 "C4'" C DG 31 ? ? "C3'" C DG 31 ? ? 1.454 1.521 -0.067 0.010 N 
28 1 C8    C DG 31 ? ? N9    C DG 31 ? ? 1.433 1.374 0.059  0.007 N 
29 1 "C5'" C DT 32 ? ? "C4'" C DT 32 ? ? 1.570 1.512 0.058  0.007 N 
30 1 "C5'" C DT 34 ? ? "C4'" C DT 34 ? ? 1.579 1.512 0.067  0.007 N 
31 1 N3    C DT 34 ? ? C4    C DT 34 ? ? 1.333 1.382 -0.049 0.008 N 
32 1 C5    C DT 34 ? ? C7    C DT 34 ? ? 1.536 1.496 0.040  0.006 N 
33 1 P     C DC 36 ? ? "O5'" C DC 36 ? ? 1.677 1.593 0.084  0.010 N 
34 1 "C5'" D DG 37 ? ? "C4'" D DG 37 ? ? 1.569 1.512 0.057  0.007 N 
35 1 "C5'" D DA 41 ? ? "C4'" D DA 41 ? ? 1.562 1.512 0.050  0.007 N 
36 1 N1    D DC 43 ? ? C2    D DC 43 ? ? 1.332 1.397 -0.065 0.010 N 
37 1 C6    D DA 44 ? ? N1    D DA 44 ? ? 1.299 1.351 -0.052 0.007 N 
38 1 C6    D DG 48 ? ? N1    D DG 48 ? ? 1.343 1.391 -0.048 0.007 N 
# 
loop_
_pdbx_validate_rmsd_angle.id 
_pdbx_validate_rmsd_angle.PDB_model_num 
_pdbx_validate_rmsd_angle.auth_atom_id_1 
_pdbx_validate_rmsd_angle.auth_asym_id_1 
_pdbx_validate_rmsd_angle.auth_comp_id_1 
_pdbx_validate_rmsd_angle.auth_seq_id_1 
_pdbx_validate_rmsd_angle.PDB_ins_code_1 
_pdbx_validate_rmsd_angle.label_alt_id_1 
_pdbx_validate_rmsd_angle.auth_atom_id_2 
_pdbx_validate_rmsd_angle.auth_asym_id_2 
_pdbx_validate_rmsd_angle.auth_comp_id_2 
_pdbx_validate_rmsd_angle.auth_seq_id_2 
_pdbx_validate_rmsd_angle.PDB_ins_code_2 
_pdbx_validate_rmsd_angle.label_alt_id_2 
_pdbx_validate_rmsd_angle.auth_atom_id_3 
_pdbx_validate_rmsd_angle.auth_asym_id_3 
_pdbx_validate_rmsd_angle.auth_comp_id_3 
_pdbx_validate_rmsd_angle.auth_seq_id_3 
_pdbx_validate_rmsd_angle.PDB_ins_code_3 
_pdbx_validate_rmsd_angle.label_alt_id_3 
_pdbx_validate_rmsd_angle.angle_value 
_pdbx_validate_rmsd_angle.angle_target_value 
_pdbx_validate_rmsd_angle.angle_deviation 
_pdbx_validate_rmsd_angle.angle_standard_deviation 
_pdbx_validate_rmsd_angle.linker_flag 
1  1 "C4'" A DC 1  ? ? "C3'" A DC 1  ? ? "C2'" A DC 1  ? ? 97.40  102.20 -4.80  0.70 N 
2  1 "O4'" A DC 1  ? ? "C1'" A DC 1  ? ? N1    A DC 1  ? ? 110.24 108.30 1.94   0.30 N 
3  1 "C4'" A DC 4  ? ? "C3'" A DC 4  ? ? "C2'" A DC 4  ? ? 97.75  102.20 -4.45  0.70 N 
4  1 "C4'" A DT 5  ? ? "C3'" A DT 5  ? ? "C2'" A DT 5  ? ? 93.84  102.20 -8.36  0.70 N 
5  1 "O4'" A DT 5  ? ? "C1'" A DT 5  ? ? "C2'" A DT 5  ? ? 100.92 105.90 -4.98  0.80 N 
6  1 "O4'" A DT 5  ? ? "C1'" A DT 5  ? ? N1    A DT 5  ? ? 110.31 108.30 2.01   0.30 N 
7  1 C5    A DG 6  ? ? C6    A DG 6  ? ? N1    A DG 6  ? ? 115.35 111.50 3.85   0.50 N 
8  1 C4    A DG 6  ? ? C5    A DG 6  ? ? N7    A DG 6  ? ? 113.85 110.80 3.05   0.40 N 
9  1 C5    A DG 6  ? ? N7    A DG 6  ? ? C8    A DG 6  ? ? 100.82 104.30 -3.48  0.50 N 
10 1 "O4'" A DG 7  ? ? "C4'" A DG 7  ? ? "C3'" A DG 7  ? ? 101.89 104.50 -2.61  0.40 N 
11 1 "C4'" A DG 7  ? ? "C3'" A DG 7  ? ? "C2'" A DG 7  ? ? 97.05  102.20 -5.15  0.70 N 
12 1 "O4'" A DG 7  ? ? "C1'" A DG 7  ? ? N9    A DG 7  ? ? 110.67 108.30 2.37   0.30 N 
13 1 C4    A DG 7  ? ? C5    A DG 7  ? ? N7    A DG 7  ? ? 113.42 110.80 2.62   0.40 N 
14 1 C5    A DG 7  ? ? N7    A DG 7  ? ? C8    A DG 7  ? ? 99.53  104.30 -4.77  0.50 N 
15 1 C8    A DG 7  ? ? N9    A DG 7  ? ? "C1'" A DG 7  ? ? 136.12 127.00 9.12   1.30 N 
16 1 "O4'" A DT 8  ? ? "C4'" A DT 8  ? ? "C3'" A DT 8  ? ? 101.98 104.50 -2.52  0.40 N 
17 1 C6    A DT 8  ? ? C5    A DT 8  ? ? C7    A DT 8  ? ? 118.45 122.90 -4.45  0.60 N 
18 1 "O4'" A DT 10 ? ? "C4'" A DT 10 ? ? "C3'" A DT 10 ? ? 109.76 106.00 3.76   0.60 N 
19 1 N1    A DT 10 ? ? C2    A DT 10 ? ? N3    A DT 10 ? ? 120.05 114.60 5.45   0.60 N 
20 1 C4    A DT 10 ? ? C5    A DT 10 ? ? C6    A DT 10 ? ? 122.68 118.00 4.68   0.60 N 
21 1 C5    A DT 10 ? ? C6    A DT 10 ? ? N1    A DT 10 ? ? 119.94 123.70 -3.76  0.60 N 
22 1 N3    A DT 10 ? ? C2    A DT 10 ? ? O2    A DT 10 ? ? 117.71 122.30 -4.59  0.60 N 
23 1 C5    A DT 10 ? ? C4    A DT 10 ? ? O4    A DT 10 ? ? 129.28 124.90 4.38   0.70 N 
24 1 C6    A DT 10 ? ? C5    A DT 10 ? ? C7    A DT 10 ? ? 118.38 122.90 -4.52  0.60 N 
25 1 "O4'" A DC 11 ? ? "C4'" A DC 11 ? ? "C3'" A DC 11 ? ? 110.56 106.00 4.56   0.60 N 
26 1 "O4'" A DC 11 ? ? "C1'" A DC 11 ? ? "C2'" A DC 11 ? ? 100.94 105.90 -4.96  0.80 N 
27 1 N1    A DC 11 ? ? C2    A DC 11 ? ? O2    A DC 11 ? ? 123.26 118.90 4.36   0.60 N 
28 1 N3    A DC 11 ? ? C2    A DC 11 ? ? O2    A DC 11 ? ? 116.40 121.90 -5.50  0.70 N 
29 1 N9    B DG 13 ? ? C4    B DG 13 ? ? C5    B DG 13 ? ? 108.05 105.40 2.65   0.40 N 
30 1 P     B DG 14 ? ? "O5'" B DG 14 ? ? "C5'" B DG 14 ? ? 111.16 120.90 -9.74  1.60 N 
31 1 "O4'" B DG 14 ? ? "C1'" B DG 14 ? ? "C2'" B DG 14 ? ? 99.80  105.90 -6.10  0.80 N 
32 1 "O4'" B DA 15 ? ? "C1'" B DA 15 ? ? N9    B DA 15 ? ? 103.09 108.00 -4.91  0.70 N 
33 1 "O4'" B DG 16 ? ? "C1'" B DG 16 ? ? N9    B DG 16 ? ? 110.45 108.30 2.15   0.30 N 
34 1 N9    B DG 16 ? ? C4    B DG 16 ? ? C5    B DG 16 ? ? 107.85 105.40 2.45   0.40 N 
35 1 N1    B DG 16 ? ? C6    B DG 16 ? ? O6    B DG 16 ? ? 114.51 119.90 -5.39  0.60 N 
36 1 "C4'" B DA 17 ? ? "C3'" B DA 17 ? ? "C2'" B DA 17 ? ? 94.27  102.20 -7.93  0.70 N 
37 1 "O4'" B DC 18 ? ? "C4'" B DC 18 ? ? "C3'" B DC 18 ? ? 101.57 104.50 -2.93  0.40 N 
38 1 "O4'" B DC 19 ? ? "C4'" B DC 19 ? ? "C3'" B DC 19 ? ? 101.59 104.50 -2.91  0.40 N 
39 1 N1    B DC 19 ? ? C2    B DC 19 ? ? O2    B DC 19 ? ? 122.84 118.90 3.94   0.60 N 
40 1 N3    B DC 19 ? ? C2    B DC 19 ? ? O2    B DC 19 ? ? 116.47 121.90 -5.43  0.70 N 
41 1 "C4'" B DG 21 ? ? "C3'" B DG 21 ? ? "C2'" B DG 21 ? ? 96.16  102.20 -6.04  0.70 N 
42 1 "O4'" B DG 21 ? ? "C1'" B DG 21 ? ? N9    B DG 21 ? ? 111.69 108.30 3.39   0.30 N 
43 1 N9    B DG 21 ? ? C4    B DG 21 ? ? C5    B DG 21 ? ? 107.90 105.40 2.50   0.40 N 
44 1 "O4'" B DG 23 ? ? "C4'" B DG 23 ? ? "C3'" B DG 23 ? ? 100.97 104.50 -3.53  0.40 N 
45 1 "O4'" B DG 23 ? ? "C1'" B DG 23 ? ? N9    B DG 23 ? ? 111.42 108.30 3.12   0.30 N 
46 1 "O4'" B DG 24 ? ? "C1'" B DG 24 ? ? "C2'" B DG 24 ? ? 101.03 105.90 -4.87  0.80 N 
47 1 N1    B DG 24 ? ? C6    B DG 24 ? ? O6    B DG 24 ? ? 114.97 119.90 -4.93  0.60 N 
48 1 "C4'" C DC 25 ? ? "C3'" C DC 25 ? ? "C2'" C DC 25 ? ? 94.70  102.20 -7.50  0.70 N 
49 1 N1    C DC 26 ? ? C2    C DC 26 ? ? O2    C DC 26 ? ? 122.58 118.90 3.68   0.60 N 
50 1 "O4'" C DC 28 ? ? "C1'" C DC 28 ? ? "C2'" C DC 28 ? ? 100.45 105.90 -5.45  0.80 N 
51 1 "O4'" C DC 28 ? ? "C1'" C DC 28 ? ? N1    C DC 28 ? ? 113.37 108.30 5.07   0.30 N 
52 1 "C4'" C DT 29 ? ? "C3'" C DT 29 ? ? "C2'" C DT 29 ? ? 96.61  102.20 -5.59  0.70 N 
53 1 "O4'" C DT 29 ? ? "C1'" C DT 29 ? ? N1    C DT 29 ? ? 111.02 108.30 2.72   0.30 N 
54 1 "C4'" C DG 30 ? ? "C3'" C DG 30 ? ? "C2'" C DG 30 ? ? 96.10  102.20 -6.10  0.70 N 
55 1 "O4'" C DG 30 ? ? "C1'" C DG 30 ? ? N9    C DG 30 ? ? 110.13 108.30 1.83   0.30 N 
56 1 C5    C DG 30 ? ? C6    C DG 30 ? ? N1    C DG 30 ? ? 115.13 111.50 3.63   0.50 N 
57 1 "O4'" C DG 31 ? ? "C4'" C DG 31 ? ? "C3'" C DG 31 ? ? 97.94  104.50 -6.56  0.40 N 
58 1 "C4'" C DG 31 ? ? "C3'" C DG 31 ? ? "C2'" C DG 31 ? ? 97.96  102.20 -4.24  0.70 N 
59 1 "O4'" C DG 31 ? ? "C1'" C DG 31 ? ? "C2'" C DG 31 ? ? 100.77 105.90 -5.13  0.80 N 
60 1 "O4'" C DG 31 ? ? "C1'" C DG 31 ? ? N9    C DG 31 ? ? 111.16 108.30 2.86   0.30 N 
61 1 C4    C DG 31 ? ? C5    C DG 31 ? ? C6    C DG 31 ? ? 114.86 118.80 -3.94  0.60 N 
62 1 C5    C DG 31 ? ? C6    C DG 31 ? ? N1    C DG 31 ? ? 114.55 111.50 3.05   0.50 N 
63 1 C5    C DG 31 ? ? N7    C DG 31 ? ? C8    C DG 31 ? ? 101.24 104.30 -3.06  0.50 N 
64 1 N1    C DG 31 ? ? C6    C DG 31 ? ? O6    C DG 31 ? ? 115.59 119.90 -4.31  0.60 N 
65 1 C8    C DG 31 ? ? N9    C DG 31 ? ? "C1'" C DG 31 ? ? 135.15 127.00 8.15   1.30 N 
66 1 "C4'" C DT 32 ? ? "C3'" C DT 32 ? ? "C2'" C DT 32 ? ? 97.83  102.20 -4.37  0.70 N 
67 1 "C3'" C DT 32 ? ? "C2'" C DT 32 ? ? "C1'" C DT 32 ? ? 110.21 102.50 7.71   1.20 N 
68 1 C6    C DT 32 ? ? C5    C DT 32 ? ? C7    C DT 32 ? ? 119.28 122.90 -3.62  0.60 N 
69 1 N1    C DT 34 ? ? C2    C DT 34 ? ? N3    C DT 34 ? ? 118.65 114.60 4.05   0.60 N 
70 1 N3    C DT 34 ? ? C2    C DT 34 ? ? O2    C DT 34 ? ? 118.19 122.30 -4.11  0.60 N 
71 1 "O4'" C DC 35 ? ? "C4'" C DC 35 ? ? "C3'" C DC 35 ? ? 109.71 106.00 3.71   0.60 N 
72 1 P     C DC 36 ? ? "O5'" C DC 36 ? ? "C5'" C DC 36 ? ? 107.94 120.90 -12.96 1.60 N 
73 1 "O4'" D DG 38 ? ? "C1'" D DG 38 ? ? "C2'" D DG 38 ? ? 99.89  105.90 -6.01  0.80 N 
74 1 C8    D DG 38 ? ? N9    D DG 38 ? ? C4    D DG 38 ? ? 104.00 106.40 -2.40  0.40 N 
75 1 "O4'" D DG 40 ? ? "C1'" D DG 40 ? ? N9    D DG 40 ? ? 111.02 108.30 2.72   0.30 N 
76 1 "C4'" D DA 41 ? ? "C3'" D DA 41 ? ? "C2'" D DA 41 ? ? 95.87  102.20 -6.33  0.70 N 
77 1 "O4'" D DA 41 ? ? "C1'" D DA 41 ? ? N9    D DA 41 ? ? 110.23 108.30 1.93   0.30 N 
78 1 "C4'" D DC 42 ? ? "C3'" D DC 42 ? ? "C2'" D DC 42 ? ? 96.92  102.20 -5.28  0.70 N 
79 1 N1    D DC 42 ? ? C2    D DC 42 ? ? O2    D DC 42 ? ? 125.18 118.90 6.28   0.60 N 
80 1 N3    D DC 42 ? ? C2    D DC 42 ? ? O2    D DC 42 ? ? 117.03 121.90 -4.87  0.70 N 
81 1 "O4'" D DC 43 ? ? "C4'" D DC 43 ? ? "C3'" D DC 43 ? ? 101.65 104.50 -2.85  0.40 N 
82 1 "C4'" D DA 44 ? ? "C3'" D DA 44 ? ? "C2'" D DA 44 ? ? 97.69  102.20 -4.51  0.70 N 
83 1 "C4'" D DG 45 ? ? "C3'" D DG 45 ? ? "C2'" D DG 45 ? ? 95.71  102.20 -6.49  0.70 N 
84 1 "O4'" D DG 45 ? ? "C1'" D DG 45 ? ? "C2'" D DG 45 ? ? 100.84 105.90 -5.06  0.80 N 
85 1 N9    D DG 45 ? ? C4    D DG 45 ? ? C5    D DG 45 ? ? 108.07 105.40 2.67   0.40 N 
86 1 "O4'" D DA 46 ? ? "C4'" D DA 46 ? ? "C3'" D DA 46 ? ? 101.19 104.50 -3.31  0.40 N 
87 1 "O4'" D DG 47 ? ? "C4'" D DG 47 ? ? "C3'" D DG 47 ? ? 99.49  104.50 -5.01  0.40 N 
88 1 "C4'" D DG 47 ? ? "C3'" D DG 47 ? ? "C2'" D DG 47 ? ? 96.88  102.20 -5.32  0.70 N 
89 1 "O4'" D DG 47 ? ? "C1'" D DG 47 ? ? N9    D DG 47 ? ? 112.27 108.30 3.97   0.30 N 
90 1 "O4'" D DG 48 ? ? "C1'" D DG 48 ? ? "C2'" D DG 48 ? ? 100.99 105.90 -4.91  0.80 N 
91 1 "O4'" D DG 48 ? ? "C1'" D DG 48 ? ? N9    D DG 48 ? ? 112.95 108.30 4.65   0.30 N 
92 1 N1    D DG 48 ? ? C6    D DG 48 ? ? O6    D DG 48 ? ? 116.30 119.90 -3.60  0.60 N 
# 
_pdbx_validate_planes.id              1 
_pdbx_validate_planes.PDB_model_num   1 
_pdbx_validate_planes.auth_comp_id    DG 
_pdbx_validate_planes.auth_asym_id    C 
_pdbx_validate_planes.auth_seq_id     30 
_pdbx_validate_planes.PDB_ins_code    ? 
_pdbx_validate_planes.label_alt_id    ? 
_pdbx_validate_planes.rmsd            0.059 
_pdbx_validate_planes.type            'SIDE CHAIN' 
# 
loop_
_pdbx_struct_mod_residue.id 
_pdbx_struct_mod_residue.label_asym_id 
_pdbx_struct_mod_residue.label_comp_id 
_pdbx_struct_mod_residue.label_seq_id 
_pdbx_struct_mod_residue.auth_asym_id 
_pdbx_struct_mod_residue.auth_comp_id 
_pdbx_struct_mod_residue.auth_seq_id 
_pdbx_struct_mod_residue.PDB_ins_code 
_pdbx_struct_mod_residue.parent_comp_id 
_pdbx_struct_mod_residue.details 
1 A BRU 3 A BRU 3  ? DU ? 
2 C BRU 3 C BRU 27 ? DU ? 
# 
_struct_site_keywords.site_id   1 
_struct_site_keywords.text      'COVALENT PT-N BONDS' 
# 
loop_
_chem_comp_atom.comp_id 
_chem_comp_atom.atom_id 
_chem_comp_atom.type_symbol 
_chem_comp_atom.pdbx_aromatic_flag 
_chem_comp_atom.pdbx_stereo_config 
_chem_comp_atom.pdbx_ordinal 
BRU N1     N  N N 1   
BRU C2     C  N N 2   
BRU N3     N  N N 3   
BRU C4     C  N N 4   
BRU C5     C  N N 5   
BRU C6     C  N N 6   
BRU O2     O  N N 7   
BRU O4     O  N N 8   
BRU BR     BR N N 9   
BRU "C1'"  C  N R 10  
BRU "C2'"  C  N N 11  
BRU "C3'"  C  N S 12  
BRU "C4'"  C  N R 13  
BRU "O3'"  O  N N 14  
BRU "O4'"  O  N N 15  
BRU "C5'"  C  N N 16  
BRU "O5'"  O  N N 17  
BRU P      P  N N 18  
BRU OP1    O  N N 19  
BRU OP2    O  N N 20  
BRU OP3    O  N N 21  
BRU HN3    H  N N 22  
BRU H6     H  N N 23  
BRU "H1'"  H  N N 24  
BRU "H2'"  H  N N 25  
BRU "H2''" H  N N 26  
BRU "H3'"  H  N N 27  
BRU "H4'"  H  N N 28  
BRU "HO3'" H  N N 29  
BRU "H5'"  H  N N 30  
BRU "H5''" H  N N 31  
BRU HOP2   H  N N 32  
BRU HOP3   H  N N 33  
CPT PT1    PT N N 34  
CPT N1     N  N N 35  
CPT N2     N  N N 36  
CPT H11    H  N N 37  
CPT H12    H  N N 38  
CPT H21    H  N N 39  
CPT H22    H  N N 40  
CPT CL2    CL N N 41  
CPT CL1    CL N N 42  
CPT H13    H  N N 43  
CPT H23    H  N N 44  
DA  OP3    O  N N 45  
DA  P      P  N N 46  
DA  OP1    O  N N 47  
DA  OP2    O  N N 48  
DA  "O5'"  O  N N 49  
DA  "C5'"  C  N N 50  
DA  "C4'"  C  N R 51  
DA  "O4'"  O  N N 52  
DA  "C3'"  C  N S 53  
DA  "O3'"  O  N N 54  
DA  "C2'"  C  N N 55  
DA  "C1'"  C  N R 56  
DA  N9     N  Y N 57  
DA  C8     C  Y N 58  
DA  N7     N  Y N 59  
DA  C5     C  Y N 60  
DA  C6     C  Y N 61  
DA  N6     N  N N 62  
DA  N1     N  Y N 63  
DA  C2     C  Y N 64  
DA  N3     N  Y N 65  
DA  C4     C  Y N 66  
DA  HOP3   H  N N 67  
DA  HOP2   H  N N 68  
DA  "H5'"  H  N N 69  
DA  "H5''" H  N N 70  
DA  "H4'"  H  N N 71  
DA  "H3'"  H  N N 72  
DA  "HO3'" H  N N 73  
DA  "H2'"  H  N N 74  
DA  "H2''" H  N N 75  
DA  "H1'"  H  N N 76  
DA  H8     H  N N 77  
DA  H61    H  N N 78  
DA  H62    H  N N 79  
DA  H2     H  N N 80  
DC  OP3    O  N N 81  
DC  P      P  N N 82  
DC  OP1    O  N N 83  
DC  OP2    O  N N 84  
DC  "O5'"  O  N N 85  
DC  "C5'"  C  N N 86  
DC  "C4'"  C  N R 87  
DC  "O4'"  O  N N 88  
DC  "C3'"  C  N S 89  
DC  "O3'"  O  N N 90  
DC  "C2'"  C  N N 91  
DC  "C1'"  C  N R 92  
DC  N1     N  N N 93  
DC  C2     C  N N 94  
DC  O2     O  N N 95  
DC  N3     N  N N 96  
DC  C4     C  N N 97  
DC  N4     N  N N 98  
DC  C5     C  N N 99  
DC  C6     C  N N 100 
DC  HOP3   H  N N 101 
DC  HOP2   H  N N 102 
DC  "H5'"  H  N N 103 
DC  "H5''" H  N N 104 
DC  "H4'"  H  N N 105 
DC  "H3'"  H  N N 106 
DC  "HO3'" H  N N 107 
DC  "H2'"  H  N N 108 
DC  "H2''" H  N N 109 
DC  "H1'"  H  N N 110 
DC  H41    H  N N 111 
DC  H42    H  N N 112 
DC  H5     H  N N 113 
DC  H6     H  N N 114 
DG  OP3    O  N N 115 
DG  P      P  N N 116 
DG  OP1    O  N N 117 
DG  OP2    O  N N 118 
DG  "O5'"  O  N N 119 
DG  "C5'"  C  N N 120 
DG  "C4'"  C  N R 121 
DG  "O4'"  O  N N 122 
DG  "C3'"  C  N S 123 
DG  "O3'"  O  N N 124 
DG  "C2'"  C  N N 125 
DG  "C1'"  C  N R 126 
DG  N9     N  Y N 127 
DG  C8     C  Y N 128 
DG  N7     N  Y N 129 
DG  C5     C  Y N 130 
DG  C6     C  N N 131 
DG  O6     O  N N 132 
DG  N1     N  N N 133 
DG  C2     C  N N 134 
DG  N2     N  N N 135 
DG  N3     N  N N 136 
DG  C4     C  Y N 137 
DG  HOP3   H  N N 138 
DG  HOP2   H  N N 139 
DG  "H5'"  H  N N 140 
DG  "H5''" H  N N 141 
DG  "H4'"  H  N N 142 
DG  "H3'"  H  N N 143 
DG  "HO3'" H  N N 144 
DG  "H2'"  H  N N 145 
DG  "H2''" H  N N 146 
DG  "H1'"  H  N N 147 
DG  H8     H  N N 148 
DG  H1     H  N N 149 
DG  H21    H  N N 150 
DG  H22    H  N N 151 
DT  OP3    O  N N 152 
DT  P      P  N N 153 
DT  OP1    O  N N 154 
DT  OP2    O  N N 155 
DT  "O5'"  O  N N 156 
DT  "C5'"  C  N N 157 
DT  "C4'"  C  N R 158 
DT  "O4'"  O  N N 159 
DT  "C3'"  C  N S 160 
DT  "O3'"  O  N N 161 
DT  "C2'"  C  N N 162 
DT  "C1'"  C  N R 163 
DT  N1     N  N N 164 
DT  C2     C  N N 165 
DT  O2     O  N N 166 
DT  N3     N  N N 167 
DT  C4     C  N N 168 
DT  O4     O  N N 169 
DT  C5     C  N N 170 
DT  C7     C  N N 171 
DT  C6     C  N N 172 
DT  HOP3   H  N N 173 
DT  HOP2   H  N N 174 
DT  "H5'"  H  N N 175 
DT  "H5''" H  N N 176 
DT  "H4'"  H  N N 177 
DT  "H3'"  H  N N 178 
DT  "HO3'" H  N N 179 
DT  "H2'"  H  N N 180 
DT  "H2''" H  N N 181 
DT  "H1'"  H  N N 182 
DT  H3     H  N N 183 
DT  H71    H  N N 184 
DT  H72    H  N N 185 
DT  H73    H  N N 186 
DT  H6     H  N N 187 
HOH O      O  N N 188 
HOH H1     H  N N 189 
HOH H2     H  N N 190 
# 
loop_
_chem_comp_bond.comp_id 
_chem_comp_bond.atom_id_1 
_chem_comp_bond.atom_id_2 
_chem_comp_bond.value_order 
_chem_comp_bond.pdbx_aromatic_flag 
_chem_comp_bond.pdbx_stereo_config 
_chem_comp_bond.pdbx_ordinal 
BRU N1    C2     sing N N 1   
BRU N1    C6     sing N N 2   
BRU N1    "C1'"  sing N N 3   
BRU C2    N3     sing N N 4   
BRU C2    O2     doub N N 5   
BRU N3    C4     sing N N 6   
BRU N3    HN3    sing N N 7   
BRU C4    C5     sing N N 8   
BRU C4    O4     doub N N 9   
BRU C5    C6     doub N N 10  
BRU C5    BR     sing N N 11  
BRU C6    H6     sing N N 12  
BRU "C1'" "C2'"  sing N N 13  
BRU "C1'" "O4'"  sing N N 14  
BRU "C1'" "H1'"  sing N N 15  
BRU "C2'" "C3'"  sing N N 16  
BRU "C2'" "H2'"  sing N N 17  
BRU "C2'" "H2''" sing N N 18  
BRU "C3'" "C4'"  sing N N 19  
BRU "C3'" "O3'"  sing N N 20  
BRU "C3'" "H3'"  sing N N 21  
BRU "C4'" "O4'"  sing N N 22  
BRU "C4'" "C5'"  sing N N 23  
BRU "C4'" "H4'"  sing N N 24  
BRU "O3'" "HO3'" sing N N 25  
BRU "C5'" "O5'"  sing N N 26  
BRU "C5'" "H5'"  sing N N 27  
BRU "C5'" "H5''" sing N N 28  
BRU "O5'" P      sing N N 29  
BRU P     OP1    doub N N 30  
BRU P     OP2    sing N N 31  
BRU P     OP3    sing N N 32  
BRU OP2   HOP2   sing N N 33  
BRU OP3   HOP3   sing N N 34  
CPT PT1   N1     sing N N 35  
CPT PT1   N2     sing N N 36  
CPT N1    H11    sing N N 37  
CPT N1    H12    sing N N 38  
CPT N1    H13    sing N N 39  
CPT N2    H21    sing N N 40  
CPT N2    H22    sing N N 41  
CPT N2    H23    sing N N 42  
CPT CL2   PT1    sing N N 43  
CPT CL1   PT1    sing N N 44  
DA  OP3   P      sing N N 45  
DA  OP3   HOP3   sing N N 46  
DA  P     OP1    doub N N 47  
DA  P     OP2    sing N N 48  
DA  P     "O5'"  sing N N 49  
DA  OP2   HOP2   sing N N 50  
DA  "O5'" "C5'"  sing N N 51  
DA  "C5'" "C4'"  sing N N 52  
DA  "C5'" "H5'"  sing N N 53  
DA  "C5'" "H5''" sing N N 54  
DA  "C4'" "O4'"  sing N N 55  
DA  "C4'" "C3'"  sing N N 56  
DA  "C4'" "H4'"  sing N N 57  
DA  "O4'" "C1'"  sing N N 58  
DA  "C3'" "O3'"  sing N N 59  
DA  "C3'" "C2'"  sing N N 60  
DA  "C3'" "H3'"  sing N N 61  
DA  "O3'" "HO3'" sing N N 62  
DA  "C2'" "C1'"  sing N N 63  
DA  "C2'" "H2'"  sing N N 64  
DA  "C2'" "H2''" sing N N 65  
DA  "C1'" N9     sing N N 66  
DA  "C1'" "H1'"  sing N N 67  
DA  N9    C8     sing Y N 68  
DA  N9    C4     sing Y N 69  
DA  C8    N7     doub Y N 70  
DA  C8    H8     sing N N 71  
DA  N7    C5     sing Y N 72  
DA  C5    C6     sing Y N 73  
DA  C5    C4     doub Y N 74  
DA  C6    N6     sing N N 75  
DA  C6    N1     doub Y N 76  
DA  N6    H61    sing N N 77  
DA  N6    H62    sing N N 78  
DA  N1    C2     sing Y N 79  
DA  C2    N3     doub Y N 80  
DA  C2    H2     sing N N 81  
DA  N3    C4     sing Y N 82  
DC  OP3   P      sing N N 83  
DC  OP3   HOP3   sing N N 84  
DC  P     OP1    doub N N 85  
DC  P     OP2    sing N N 86  
DC  P     "O5'"  sing N N 87  
DC  OP2   HOP2   sing N N 88  
DC  "O5'" "C5'"  sing N N 89  
DC  "C5'" "C4'"  sing N N 90  
DC  "C5'" "H5'"  sing N N 91  
DC  "C5'" "H5''" sing N N 92  
DC  "C4'" "O4'"  sing N N 93  
DC  "C4'" "C3'"  sing N N 94  
DC  "C4'" "H4'"  sing N N 95  
DC  "O4'" "C1'"  sing N N 96  
DC  "C3'" "O3'"  sing N N 97  
DC  "C3'" "C2'"  sing N N 98  
DC  "C3'" "H3'"  sing N N 99  
DC  "O3'" "HO3'" sing N N 100 
DC  "C2'" "C1'"  sing N N 101 
DC  "C2'" "H2'"  sing N N 102 
DC  "C2'" "H2''" sing N N 103 
DC  "C1'" N1     sing N N 104 
DC  "C1'" "H1'"  sing N N 105 
DC  N1    C2     sing N N 106 
DC  N1    C6     sing N N 107 
DC  C2    O2     doub N N 108 
DC  C2    N3     sing N N 109 
DC  N3    C4     doub N N 110 
DC  C4    N4     sing N N 111 
DC  C4    C5     sing N N 112 
DC  N4    H41    sing N N 113 
DC  N4    H42    sing N N 114 
DC  C5    C6     doub N N 115 
DC  C5    H5     sing N N 116 
DC  C6    H6     sing N N 117 
DG  OP3   P      sing N N 118 
DG  OP3   HOP3   sing N N 119 
DG  P     OP1    doub N N 120 
DG  P     OP2    sing N N 121 
DG  P     "O5'"  sing N N 122 
DG  OP2   HOP2   sing N N 123 
DG  "O5'" "C5'"  sing N N 124 
DG  "C5'" "C4'"  sing N N 125 
DG  "C5'" "H5'"  sing N N 126 
DG  "C5'" "H5''" sing N N 127 
DG  "C4'" "O4'"  sing N N 128 
DG  "C4'" "C3'"  sing N N 129 
DG  "C4'" "H4'"  sing N N 130 
DG  "O4'" "C1'"  sing N N 131 
DG  "C3'" "O3'"  sing N N 132 
DG  "C3'" "C2'"  sing N N 133 
DG  "C3'" "H3'"  sing N N 134 
DG  "O3'" "HO3'" sing N N 135 
DG  "C2'" "C1'"  sing N N 136 
DG  "C2'" "H2'"  sing N N 137 
DG  "C2'" "H2''" sing N N 138 
DG  "C1'" N9     sing N N 139 
DG  "C1'" "H1'"  sing N N 140 
DG  N9    C8     sing Y N 141 
DG  N9    C4     sing Y N 142 
DG  C8    N7     doub Y N 143 
DG  C8    H8     sing N N 144 
DG  N7    C5     sing Y N 145 
DG  C5    C6     sing N N 146 
DG  C5    C4     doub Y N 147 
DG  C6    O6     doub N N 148 
DG  C6    N1     sing N N 149 
DG  N1    C2     sing N N 150 
DG  N1    H1     sing N N 151 
DG  C2    N2     sing N N 152 
DG  C2    N3     doub N N 153 
DG  N2    H21    sing N N 154 
DG  N2    H22    sing N N 155 
DG  N3    C4     sing N N 156 
DT  OP3   P      sing N N 157 
DT  OP3   HOP3   sing N N 158 
DT  P     OP1    doub N N 159 
DT  P     OP2    sing N N 160 
DT  P     "O5'"  sing N N 161 
DT  OP2   HOP2   sing N N 162 
DT  "O5'" "C5'"  sing N N 163 
DT  "C5'" "C4'"  sing N N 164 
DT  "C5'" "H5'"  sing N N 165 
DT  "C5'" "H5''" sing N N 166 
DT  "C4'" "O4'"  sing N N 167 
DT  "C4'" "C3'"  sing N N 168 
DT  "C4'" "H4'"  sing N N 169 
DT  "O4'" "C1'"  sing N N 170 
DT  "C3'" "O3'"  sing N N 171 
DT  "C3'" "C2'"  sing N N 172 
DT  "C3'" "H3'"  sing N N 173 
DT  "O3'" "HO3'" sing N N 174 
DT  "C2'" "C1'"  sing N N 175 
DT  "C2'" "H2'"  sing N N 176 
DT  "C2'" "H2''" sing N N 177 
DT  "C1'" N1     sing N N 178 
DT  "C1'" "H1'"  sing N N 179 
DT  N1    C2     sing N N 180 
DT  N1    C6     sing N N 181 
DT  C2    O2     doub N N 182 
DT  C2    N3     sing N N 183 
DT  N3    C4     sing N N 184 
DT  N3    H3     sing N N 185 
DT  C4    O4     doub N N 186 
DT  C4    C5     sing N N 187 
DT  C5    C7     sing N N 188 
DT  C5    C6     doub N N 189 
DT  C7    H71    sing N N 190 
DT  C7    H72    sing N N 191 
DT  C7    H73    sing N N 192 
DT  C6    H6     sing N N 193 
HOH O     H1     sing N N 194 
HOH O     H2     sing N N 195 
# 
loop_
_ndb_struct_conf_na.entry_id 
_ndb_struct_conf_na.feature 
1AIO 'double helix'        
1AIO 'a-form double helix' 
1AIO 'b-form double helix' 
# 
loop_
_ndb_struct_na_base_pair.model_number 
_ndb_struct_na_base_pair.i_label_asym_id 
_ndb_struct_na_base_pair.i_label_comp_id 
_ndb_struct_na_base_pair.i_label_seq_id 
_ndb_struct_na_base_pair.i_symmetry 
_ndb_struct_na_base_pair.j_label_asym_id 
_ndb_struct_na_base_pair.j_label_comp_id 
_ndb_struct_na_base_pair.j_label_seq_id 
_ndb_struct_na_base_pair.j_symmetry 
_ndb_struct_na_base_pair.shear 
_ndb_struct_na_base_pair.stretch 
_ndb_struct_na_base_pair.stagger 
_ndb_struct_na_base_pair.buckle 
_ndb_struct_na_base_pair.propeller 
_ndb_struct_na_base_pair.opening 
_ndb_struct_na_base_pair.pair_number 
_ndb_struct_na_base_pair.pair_name 
_ndb_struct_na_base_pair.i_auth_asym_id 
_ndb_struct_na_base_pair.i_auth_seq_id 
_ndb_struct_na_base_pair.i_PDB_ins_code 
_ndb_struct_na_base_pair.j_auth_asym_id 
_ndb_struct_na_base_pair.j_auth_seq_id 
_ndb_struct_na_base_pair.j_PDB_ins_code 
_ndb_struct_na_base_pair.hbond_type_28 
_ndb_struct_na_base_pair.hbond_type_12 
1 A DC  1  1_555 B DG 12 1_555 0.511  -0.371 -0.187 6.527   -1.910  -2.720 1  A_DC1:DG24_B   A 1  ? B 24 ? 19 1 
1 A DC  2  1_555 B DG 11 1_555 0.339  -0.413 -0.184 4.705   -2.478  -1.845 2  A_DC2:DG23_B   A 2  ? B 23 ? 19 1 
1 A BRU 3  1_555 B DA 10 1_555 -0.256 -0.327 -0.271 4.569   -6.618  -0.700 3  A_BRU3:DA22_B  A 3  ? B 22 ? 20 1 
1 A DC  4  1_555 B DG 9  1_555 0.484  -0.283 0.048  -1.834  -5.977  3.171  4  A_DC4:DG21_B   A 4  ? B 21 ? 19 1 
1 A DT  5  1_555 B DA 8  1_555 0.569  -0.214 0.054  7.088   -3.429  3.505  5  A_DT5:DA20_B   A 5  ? B 20 ? 20 1 
1 A DG  6  1_555 B DC 7  1_555 -0.121 -0.326 0.250  15.408  -18.375 -5.521 6  A_DG6:DC19_B   A 6  ? B 19 ? 19 1 
1 A DG  7  1_555 B DC 6  1_555 -1.005 -0.573 0.166  -2.021  -14.499 -4.609 7  A_DG7:DC18_B   A 7  ? B 18 ? 19 1 
1 A DT  8  1_555 B DA 5  1_555 0.533  0.231  0.186  -2.420  -22.676 6.885  8  A_DT8:DA17_B   A 8  ? B 17 ? ?  ? 
1 A DC  9  1_555 B DG 4  1_555 -0.353 -0.250 0.364  -16.880 -9.832  -0.887 9  A_DC9:DG16_B   A 9  ? B 16 ? 19 1 
1 A DT  10 1_555 B DA 3  1_555 -0.131 -0.167 0.148  -3.012  -10.117 5.992  10 A_DT10:DA15_B  A 10 ? B 15 ? 20 1 
1 A DC  11 1_555 B DG 2  1_555 0.593  -0.520 -0.376 7.463   -17.494 -2.106 11 A_DC11:DG14_B  A 11 ? B 14 ? 19 1 
1 A DC  12 1_555 B DG 1  1_555 0.473  -0.423 0.047  -2.924  -3.075  -2.198 12 A_DC12:DG13_B  A 12 ? B 13 ? 19 1 
1 C DC  1  1_555 D DG 12 1_555 0.453  -0.383 -0.422 9.706   -3.146  -1.576 13 C_DC25:DG48_D  C 25 ? D 48 ? 19 1 
1 C DC  2  1_555 D DG 11 1_555 0.480  -0.404 0.097  -2.653  -2.653  -1.211 14 C_DC26:DG47_D  C 26 ? D 47 ? 19 1 
1 C BRU 3  1_555 D DA 10 1_555 -0.163 -0.296 -0.310 5.017   -9.789  1.321  15 C_BRU27:DA46_D C 27 ? D 46 ? 20 1 
1 C DC  4  1_555 D DG 9  1_555 0.016  -0.231 -0.043 -2.103  -5.960  3.681  16 C_DC28:DG45_D  C 28 ? D 45 ? 19 1 
1 C DT  5  1_555 D DA 8  1_555 0.225  -0.273 -0.053 6.504   -8.732  -2.207 17 C_DT29:DA44_D  C 29 ? D 44 ? 20 1 
1 C DG  6  1_555 D DC 7  1_555 -0.415 -0.451 0.329  14.938  -17.988 -4.106 18 C_DG30:DC43_D  C 30 ? D 43 ? 19 1 
1 C DG  7  1_555 D DC 6  1_555 -0.737 -0.501 0.320  -1.832  -19.937 -2.730 19 C_DG31:DC42_D  C 31 ? D 42 ? 19 1 
1 C DT  8  1_555 D DA 5  1_555 0.593  0.216  0.231  -2.231  -19.930 6.087  20 C_DT32:DA41_D  C 32 ? D 41 ? ?  ? 
1 C DC  9  1_555 D DG 4  1_555 0.362  -0.424 0.182  -11.601 -10.466 -2.298 21 C_DC33:DG40_D  C 33 ? D 40 ? 19 1 
1 C DT  10 1_555 D DA 3  1_555 0.183  0.156  -0.309 4.656   -6.834  4.936  22 C_DT34:DA39_D  C 34 ? D 39 ? 20 1 
1 C DC  11 1_555 D DG 2  1_555 0.508  -0.392 0.082  1.645   -13.069 -0.756 23 C_DC35:DG38_D  C 35 ? D 38 ? 19 1 
1 C DC  12 1_555 D DG 1  1_555 0.439  -0.437 -0.208 -1.068  -7.858  -0.470 24 C_DC36:DG37_D  C 36 ? D 37 ? 19 1 
# 
loop_
_ndb_struct_na_base_pair_step.model_number 
_ndb_struct_na_base_pair_step.i_label_asym_id_1 
_ndb_struct_na_base_pair_step.i_label_comp_id_1 
_ndb_struct_na_base_pair_step.i_label_seq_id_1 
_ndb_struct_na_base_pair_step.i_symmetry_1 
_ndb_struct_na_base_pair_step.j_label_asym_id_1 
_ndb_struct_na_base_pair_step.j_label_comp_id_1 
_ndb_struct_na_base_pair_step.j_label_seq_id_1 
_ndb_struct_na_base_pair_step.j_symmetry_1 
_ndb_struct_na_base_pair_step.i_label_asym_id_2 
_ndb_struct_na_base_pair_step.i_label_comp_id_2 
_ndb_struct_na_base_pair_step.i_label_seq_id_2 
_ndb_struct_na_base_pair_step.i_symmetry_2 
_ndb_struct_na_base_pair_step.j_label_asym_id_2 
_ndb_struct_na_base_pair_step.j_label_comp_id_2 
_ndb_struct_na_base_pair_step.j_label_seq_id_2 
_ndb_struct_na_base_pair_step.j_symmetry_2 
_ndb_struct_na_base_pair_step.shift 
_ndb_struct_na_base_pair_step.slide 
_ndb_struct_na_base_pair_step.rise 
_ndb_struct_na_base_pair_step.tilt 
_ndb_struct_na_base_pair_step.roll 
_ndb_struct_na_base_pair_step.twist 
_ndb_struct_na_base_pair_step.x_displacement 
_ndb_struct_na_base_pair_step.y_displacement 
_ndb_struct_na_base_pair_step.helical_rise 
_ndb_struct_na_base_pair_step.inclination 
_ndb_struct_na_base_pair_step.tip 
_ndb_struct_na_base_pair_step.helical_twist 
_ndb_struct_na_base_pair_step.step_number 
_ndb_struct_na_base_pair_step.step_name 
_ndb_struct_na_base_pair_step.i_auth_asym_id_1 
_ndb_struct_na_base_pair_step.i_auth_seq_id_1 
_ndb_struct_na_base_pair_step.i_PDB_ins_code_1 
_ndb_struct_na_base_pair_step.j_auth_asym_id_1 
_ndb_struct_na_base_pair_step.j_auth_seq_id_1 
_ndb_struct_na_base_pair_step.j_PDB_ins_code_1 
_ndb_struct_na_base_pair_step.i_auth_asym_id_2 
_ndb_struct_na_base_pair_step.i_auth_seq_id_2 
_ndb_struct_na_base_pair_step.i_PDB_ins_code_2 
_ndb_struct_na_base_pair_step.j_auth_asym_id_2 
_ndb_struct_na_base_pair_step.j_auth_seq_id_2 
_ndb_struct_na_base_pair_step.j_PDB_ins_code_2 
1 A DC  1  1_555 B DG 12 1_555 A DC  2  1_555 B DG 11 1_555 -0.664 -2.136 3.451 -3.158 4.079  27.654 -5.372 0.610  3.164 8.442  
6.535   28.122 1  AA_DC1DC2:DG23DG24_BB    A 1  ? B 24 ? A 2  ? B 23 ? 
1 A DC  2  1_555 B DG 11 1_555 A BRU 3  1_555 B DA 10 1_555 -0.576 -2.004 3.338 -0.754 5.491  28.789 -5.106 0.981  2.927 10.917 
1.499   29.306 2  AA_DC2BRU3:DA22DG23_BB   A 2  ? B 23 ? A 3  ? B 22 ? 
1 A BRU 3  1_555 B DA 10 1_555 A DC  4  1_555 B DG 9  1_555 0.568  -1.563 3.542 -1.441 5.408  35.167 -3.379 -1.148 3.248 8.881  
2.366   35.595 3  AA_BRU3DC4:DG21DA22_BB   A 3  ? B 22 ? A 4  ? B 21 ? 
1 A DC  4  1_555 B DG 9  1_555 A DT  5  1_555 B DA 8  1_555 0.116  -1.594 3.186 1.662  0.511  28.302 -3.369 0.135  3.159 1.045  
-3.394  28.354 4  AA_DC4DT5:DA20DG21_BB    A 4  ? B 21 ? A 5  ? B 20 ? 
1 A DT  5  1_555 B DA 8  1_555 A DG  6  1_555 B DC 7  1_555 -1.355 -1.345 3.229 -0.565 10.934 25.570 -5.199 2.697  2.483 23.385 
1.209   27.780 5  AA_DT5DG6:DC19DA20_BB    A 5  ? B 20 ? A 6  ? B 19 ? 
1 A DG  6  1_555 B DC 7  1_555 A DG  7  1_555 B DC 6  1_555 1.520  -1.933 3.384 0.132  26.930 24.821 -6.056 -2.414 0.925 48.089 
-0.236  36.467 6  AA_DG6DG7:DC18DC19_BB    A 6  ? B 19 ? A 7  ? B 18 ? 
1 A DG  7  1_555 B DC 6  1_555 A DT  8  1_555 B DA 5  1_555 -0.176 -0.971 3.346 1.893  2.439  43.119 -1.560 0.427  3.279 3.313  
-2.572  43.224 7  AA_DG7DT8:DA17DC18_BB    A 7  ? B 18 ? A 8  ? B 17 ? 
1 A DT  8  1_555 B DA 5  1_555 A DC  9  1_555 B DG 4  1_555 0.300  -0.610 3.633 2.214  3.331  37.021 -1.444 -0.146 3.578 5.228  
-3.474  37.229 8  AA_DT8DC9:DG16DA17_BB    A 8  ? B 17 ? A 9  ? B 16 ? 
1 A DC  9  1_555 B DG 4  1_555 A DT  10 1_555 B DA 3  1_555 -0.071 -0.082 3.046 2.565  3.401  28.226 -0.885 0.688  2.998 6.925  
-5.223  28.539 9  AA_DC9DT10:DA15DG16_BB   A 9  ? B 16 ? A 10 ? B 15 ? 
1 A DT  10 1_555 B DA 3  1_555 A DC  11 1_555 B DG 2  1_555 -0.081 0.020  2.938 6.117  5.979  41.103 -0.531 0.685  2.873 8.407  
-8.601  41.946 10 AA_DT10DC11:DG14DA15_BB  A 10 ? B 15 ? A 11 ? B 14 ? 
1 A DC  11 1_555 B DG 2  1_555 A DC  12 1_555 B DG 1  1_555 0.309  -0.241 3.695 -0.539 5.167  33.464 -1.349 -0.627 3.613 8.907  
0.929   33.853 11 AA_DC11DC12:DG13DG14_BB  A 11 ? B 14 ? A 12 ? B 13 ? 
1 C DC  1  1_555 D DG 12 1_555 C DC  2  1_555 D DG 11 1_555 -0.755 -2.055 3.728 -5.113 4.155  28.404 -5.097 0.255  3.479 8.327  
10.246  29.143 12 CC_DC25DC26:DG47DG48_DD  C 25 ? D 48 ? C 26 ? D 47 ? 
1 C DC  2  1_555 D DG 11 1_555 C BRU 3  1_555 D DA 10 1_555 -0.582 -1.964 3.101 1.855  6.117  28.779 -5.013 1.494  2.595 12.118 
-3.675  29.466 13 CC_DC26BRU27:DA46DG47_DD C 26 ? D 47 ? C 27 ? D 46 ? 
1 C BRU 3  1_555 D DA 10 1_555 C DC  4  1_555 D DG 9  1_555 0.517  -1.563 3.587 -0.831 3.864  29.135 -3.962 -1.208 3.340 7.637  
1.643   29.396 14 CC_BRU27DC28:DG45DA46_DD C 27 ? D 46 ? C 28 ? D 45 ? 
1 C DC  4  1_555 D DG 9  1_555 C DT  5  1_555 D DA 8  1_555 -0.054 -1.453 3.127 1.374  5.483  32.606 -3.403 0.308  2.847 9.675  
-2.424  33.080 15 CC_DC28DT29:DA44DG45_DD  C 28 ? D 45 ? C 29 ? D 44 ? 
1 C DT  5  1_555 D DA 8  1_555 C DG  6  1_555 D DC 7  1_555 -0.920 -1.559 3.310 -2.850 7.700  22.990 -5.986 1.328  2.743 18.576 
6.875   24.393 16 CC_DT29DG30:DC43DA44_DD  C 29 ? D 44 ? C 30 ? D 43 ? 
1 C DG  6  1_555 D DC 7  1_555 C DG  7  1_555 D DC 6  1_555 1.505  -1.887 3.364 0.459  28.910 28.419 -5.384 -2.142 1.088 46.399 
-0.737  40.329 17 CC_DG30DG31:DC42DC43_DD  C 30 ? D 43 ? C 31 ? D 42 ? 
1 C DG  7  1_555 D DC 6  1_555 C DT  8  1_555 D DA 5  1_555 -0.160 -0.935 3.350 1.236  1.618  42.382 -1.459 0.349  3.308 2.237  
-1.708  42.429 18 CC_DG31DT32:DA41DC42_DD  C 31 ? D 42 ? C 32 ? D 41 ? 
1 C DT  8  1_555 D DA 5  1_555 C DC  9  1_555 D DG 4  1_555 0.176  -0.546 3.510 4.547  3.520  38.118 -1.293 0.336  3.445 5.353  
-6.915  38.534 19 CC_DT32DC33:DG40DA41_DD  C 32 ? D 41 ? C 33 ? D 40 ? 
1 C DC  9  1_555 D DG 4  1_555 C DT  10 1_555 D DA 3  1_555 -0.099 0.110  3.021 5.929  7.418  27.720 -1.269 1.385  2.872 14.939 
-11.939 29.272 20 CC_DC33DT34:DA39DG40_DD  C 33 ? D 40 ? C 34 ? D 39 ? 
1 C DT  10 1_555 D DA 3  1_555 C DC  11 1_555 D DG 2  1_555 -0.176 -0.109 3.342 -2.448 4.726  36.151 -0.840 -0.064 3.306 7.565  
3.919   36.528 21 CC_DT34DC35:DG38DA39_DD  C 34 ? D 39 ? C 35 ? D 38 ? 
1 C DC  11 1_555 D DG 2  1_555 C DC  12 1_555 D DG 1  1_555 0.411  -0.118 3.358 5.551  2.486  37.370 -0.513 0.104  3.368 3.848  
-8.593  37.844 22 CC_DC35DC36:DG37DG38_DD  C 35 ? D 38 ? C 36 ? D 37 ? 
# 
_atom_sites.entry_id                    1AIO 
_atom_sites.fract_transf_matrix[1][1]   -0.00573134 
_atom_sites.fract_transf_matrix[1][2]   0.03144376 
_atom_sites.fract_transf_matrix[1][3]   -0.00477440 
_atom_sites.fract_transf_matrix[2][1]   -0.02295418 
_atom_sites.fract_transf_matrix[2][2]   -0.00494868 
_atom_sites.fract_transf_matrix[2][3]   0.01673239 
_atom_sites.fract_transf_matrix[3][1]   0.01495656 
_atom_sites.fract_transf_matrix[3][2]   0.00346699 
_atom_sites.fract_transf_matrix[3][3]   0.01528998 
_atom_sites.fract_transf_vector[1]      0.427645 
_atom_sites.fract_transf_vector[2]      0.576809 
_atom_sites.fract_transf_vector[3]      0.499612 
# 
loop_
_atom_type.symbol 
BR 
C  
N  
O  
P  
PT 
# 
loop_
_atom_site.group_PDB 
_atom_site.id 
_atom_site.type_symbol 
_atom_site.label_atom_id 
_atom_site.label_alt_id 
_atom_site.label_comp_id 
_atom_site.label_asym_id 
_atom_site.label_entity_id 
_atom_site.label_seq_id 
_atom_site.pdbx_PDB_ins_code 
_atom_site.Cartn_x 
_atom_site.Cartn_y 
_atom_site.Cartn_z 
_atom_site.occupancy 
_atom_site.B_iso_or_equiv 
_atom_site.pdbx_formal_charge 
_atom_site.auth_seq_id 
_atom_site.auth_comp_id 
_atom_site.auth_asym_id 
_atom_site.auth_atom_id 
_atom_site.pdbx_PDB_model_num 
ATOM   1    O  "O5'" . DC  A 1 1  ? 6.719   -20.883 -5.301  1.00 30.05 ? 1   DC  A "O5'" 1 
ATOM   2    C  "C5'" . DC  A 1 1  ? 5.603   -21.708 -4.840  1.00 26.98 ? 1   DC  A "C5'" 1 
ATOM   3    C  "C4'" . DC  A 1 1  ? 5.074   -21.245 -3.526  1.00 24.71 ? 1   DC  A "C4'" 1 
ATOM   4    O  "O4'" . DC  A 1 1  ? 6.166   -21.251 -2.626  1.00 24.25 ? 1   DC  A "O4'" 1 
ATOM   5    C  "C3'" . DC  A 1 1  ? 4.628   -19.812 -3.558  1.00 24.39 ? 1   DC  A "C3'" 1 
ATOM   6    O  "O3'" . DC  A 1 1  ? 3.272   -19.695 -4.042  1.00 24.43 ? 1   DC  A "O3'" 1 
ATOM   7    C  "C2'" . DC  A 1 1  ? 4.704   -19.551 -2.073  1.00 24.09 ? 1   DC  A "C2'" 1 
ATOM   8    C  "C1'" . DC  A 1 1  ? 5.928   -20.314 -1.595  1.00 23.82 ? 1   DC  A "C1'" 1 
ATOM   9    N  N1    . DC  A 1 1  ? 7.094   -19.425 -1.434  1.00 23.45 ? 1   DC  A N1    1 
ATOM   10   C  C2    . DC  A 1 1  ? 7.145   -18.681 -0.307  1.00 24.17 ? 1   DC  A C2    1 
ATOM   11   O  O2    . DC  A 1 1  ? 6.248   -18.731 0.513   1.00 24.40 ? 1   DC  A O2    1 
ATOM   12   N  N3    . DC  A 1 1  ? 8.172   -17.844 -0.095  1.00 25.03 ? 1   DC  A N3    1 
ATOM   13   C  C4    . DC  A 1 1  ? 9.143   -17.732 -0.993  1.00 25.09 ? 1   DC  A C4    1 
ATOM   14   N  N4    . DC  A 1 1  ? 10.133  -16.878 -0.739  1.00 25.46 ? 1   DC  A N4    1 
ATOM   15   C  C5    . DC  A 1 1  ? 9.118   -18.500 -2.200  1.00 24.00 ? 1   DC  A C5    1 
ATOM   16   C  C6    . DC  A 1 1  ? 8.071   -19.329 -2.364  1.00 23.44 ? 1   DC  A C6    1 
ATOM   17   P  P     . DC  A 1 2  ? 2.620   -18.297 -4.534  1.00 24.26 ? 2   DC  A P     1 
ATOM   18   O  OP1   . DC  A 1 2  ? 1.335   -18.574 -5.198  1.00 24.98 ? 2   DC  A OP1   1 
ATOM   19   O  OP2   . DC  A 1 2  ? 3.662   -17.523 -5.220  1.00 24.56 ? 2   DC  A OP2   1 
ATOM   20   O  "O5'" . DC  A 1 2  ? 2.360   -17.593 -3.169  1.00 23.65 ? 2   DC  A "O5'" 1 
ATOM   21   C  "C5'" . DC  A 1 2  ? 1.310   -18.053 -2.332  1.00 24.07 ? 2   DC  A "C5'" 1 
ATOM   22   C  "C4'" . DC  A 1 2  ? 1.307   -17.341 -0.950  1.00 23.95 ? 2   DC  A "C4'" 1 
ATOM   23   O  "O4'" . DC  A 1 2  ? 2.579   -17.459 -0.328  1.00 23.39 ? 2   DC  A "O4'" 1 
ATOM   24   C  "C3'" . DC  A 1 2  ? 1.108   -15.861 -1.062  1.00 24.40 ? 2   DC  A "C3'" 1 
ATOM   25   O  "O3'" . DC  A 1 2  ? -0.269  -15.545 -1.149  1.00 26.07 ? 2   DC  A "O3'" 1 
ATOM   26   C  "C2'" . DC  A 1 2  ? 1.614   -15.440 0.257   1.00 23.37 ? 2   DC  A "C2'" 1 
ATOM   27   C  "C1'" . DC  A 1 2  ? 2.803   -16.303 0.465   1.00 22.86 ? 2   DC  A "C1'" 1 
ATOM   28   N  N1    . DC  A 1 2  ? 4.087   -15.686 0.042   1.00 21.61 ? 2   DC  A N1    1 
ATOM   29   C  C2    . DC  A 1 2  ? 4.651   -14.707 0.821   1.00 21.13 ? 2   DC  A C2    1 
ATOM   30   O  O2    . DC  A 1 2  ? 4.102   -14.304 1.827   1.00 21.00 ? 2   DC  A O2    1 
ATOM   31   N  N3    . DC  A 1 2  ? 5.855   -14.183 0.493   1.00 20.84 ? 2   DC  A N3    1 
ATOM   32   C  C4    . DC  A 1 2  ? 6.480   -14.623 -0.590  1.00 19.78 ? 2   DC  A C4    1 
ATOM   33   N  N4    . DC  A 1 2  ? 7.650   -14.114 -0.915  1.00 19.18 ? 2   DC  A N4    1 
ATOM   34   C  C5    . DC  A 1 2  ? 5.922   -15.629 -1.410  1.00 19.52 ? 2   DC  A C5    1 
ATOM   35   C  C6    . DC  A 1 2  ? 4.727   -16.122 -1.054  1.00 20.68 ? 2   DC  A C6    1 
HETATM 36   N  N1    . BRU A 1 3  ? 2.551   -10.806 0.946   1.00 22.91 ? 3   BRU A N1    1 
HETATM 37   C  C2    . BRU A 1 3  ? 3.556   -9.943  1.227   1.00 23.60 ? 3   BRU A C2    1 
HETATM 38   N  N3    . BRU A 1 3  ? 4.648   -10.040 0.403   1.00 23.65 ? 3   BRU A N3    1 
HETATM 39   C  C4    . BRU A 1 3  ? 4.794   -10.906 -0.657  1.00 24.29 ? 3   BRU A C4    1 
HETATM 40   C  C5    . BRU A 1 3  ? 3.679   -11.732 -0.866  1.00 24.02 ? 3   BRU A C5    1 
HETATM 41   C  C6    . BRU A 1 3  ? 2.625   -11.676 -0.089  1.00 22.93 ? 3   BRU A C6    1 
HETATM 42   O  O2    . BRU A 1 3  ? 3.490   -9.089  2.102   1.00 24.51 ? 3   BRU A O2    1 
HETATM 43   O  O4    . BRU A 1 3  ? 5.799   -10.958 -1.358  1.00 25.43 ? 3   BRU A O4    1 
HETATM 44   BR BR    . BRU A 1 3  ? 3.667   -12.836 -2.360  1.00 27.64 ? 3   BRU A BR    1 
HETATM 45   C  "C1'" . BRU A 1 3  ? 1.394   -10.777 1.822   1.00 23.24 ? 3   BRU A "C1'" 1 
HETATM 46   C  "C2'" . BRU A 1 3  ? 0.377   -9.719  1.431   1.00 23.57 ? 3   BRU A "C2'" 1 
HETATM 47   C  "C3'" . BRU A 1 3  ? -0.583  -10.443 0.511   1.00 23.49 ? 3   BRU A "C3'" 1 
HETATM 48   C  "C4'" . BRU A 1 3  ? -0.705  -11.722 1.273   1.00 23.92 ? 3   BRU A "C4'" 1 
HETATM 49   O  "O3'" . BRU A 1 3  ? -1.826  -9.821  0.471   1.00 23.67 ? 3   BRU A "O3'" 1 
HETATM 50   O  "O4'" . BRU A 1 3  ? 0.677   -11.998 1.610   1.00 23.97 ? 3   BRU A "O4'" 1 
HETATM 51   C  "C5'" . BRU A 1 3  ? -1.277  -12.826 0.412   1.00 23.68 ? 3   BRU A "C5'" 1 
HETATM 52   O  "O5'" . BRU A 1 3  ? -0.432  -13.066 -0.682  1.00 24.24 ? 3   BRU A "O5'" 1 
HETATM 53   P  P     . BRU A 1 3  ? -0.887  -14.163 -1.735  1.00 26.78 ? 3   BRU A P     1 
HETATM 54   O  OP1   . BRU A 1 3  ? -2.372  -14.300 -1.730  1.00 27.87 ? 3   BRU A OP1   1 
HETATM 55   O  OP2   . BRU A 1 3  ? -0.204  -13.887 -3.014  1.00 25.45 ? 3   BRU A OP2   1 
ATOM   56   P  P     . DC  A 1 4  ? -2.052  -8.715  -0.607  1.00 24.15 ? 4   DC  A P     1 
ATOM   57   O  OP1   . DC  A 1 4  ? -3.429  -8.315  -0.383  1.00 25.90 ? 4   DC  A OP1   1 
ATOM   58   O  OP2   . DC  A 1 4  ? -1.677  -9.179  -1.964  1.00 23.30 ? 4   DC  A OP2   1 
ATOM   59   O  "O5'" . DC  A 1 4  ? -1.116  -7.533  -0.144  1.00 23.03 ? 4   DC  A "O5'" 1 
ATOM   60   C  "C5'" . DC  A 1 4  ? -1.350  -6.640  0.952   1.00 23.20 ? 4   DC  A "C5'" 1 
ATOM   61   C  "C4'" . DC  A 1 4  ? -0.144  -5.712  1.061   1.00 23.54 ? 4   DC  A "C4'" 1 
ATOM   62   O  "O4'" . DC  A 1 4  ? 1.077   -6.508  1.103   1.00 24.31 ? 4   DC  A "O4'" 1 
ATOM   63   C  "C3'" . DC  A 1 4  ? 0.025   -4.879  -0.193  1.00 22.83 ? 4   DC  A "C3'" 1 
ATOM   64   O  "O3'" . DC  A 1 4  ? -0.838  -3.760  -0.122  1.00 21.14 ? 4   DC  A "O3'" 1 
ATOM   65   C  "C2'" . DC  A 1 4  ? 1.482   -4.489  0.014   1.00 23.78 ? 4   DC  A "C2'" 1 
ATOM   66   C  "C1'" . DC  A 1 4  ? 2.171   -5.739  0.566   1.00 23.38 ? 4   DC  A "C1'" 1 
ATOM   67   N  N1    . DC  A 1 4  ? 2.801   -6.499  -0.508  1.00 22.63 ? 4   DC  A N1    1 
ATOM   68   C  C2    . DC  A 1 4  ? 4.019   -6.113  -0.935  1.00 22.94 ? 4   DC  A C2    1 
ATOM   69   O  O2    . DC  A 1 4  ? 4.511   -5.127  -0.424  1.00 24.42 ? 4   DC  A O2    1 
ATOM   70   N  N3    . DC  A 1 4  ? 4.670   -6.772  -1.915  1.00 21.65 ? 4   DC  A N3    1 
ATOM   71   C  C4    . DC  A 1 4  ? 4.081   -7.812  -2.457  1.00 21.22 ? 4   DC  A C4    1 
ATOM   72   N  N4    . DC  A 1 4  ? 4.713   -8.457  -3.417  1.00 20.54 ? 4   DC  A N4    1 
ATOM   73   C  C5    . DC  A 1 4  ? 2.791   -8.240  -2.027  1.00 21.54 ? 4   DC  A C5    1 
ATOM   74   C  C6    . DC  A 1 4  ? 2.195   -7.550  -1.048  1.00 22.07 ? 4   DC  A C6    1 
ATOM   75   P  P     . DT  A 1 5  ? -1.217  -2.965  -1.443  1.00 20.18 ? 5   DT  A P     1 
ATOM   76   O  OP1   . DT  A 1 5  ? -2.278  -2.039  -1.067  1.00 22.86 ? 5   DT  A OP1   1 
ATOM   77   O  OP2   . DT  A 1 5  ? -1.455  -3.870  -2.571  1.00 17.94 ? 5   DT  A OP2   1 
ATOM   78   O  "O5'" . DT  A 1 5  ? 0.048   -2.131  -1.789  1.00 18.53 ? 5   DT  A "O5'" 1 
ATOM   79   C  "C5'" . DT  A 1 5  ? 0.517   -1.061  -0.990  1.00 18.45 ? 5   DT  A "C5'" 1 
ATOM   80   C  "C4'" . DT  A 1 5  ? 1.919   -0.628  -1.428  1.00 18.64 ? 5   DT  A "C4'" 1 
ATOM   81   O  "O4'" . DT  A 1 5  ? 2.903   -1.693  -1.347  1.00 17.75 ? 5   DT  A "O4'" 1 
ATOM   82   C  "C3'" . DT  A 1 5  ? 1.862   -0.288  -2.890  1.00 18.26 ? 5   DT  A "C3'" 1 
ATOM   83   O  "O3'" . DT  A 1 5  ? 1.264   0.990   -3.022  1.00 18.36 ? 5   DT  A "O3'" 1 
ATOM   84   C  "C2'" . DT  A 1 5  ? 3.341   -0.290  -3.050  1.00 17.33 ? 5   DT  A "C2'" 1 
ATOM   85   C  "C1'" . DT  A 1 5  ? 3.810   -1.575  -2.421  1.00 16.90 ? 5   DT  A "C1'" 1 
ATOM   86   N  N1    . DT  A 1 5  ? 3.743   -2.804  -3.303  1.00 16.24 ? 5   DT  A N1    1 
ATOM   87   C  C2    . DT  A 1 5  ? 4.877   -3.072  -3.987  1.00 16.40 ? 5   DT  A C2    1 
ATOM   88   O  O2    . DT  A 1 5  ? 5.840   -2.315  -3.935  1.00 17.26 ? 5   DT  A O2    1 
ATOM   89   N  N3    . DT  A 1 5  ? 4.865   -4.166  -4.787  1.00 15.34 ? 5   DT  A N3    1 
ATOM   90   C  C4    . DT  A 1 5  ? 3.847   -5.009  -4.960  1.00 16.24 ? 5   DT  A C4    1 
ATOM   91   O  O4    . DT  A 1 5  ? 3.993   -5.956  -5.707  1.00 18.37 ? 5   DT  A O4    1 
ATOM   92   C  C5    . DT  A 1 5  ? 2.683   -4.687  -4.234  1.00 14.91 ? 5   DT  A C5    1 
ATOM   93   C  C7    . DT  A 1 5  ? 1.461   -5.568  -4.402  1.00 14.15 ? 5   DT  A C7    1 
ATOM   94   C  C6    . DT  A 1 5  ? 2.669   -3.625  -3.433  1.00 15.16 ? 5   DT  A C6    1 
ATOM   95   P  P     . DG  A 1 6  ? 0.861   1.670   -4.364  1.00 19.52 ? 6   DG  A P     1 
ATOM   96   O  OP1   . DG  A 1 6  ? -0.082  2.756   -4.148  1.00 21.32 ? 6   DG  A OP1   1 
ATOM   97   O  OP2   . DG  A 1 6  ? 0.425   0.618   -5.242  1.00 18.53 ? 6   DG  A OP2   1 
ATOM   98   O  "O5'" . DG  A 1 6  ? 2.205   2.257   -4.932  1.00 19.64 ? 6   DG  A "O5'" 1 
ATOM   99   C  "C5'" . DG  A 1 6  ? 2.978   3.296   -4.360  1.00 19.89 ? 6   DG  A "C5'" 1 
ATOM   100  C  "C4'" . DG  A 1 6  ? 4.243   3.488   -5.118  1.00 20.52 ? 6   DG  A "C4'" 1 
ATOM   101  O  "O4'" . DG  A 1 6  ? 5.010   2.312   -5.019  1.00 19.71 ? 6   DG  A "O4'" 1 
ATOM   102  C  "C3'" . DG  A 1 6  ? 3.973   3.668   -6.589  1.00 21.24 ? 6   DG  A "C3'" 1 
ATOM   103  O  "O3'" . DG  A 1 6  ? 3.809   5.035   -6.885  1.00 22.67 ? 6   DG  A "O3'" 1 
ATOM   104  C  "C2'" . DG  A 1 6  ? 5.307   3.211   -7.105  1.00 20.17 ? 6   DG  A "C2'" 1 
ATOM   105  C  "C1'" . DG  A 1 6  ? 5.660   2.083   -6.239  1.00 19.03 ? 6   DG  A "C1'" 1 
ATOM   106  N  N9    . DG  A 1 6  ? 5.187   0.810   -6.805  1.00 18.56 ? 6   DG  A N9    1 
ATOM   107  C  C8    . DG  A 1 6  ? 3.952   0.141   -6.686  1.00 17.86 ? 6   DG  A C8    1 
ATOM   108  N  N7    . DG  A 1 6  ? 3.904   -1.014  -7.262  1.00 17.70 ? 6   DG  A N7    1 
ATOM   109  C  C5    . DG  A 1 6  ? 5.213   -1.096  -7.803  1.00 18.20 ? 6   DG  A C5    1 
ATOM   110  C  C6    . DG  A 1 6  ? 5.823   -2.112  -8.558  1.00 18.10 ? 6   DG  A C6    1 
ATOM   111  O  O6    . DG  A 1 6  ? 5.335   -3.177  -8.893  1.00 18.87 ? 6   DG  A O6    1 
ATOM   112  N  N1    . DG  A 1 6  ? 7.115   -1.861  -8.945  1.00 17.45 ? 6   DG  A N1    1 
ATOM   113  C  C2    . DG  A 1 6  ? 7.790   -0.747  -8.631  1.00 17.48 ? 6   DG  A C2    1 
ATOM   114  N  N2    . DG  A 1 6  ? 8.990   -0.667  -9.142  1.00 17.49 ? 6   DG  A N2    1 
ATOM   115  N  N3    . DG  A 1 6  ? 7.291   0.238   -7.912  1.00 18.04 ? 6   DG  A N3    1 
ATOM   116  C  C4    . DG  A 1 6  ? 5.992   0.000   -7.540  1.00 18.38 ? 6   DG  A C4    1 
ATOM   117  P  P     . DG  A 1 7  ? 2.780   5.429   -7.972  1.00 25.36 ? 7   DG  A P     1 
ATOM   118  O  OP1   . DG  A 1 7  ? 2.857   6.868   -8.221  1.00 26.50 ? 7   DG  A OP1   1 
ATOM   119  O  OP2   . DG  A 1 7  ? 1.482   4.853   -7.662  1.00 25.66 ? 7   DG  A OP2   1 
ATOM   120  O  "O5'" . DG  A 1 7  ? 3.192   4.635   -9.268  1.00 25.17 ? 7   DG  A "O5'" 1 
ATOM   121  C  "C5'" . DG  A 1 7  ? 4.248   4.922   -10.156 1.00 24.67 ? 7   DG  A "C5'" 1 
ATOM   122  C  "C4'" . DG  A 1 7  ? 4.650   3.755   -11.128 1.00 24.63 ? 7   DG  A "C4'" 1 
ATOM   123  O  "O4'" . DG  A 1 7  ? 4.676   2.516   -10.440 1.00 24.41 ? 7   DG  A "O4'" 1 
ATOM   124  C  "C3'" . DG  A 1 7  ? 3.706   3.466   -12.246 1.00 24.78 ? 7   DG  A "C3'" 1 
ATOM   125  O  "O3'" . DG  A 1 7  ? 3.889   4.359   -13.369 1.00 25.38 ? 7   DG  A "O3'" 1 
ATOM   126  C  "C2'" . DG  A 1 7  ? 4.270   2.093   -12.618 1.00 24.52 ? 7   DG  A "C2'" 1 
ATOM   127  C  "C1'" . DG  A 1 7  ? 4.904   1.515   -11.385 1.00 23.81 ? 7   DG  A "C1'" 1 
ATOM   128  N  N9    . DG  A 1 7  ? 4.257   0.234   -10.964 1.00 23.40 ? 7   DG  A N9    1 
ATOM   129  C  C8    . DG  A 1 7  ? 3.304   -0.160  -9.981  1.00 23.34 ? 7   DG  A C8    1 
ATOM   130  N  N7    . DG  A 1 7  ? 2.988   -1.452  -9.964  1.00 23.65 ? 7   DG  A N7    1 
ATOM   131  C  C5    . DG  A 1 7  ? 3.808   -1.910  -11.034 1.00 24.55 ? 7   DG  A C5    1 
ATOM   132  C  C6    . DG  A 1 7  ? 3.984   -3.228  -11.595 1.00 25.86 ? 7   DG  A C6    1 
ATOM   133  O  O6    . DG  A 1 7  ? 3.463   -4.295  -11.254 1.00 27.70 ? 7   DG  A O6    1 
ATOM   134  N  N1    . DG  A 1 7  ? 4.897   -3.281  -12.654 1.00 25.01 ? 7   DG  A N1    1 
ATOM   135  C  C2    . DG  A 1 7  ? 5.582   -2.225  -13.154 1.00 24.33 ? 7   DG  A C2    1 
ATOM   136  N  N2    . DG  A 1 7  ? 6.424   -2.493  -14.125 1.00 23.45 ? 7   DG  A N2    1 
ATOM   137  N  N3    . DG  A 1 7  ? 5.447   -0.999  -12.669 1.00 24.49 ? 7   DG  A N3    1 
ATOM   138  C  C4    . DG  A 1 7  ? 4.557   -0.905  -11.621 1.00 24.02 ? 7   DG  A C4    1 
ATOM   139  P  P     . DT  A 1 8  ? 2.872   4.466   -14.562 1.00 26.09 ? 8   DT  A P     1 
ATOM   140  O  OP1   . DT  A 1 8  ? 3.119   5.759   -15.234 1.00 27.83 ? 8   DT  A OP1   1 
ATOM   141  O  OP2   . DT  A 1 8  ? 1.502   4.203   -14.065 1.00 27.42 ? 8   DT  A OP2   1 
ATOM   142  O  "O5'" . DT  A 1 8  ? 3.077   3.336   -15.632 1.00 25.90 ? 8   DT  A "O5'" 1 
ATOM   143  C  "C5'" . DT  A 1 8  ? 4.185   3.425   -16.486 1.00 26.66 ? 8   DT  A "C5'" 1 
ATOM   144  C  "C4'" . DT  A 1 8  ? 4.558   2.061   -17.092 1.00 27.62 ? 8   DT  A "C4'" 1 
ATOM   145  O  "O4'" . DT  A 1 8  ? 4.693   1.069   -16.085 1.00 28.02 ? 8   DT  A "O4'" 1 
ATOM   146  C  "C3'" . DT  A 1 8  ? 3.482   1.504   -17.927 1.00 28.74 ? 8   DT  A "C3'" 1 
ATOM   147  O  "O3'" . DT  A 1 8  ? 3.672   1.896   -19.255 1.00 32.04 ? 8   DT  A "O3'" 1 
ATOM   148  C  "C2'" . DT  A 1 8  ? 3.779   0.079   -17.926 1.00 27.65 ? 8   DT  A "C2'" 1 
ATOM   149  C  "C1'" . DT  A 1 8  ? 4.298   -0.197  -16.588 1.00 27.46 ? 8   DT  A "C1'" 1 
ATOM   150  N  N1    . DT  A 1 8  ? 3.286   -0.695  -15.676 1.00 28.11 ? 8   DT  A N1    1 
ATOM   151  C  C2    . DT  A 1 8  ? 3.119   -2.036  -15.579 1.00 28.29 ? 8   DT  A C2    1 
ATOM   152  O  O2    . DT  A 1 8  ? 3.730   -2.823  -16.277 1.00 28.04 ? 8   DT  A O2    1 
ATOM   153  N  N3    . DT  A 1 8  ? 2.201   -2.482  -14.679 1.00 28.60 ? 8   DT  A N3    1 
ATOM   154  C  C4    . DT  A 1 8  ? 1.454   -1.694  -13.883 1.00 30.02 ? 8   DT  A C4    1 
ATOM   155  O  O4    . DT  A 1 8  ? 0.625   -2.250  -13.181 1.00 31.60 ? 8   DT  A O4    1 
ATOM   156  C  C5    . DT  A 1 8  ? 1.677   -0.287  -14.031 1.00 29.91 ? 8   DT  A C5    1 
ATOM   157  C  C7    . DT  A 1 8  ? 0.895   0.721   -13.227 1.00 30.64 ? 8   DT  A C7    1 
ATOM   158  C  C6    . DT  A 1 8  ? 2.566   0.157   -14.905 1.00 29.18 ? 8   DT  A C6    1 
ATOM   159  P  P     . DC  A 1 9  ? 2.553   1.831   -20.352 1.00 34.34 ? 9   DC  A P     1 
ATOM   160  O  OP1   . DC  A 1 9  ? 3.081   2.545   -21.579 1.00 34.94 ? 9   DC  A OP1   1 
ATOM   161  O  OP2   . DC  A 1 9  ? 1.349   2.344   -19.667 1.00 34.61 ? 9   DC  A OP2   1 
ATOM   162  O  "O5'" . DC  A 1 9  ? 2.302   0.238   -20.691 1.00 34.64 ? 9   DC  A "O5'" 1 
ATOM   163  C  "C5'" . DC  A 1 9  ? 3.227   -0.462  -21.566 1.00 35.72 ? 9   DC  A "C5'" 1 
ATOM   164  C  "C4'" . DC  A 1 9  ? 2.977   -1.960  -21.548 1.00 36.66 ? 9   DC  A "C4'" 1 
ATOM   165  O  "O4'" . DC  A 1 9  ? 2.885   -2.424  -20.179 1.00 36.76 ? 9   DC  A "O4'" 1 
ATOM   166  C  "C3'" . DC  A 1 9  ? 1.643   -2.256  -22.142 1.00 37.44 ? 9   DC  A "C3'" 1 
ATOM   167  O  "O3'" . DC  A 1 9  ? 1.841   -2.435  -23.537 1.00 39.36 ? 9   DC  A "O3'" 1 
ATOM   168  C  "C2'" . DC  A 1 9  ? 1.342   -3.574  -21.424 1.00 37.00 ? 9   DC  A "C2'" 1 
ATOM   169  C  "C1'" . DC  A 1 9  ? 1.956   -3.506  -20.035 1.00 35.95 ? 9   DC  A "C1'" 1 
ATOM   170  N  N1    . DC  A 1 9  ? 0.959   -3.183  -18.971 1.00 33.64 ? 9   DC  A N1    1 
ATOM   171  C  C2    . DC  A 1 9  ? 0.325   -4.237  -18.339 1.00 33.24 ? 9   DC  A C2    1 
ATOM   172  O  O2    . DC  A 1 9  ? 0.509   -5.378  -18.728 1.00 33.96 ? 9   DC  A O2    1 
ATOM   173  N  N3    . DC  A 1 9  ? -0.505  -4.036  -17.286 1.00 32.66 ? 9   DC  A N3    1 
ATOM   174  C  C4    . DC  A 1 9  ? -0.688  -2.781  -16.883 1.00 32.55 ? 9   DC  A C4    1 
ATOM   175  N  N4    . DC  A 1 9  ? -1.483  -2.582  -15.841 1.00 31.80 ? 9   DC  A N4    1 
ATOM   176  C  C5    . DC  A 1 9  ? -0.051  -1.655  -17.525 1.00 32.29 ? 9   DC  A C5    1 
ATOM   177  C  C6    . DC  A 1 9  ? 0.761   -1.912  -18.570 1.00 32.63 ? 9   DC  A C6    1 
ATOM   178  P  P     . DT  A 1 10 ? 0.522   -2.547  -24.477 1.00 40.88 ? 10  DT  A P     1 
ATOM   179  O  OP1   . DT  A 1 10 ? 0.998   -2.715  -25.863 1.00 41.48 ? 10  DT  A OP1   1 
ATOM   180  O  OP2   . DT  A 1 10 ? -0.313  -1.350  -24.162 1.00 40.65 ? 10  DT  A OP2   1 
ATOM   181  O  "O5'" . DT  A 1 10 ? -0.173  -3.952  -23.955 1.00 40.65 ? 10  DT  A "O5'" 1 
ATOM   182  C  "C5'" . DT  A 1 10 ? 0.574   -5.155  -24.263 1.00 41.22 ? 10  DT  A "C5'" 1 
ATOM   183  C  "C4'" . DT  A 1 10 ? -0.093  -6.423  -23.717 1.00 42.32 ? 10  DT  A "C4'" 1 
ATOM   184  O  "O4'" . DT  A 1 10 ? -0.400  -6.321  -22.280 1.00 41.26 ? 10  DT  A "O4'" 1 
ATOM   185  C  "C3'" . DT  A 1 10 ? -1.388  -6.613  -24.511 1.00 43.86 ? 10  DT  A "C3'" 1 
ATOM   186  O  "O3'" . DT  A 1 10 ? -1.520  -7.990  -24.908 1.00 47.14 ? 10  DT  A "O3'" 1 
ATOM   187  C  "C2'" . DT  A 1 10 ? -2.414  -6.216  -23.463 1.00 41.91 ? 10  DT  A "C2'" 1 
ATOM   188  C  "C1'" . DT  A 1 10 ? -1.805  -6.464  -22.079 1.00 39.22 ? 10  DT  A "C1'" 1 
ATOM   189  N  N1    . DT  A 1 10 ? -2.281  -5.424  -21.171 1.00 36.05 ? 10  DT  A N1    1 
ATOM   190  C  C2    . DT  A 1 10 ? -2.895  -5.806  -20.028 1.00 35.02 ? 10  DT  A C2    1 
ATOM   191  O  O2    . DT  A 1 10 ? -3.087  -6.970  -19.757 1.00 36.00 ? 10  DT  A O2    1 
ATOM   192  N  N3    . DT  A 1 10 ? -3.358  -4.876  -19.166 1.00 33.50 ? 10  DT  A N3    1 
ATOM   193  C  C4    . DT  A 1 10 ? -3.262  -3.557  -19.336 1.00 33.47 ? 10  DT  A C4    1 
ATOM   194  O  O4    . DT  A 1 10 ? -3.705  -2.822  -18.452 1.00 32.81 ? 10  DT  A O4    1 
ATOM   195  C  C5    . DT  A 1 10 ? -2.604  -3.204  -20.579 1.00 34.18 ? 10  DT  A C5    1 
ATOM   196  C  C7    . DT  A 1 10 ? -2.452  -1.744  -20.936 1.00 34.47 ? 10  DT  A C7    1 
ATOM   197  C  C6    . DT  A 1 10 ? -2.132  -4.126  -21.439 1.00 34.91 ? 10  DT  A C6    1 
ATOM   198  P  P     . DC  A 1 11 ? -2.749  -8.355  -25.960 1.00 49.33 ? 11  DC  A P     1 
ATOM   199  O  OP1   . DC  A 1 11 ? -2.273  -9.593  -26.679 1.00 49.56 ? 11  DC  A OP1   1 
ATOM   200  O  OP2   . DC  A 1 11 ? -3.200  -7.110  -26.702 1.00 49.23 ? 11  DC  A OP2   1 
ATOM   201  O  "O5'" . DC  A 1 11 ? -3.969  -8.775  -24.896 1.00 49.01 ? 11  DC  A "O5'" 1 
ATOM   202  C  "C5'" . DC  A 1 11 ? -3.817  -10.019 -24.160 1.00 48.32 ? 11  DC  A "C5'" 1 
ATOM   203  C  "C4'" . DC  A 1 11 ? -4.986  -10.241 -23.174 1.00 47.47 ? 11  DC  A "C4'" 1 
ATOM   204  O  "O4'" . DC  A 1 11 ? -5.056  -9.247  -22.116 1.00 46.78 ? 11  DC  A "O4'" 1 
ATOM   205  C  "C3'" . DC  A 1 11 ? -6.262  -10.247 -23.980 1.00 46.72 ? 11  DC  A "C3'" 1 
ATOM   206  O  "O3'" . DC  A 1 11 ? -6.961  -11.384 -23.509 1.00 47.32 ? 11  DC  A "O3'" 1 
ATOM   207  C  "C2'" . DC  A 1 11 ? -6.837  -8.991  -23.518 1.00 46.11 ? 11  DC  A "C2'" 1 
ATOM   208  C  "C1'" . DC  A 1 11 ? -6.385  -8.793  -22.050 1.00 45.71 ? 11  DC  A "C1'" 1 
ATOM   209  N  N1    . DC  A 1 11 ? -6.315  -7.360  -21.642 1.00 44.95 ? 11  DC  A N1    1 
ATOM   210  C  C2    . DC  A 1 11 ? -6.576  -6.969  -20.319 1.00 44.55 ? 11  DC  A C2    1 
ATOM   211  O  O2    . DC  A 1 11 ? -6.867  -7.761  -19.429 1.00 44.75 ? 11  DC  A O2    1 
ATOM   212  N  N3    . DC  A 1 11 ? -6.546  -5.645  -19.971 1.00 44.19 ? 11  DC  A N3    1 
ATOM   213  C  C4    . DC  A 1 11 ? -6.257  -4.727  -20.909 1.00 44.47 ? 11  DC  A C4    1 
ATOM   214  N  N4    . DC  A 1 11 ? -6.223  -3.442  -20.557 1.00 44.03 ? 11  DC  A N4    1 
ATOM   215  C  C5    . DC  A 1 11 ? -5.977  -5.093  -22.280 1.00 44.93 ? 11  DC  A C5    1 
ATOM   216  C  C6    . DC  A 1 11 ? -6.014  -6.410  -22.590 1.00 45.23 ? 11  DC  A C6    1 
ATOM   217  P  P     . DC  A 1 12 ? -8.358  -11.787 -24.216 1.00 47.81 ? 12  DC  A P     1 
ATOM   218  O  OP1   . DC  A 1 12 ? -8.521  -13.284 -24.123 1.00 48.17 ? 12  DC  A OP1   1 
ATOM   219  O  OP2   . DC  A 1 12 ? -8.381  -11.091 -25.547 1.00 46.75 ? 12  DC  A OP2   1 
ATOM   220  O  "O5'" . DC  A 1 12 ? -9.411  -11.102 -23.145 1.00 46.79 ? 12  DC  A "O5'" 1 
ATOM   221  C  "C5'" . DC  A 1 12 ? -9.564  -11.798 -21.897 1.00 45.18 ? 12  DC  A "C5'" 1 
ATOM   222  C  "C4'" . DC  A 1 12 ? -10.550 -11.170 -20.947 1.00 43.53 ? 12  DC  A "C4'" 1 
ATOM   223  O  "O4'" . DC  A 1 12 ? -10.091 -9.843  -20.687 1.00 41.98 ? 12  DC  A "O4'" 1 
ATOM   224  C  "C3'" . DC  A 1 12 ? -11.977 -11.111 -21.504 1.00 43.30 ? 12  DC  A "C3'" 1 
ATOM   225  O  "O3'" . DC  A 1 12 ? -12.935 -11.411 -20.421 1.00 44.62 ? 12  DC  A "O3'" 1 
ATOM   226  C  "C2'" . DC  A 1 12 ? -12.014 -9.650  -21.914 1.00 41.54 ? 12  DC  A "C2'" 1 
ATOM   227  C  "C1'" . DC  A 1 12 ? -11.199 -8.962  -20.819 1.00 39.29 ? 12  DC  A "C1'" 1 
ATOM   228  N  N1    . DC  A 1 12 ? -10.647 -7.637  -21.177 1.00 35.05 ? 12  DC  A N1    1 
ATOM   229  C  C2    . DC  A 1 12 ? -10.785 -6.596  -20.255 1.00 33.60 ? 12  DC  A C2    1 
ATOM   230  O  O2    . DC  A 1 12 ? -11.252 -6.803  -19.122 1.00 33.93 ? 12  DC  A O2    1 
ATOM   231  N  N3    . DC  A 1 12 ? -10.335 -5.352  -20.621 1.00 31.36 ? 12  DC  A N3    1 
ATOM   232  C  C4    . DC  A 1 12 ? -9.778  -5.176  -21.820 1.00 30.31 ? 12  DC  A C4    1 
ATOM   233  N  N4    . DC  A 1 12 ? -9.361  -3.966  -22.136 1.00 29.02 ? 12  DC  A N4    1 
ATOM   234  C  C5    . DC  A 1 12 ? -9.621  -6.238  -22.759 1.00 31.23 ? 12  DC  A C5    1 
ATOM   235  C  C6    . DC  A 1 12 ? -10.073 -7.451  -22.393 1.00 32.73 ? 12  DC  A C6    1 
ATOM   236  O  "O5'" . DG  B 2 1  ? -10.418 2.984   -14.544 1.00 49.25 ? 13  DG  B "O5'" 1 
ATOM   237  C  "C5'" . DG  B 2 1  ? -11.743 2.935   -13.932 1.00 48.47 ? 13  DG  B "C5'" 1 
ATOM   238  C  "C4'" . DG  B 2 1  ? -12.254 1.530   -13.564 1.00 47.42 ? 13  DG  B "C4'" 1 
ATOM   239  O  "O4'" . DG  B 2 1  ? -12.407 0.656   -14.727 1.00 46.02 ? 13  DG  B "O4'" 1 
ATOM   240  C  "C3'" . DG  B 2 1  ? -11.217 0.852   -12.672 1.00 47.43 ? 13  DG  B "C3'" 1 
ATOM   241  O  "O3'" . DG  B 2 1  ? -11.897 0.000   -11.746 1.00 49.20 ? 13  DG  B "O3'" 1 
ATOM   242  C  "C2'" . DG  B 2 1  ? -10.456 0.002   -13.685 1.00 45.66 ? 13  DG  B "C2'" 1 
ATOM   243  C  "C1'" . DG  B 2 1  ? -11.507 -0.456  -14.693 1.00 43.60 ? 13  DG  B "C1'" 1 
ATOM   244  N  N9    . DG  B 2 1  ? -10.949 -0.580  -16.045 1.00 39.76 ? 13  DG  B N9    1 
ATOM   245  C  C8    . DG  B 2 1  ? -10.291 0.364   -16.806 1.00 38.62 ? 13  DG  B C8    1 
ATOM   246  N  N7    . DG  B 2 1  ? -9.898  -0.078  -17.986 1.00 37.35 ? 13  DG  B N7    1 
ATOM   247  C  C5    . DG  B 2 1  ? -10.322 -1.403  -17.998 1.00 36.51 ? 13  DG  B C5    1 
ATOM   248  C  C6    . DG  B 2 1  ? -10.196 -2.405  -18.996 1.00 36.34 ? 13  DG  B C6    1 
ATOM   249  O  O6    . DG  B 2 1  ? -9.723  -2.331  -20.127 1.00 36.90 ? 13  DG  B O6    1 
ATOM   250  N  N1    . DG  B 2 1  ? -10.748 -3.581  -18.617 1.00 35.50 ? 13  DG  B N1    1 
ATOM   251  C  C2    . DG  B 2 1  ? -11.356 -3.788  -17.436 1.00 35.63 ? 13  DG  B C2    1 
ATOM   252  N  N2    . DG  B 2 1  ? -11.822 -5.014  -17.281 1.00 35.78 ? 13  DG  B N2    1 
ATOM   253  N  N3    . DG  B 2 1  ? -11.492 -2.867  -16.483 1.00 35.90 ? 13  DG  B N3    1 
ATOM   254  C  C4    . DG  B 2 1  ? -10.954 -1.701  -16.825 1.00 37.00 ? 13  DG  B C4    1 
ATOM   255  P  P     . DG  B 2 2  ? -11.024 -0.532  -10.495 1.00 50.64 ? 14  DG  B P     1 
ATOM   256  O  OP1   . DG  B 2 2  ? -11.914 -0.572  -9.289  1.00 50.59 ? 14  DG  B OP1   1 
ATOM   257  O  OP2   . DG  B 2 2  ? -9.760  0.261   -10.510 1.00 51.14 ? 14  DG  B OP2   1 
ATOM   258  O  "O5'" . DG  B 2 2  ? -10.726 -2.013  -11.049 1.00 49.46 ? 14  DG  B "O5'" 1 
ATOM   259  C  "C5'" . DG  B 2 2  ? -11.827 -2.859  -10.849 1.00 48.76 ? 14  DG  B "C5'" 1 
ATOM   260  C  "C4'" . DG  B 2 2  ? -11.489 -4.194  -11.403 1.00 48.31 ? 14  DG  B "C4'" 1 
ATOM   261  O  "O4'" . DG  B 2 2  ? -11.079 -3.995  -12.768 1.00 47.67 ? 14  DG  B "O4'" 1 
ATOM   262  C  "C3'" . DG  B 2 2  ? -10.299 -4.838  -10.710 1.00 48.66 ? 14  DG  B "C3'" 1 
ATOM   263  O  "O3'" . DG  B 2 2  ? -10.607 -6.236  -10.507 1.00 50.37 ? 14  DG  B "O3'" 1 
ATOM   264  C  "C2'" . DG  B 2 2  ? -9.192  -4.645  -11.748 1.00 47.30 ? 14  DG  B "C2'" 1 
ATOM   265  C  "C1'" . DG  B 2 2  ? -9.901  -4.750  -13.065 1.00 46.30 ? 14  DG  B "C1'" 1 
ATOM   266  N  N9    . DG  B 2 2  ? -9.151  -4.062  -14.149 1.00 44.24 ? 14  DG  B N9    1 
ATOM   267  C  C8    . DG  B 2 2  ? -8.666  -2.755  -14.207 1.00 43.21 ? 14  DG  B C8    1 
ATOM   268  N  N7    . DG  B 2 2  ? -8.001  -2.482  -15.315 1.00 42.64 ? 14  DG  B N7    1 
ATOM   269  C  C5    . DG  B 2 2  ? -8.054  -3.694  -16.026 1.00 42.40 ? 14  DG  B C5    1 
ATOM   270  C  C6    . DG  B 2 2  ? -7.518  -4.031  -17.288 1.00 42.21 ? 14  DG  B C6    1 
ATOM   271  O  O6    . DG  B 2 2  ? -6.840  -3.325  -18.021 1.00 42.35 ? 14  DG  B O6    1 
ATOM   272  N  N1    . DG  B 2 2  ? -7.778  -5.329  -17.647 1.00 42.19 ? 14  DG  B N1    1 
ATOM   273  C  C2    . DG  B 2 2  ? -8.490  -6.217  -16.882 1.00 43.35 ? 14  DG  B C2    1 
ATOM   274  N  N2    . DG  B 2 2  ? -8.666  -7.431  -17.401 1.00 44.27 ? 14  DG  B N2    1 
ATOM   275  N  N3    . DG  B 2 2  ? -9.008  -5.923  -15.686 1.00 43.11 ? 14  DG  B N3    1 
ATOM   276  C  C4    . DG  B 2 2  ? -8.748  -4.645  -15.322 1.00 43.01 ? 14  DG  B C4    1 
ATOM   277  P  P     . DA  B 2 3  ? -9.492  -7.310  -9.880  1.00 51.27 ? 15  DA  B P     1 
ATOM   278  O  OP1   . DA  B 2 3  ? -10.209 -8.477  -9.244  1.00 51.51 ? 15  DA  B OP1   1 
ATOM   279  O  OP2   . DA  B 2 3  ? -8.467  -6.573  -9.061  1.00 51.62 ? 15  DA  B OP2   1 
ATOM   280  O  "O5'" . DA  B 2 3  ? -8.811  -7.774  -11.309 1.00 49.82 ? 15  DA  B "O5'" 1 
ATOM   281  C  "C5'" . DA  B 2 3  ? -9.501  -8.854  -11.982 1.00 48.12 ? 15  DA  B "C5'" 1 
ATOM   282  C  "C4'" . DA  B 2 3  ? -8.496  -9.816  -12.631 1.00 46.08 ? 15  DA  B "C4'" 1 
ATOM   283  O  "O4'" . DA  B 2 3  ? -7.789  -9.121  -13.695 1.00 44.57 ? 15  DA  B "O4'" 1 
ATOM   284  C  "C3'" . DA  B 2 3  ? -7.451  -10.277 -11.609 1.00 44.91 ? 15  DA  B "C3'" 1 
ATOM   285  O  "O3'" . DA  B 2 3  ? -7.127  -11.631 -11.924 1.00 45.79 ? 15  DA  B "O3'" 1 
ATOM   286  C  "C2'" . DA  B 2 3  ? -6.327  -9.309  -11.877 1.00 42.81 ? 15  DA  B "C2'" 1 
ATOM   287  C  "C1'" . DA  B 2 3  ? -6.420  -8.953  -13.357 1.00 41.40 ? 15  DA  B "C1'" 1 
ATOM   288  N  N9    . DA  B 2 3  ? -6.173  -7.538  -13.664 1.00 37.54 ? 15  DA  B N9    1 
ATOM   289  C  C8    . DA  B 2 3  ? -6.323  -6.419  -12.861 1.00 35.98 ? 15  DA  B C8    1 
ATOM   290  N  N7    . DA  B 2 3  ? -5.902  -5.301  -13.419 1.00 34.48 ? 15  DA  B N7    1 
ATOM   291  C  C5    . DA  B 2 3  ? -5.435  -5.727  -14.681 1.00 34.04 ? 15  DA  B C5    1 
ATOM   292  C  C6    . DA  B 2 3  ? -4.860  -5.035  -15.788 1.00 33.32 ? 15  DA  B C6    1 
ATOM   293  N  N6    . DA  B 2 3  ? -4.650  -3.715  -15.754 1.00 33.07 ? 15  DA  B N6    1 
ATOM   294  N  N1    . DA  B 2 3  ? -4.507  -5.723  -16.899 1.00 32.76 ? 15  DA  B N1    1 
ATOM   295  C  C2    . DA  B 2 3  ? -4.744  -7.039  -16.892 1.00 33.24 ? 15  DA  B C2    1 
ATOM   296  N  N3    . DA  B 2 3  ? -5.278  -7.810  -15.934 1.00 34.29 ? 15  DA  B N3    1 
ATOM   297  C  C4    . DA  B 2 3  ? -5.606  -7.076  -14.835 1.00 35.11 ? 15  DA  B C4    1 
ATOM   298  P  P     . DG  B 2 4  ? -6.023  -12.358 -10.980 1.00 46.79 ? 16  DG  B P     1 
ATOM   299  O  OP1   . DG  B 2 4  ? -6.297  -13.828 -11.014 1.00 47.69 ? 16  DG  B OP1   1 
ATOM   300  O  OP2   . DG  B 2 4  ? -5.833  -11.592 -9.705  1.00 46.59 ? 16  DG  B OP2   1 
ATOM   301  O  "O5'" . DG  B 2 4  ? -4.726  -12.114 -11.833 1.00 44.92 ? 16  DG  B "O5'" 1 
ATOM   302  C  "C5'" . DG  B 2 4  ? -4.643  -12.822 -13.062 1.00 43.07 ? 16  DG  B "C5'" 1 
ATOM   303  C  "C4'" . DG  B 2 4  ? -3.324  -12.398 -13.811 1.00 41.45 ? 16  DG  B "C4'" 1 
ATOM   304  O  "O4'" . DG  B 2 4  ? -3.366  -10.954 -14.135 1.00 40.11 ? 16  DG  B "O4'" 1 
ATOM   305  C  "C3'" . DG  B 2 4  ? -2.125  -12.664 -12.838 1.00 41.22 ? 16  DG  B "C3'" 1 
ATOM   306  O  "O3'" . DG  B 2 4  ? -1.020  -13.095 -13.549 1.00 42.72 ? 16  DG  B "O3'" 1 
ATOM   307  C  "C2'" . DG  B 2 4  ? -1.887  -11.236 -12.344 1.00 39.57 ? 16  DG  B "C2'" 1 
ATOM   308  C  "C1'" . DG  B 2 4  ? -2.186  -10.386 -13.568 1.00 38.18 ? 16  DG  B "C1'" 1 
ATOM   309  N  N9    . DG  B 2 4  ? -2.391  -8.940  -13.278 1.00 34.50 ? 16  DG  B N9    1 
ATOM   310  C  C8    . DG  B 2 4  ? -2.800  -8.262  -12.143 1.00 33.20 ? 16  DG  B C8    1 
ATOM   311  N  N7    . DG  B 2 4  ? -2.742  -6.947  -12.270 1.00 31.95 ? 16  DG  B N7    1 
ATOM   312  C  C5    . DG  B 2 4  ? -2.263  -6.761  -13.585 1.00 31.71 ? 16  DG  B C5    1 
ATOM   313  C  C6    . DG  B 2 4  ? -1.970  -5.593  -14.354 1.00 31.20 ? 16  DG  B C6    1 
ATOM   314  O  O6    . DG  B 2 4  ? -2.065  -4.402  -14.101 1.00 32.06 ? 16  DG  B O6    1 
ATOM   315  N  N1    . DG  B 2 4  ? -1.525  -5.866  -15.592 1.00 29.51 ? 16  DG  B N1    1 
ATOM   316  C  C2    . DG  B 2 4  ? -1.365  -7.090  -16.077 1.00 29.02 ? 16  DG  B C2    1 
ATOM   317  N  N2    . DG  B 2 4  ? -0.942  -7.148  -17.308 1.00 28.28 ? 16  DG  B N2    1 
ATOM   318  N  N3    . DG  B 2 4  ? -1.619  -8.192  -15.418 1.00 29.97 ? 16  DG  B N3    1 
ATOM   319  C  C4    . DG  B 2 4  ? -2.062  -7.970  -14.180 1.00 31.84 ? 16  DG  B C4    1 
ATOM   320  P  P     . DA  B 2 5  ? 0.249   -13.748 -12.734 1.00 44.71 ? 17  DA  B P     1 
ATOM   321  O  OP1   . DA  B 2 5  ? 0.058   -15.202 -12.782 1.00 44.42 ? 17  DA  B OP1   1 
ATOM   322  O  OP2   . DA  B 2 5  ? 0.348   -12.973 -11.522 1.00 45.12 ? 17  DA  B OP2   1 
ATOM   323  O  "O5'" . DA  B 2 5  ? 1.474   -13.232 -13.657 1.00 43.87 ? 17  DA  B "O5'" 1 
ATOM   324  C  "C5'" . DA  B 2 5  ? 1.862   -13.910 -14.886 1.00 41.35 ? 17  DA  B "C5'" 1 
ATOM   325  C  "C4'" . DA  B 2 5  ? 2.418   -12.876 -15.859 1.00 38.94 ? 17  DA  B "C4'" 1 
ATOM   326  O  "O4'" . DA  B 2 5  ? 1.511   -11.821 -16.023 1.00 37.99 ? 17  DA  B "O4'" 1 
ATOM   327  C  "C3'" . DA  B 2 5  ? 3.624   -12.225 -15.315 1.00 37.41 ? 17  DA  B "C3'" 1 
ATOM   328  O  "O3'" . DA  B 2 5  ? 4.751   -13.094 -15.587 1.00 37.17 ? 17  DA  B "O3'" 1 
ATOM   329  C  "C2'" . DA  B 2 5  ? 3.597   -11.115 -16.287 1.00 36.96 ? 17  DA  B "C2'" 1 
ATOM   330  C  "C1'" . DA  B 2 5  ? 2.210   -10.644 -16.304 1.00 35.89 ? 17  DA  B "C1'" 1 
ATOM   331  N  N9    . DA  B 2 5  ? 1.930   -9.683  -15.263 1.00 33.17 ? 17  DA  B N9    1 
ATOM   332  C  C8    . DA  B 2 5  ? 1.429   -9.915  -14.056 1.00 32.94 ? 17  DA  B C8    1 
ATOM   333  N  N7    . DA  B 2 5  ? 1.228   -8.830  -13.351 1.00 32.54 ? 17  DA  B N7    1 
ATOM   334  C  C5    . DA  B 2 5  ? 1.625   -7.798  -14.171 1.00 31.86 ? 17  DA  B C5    1 
ATOM   335  C  C6    . DA  B 2 5  ? 1.662   -6.399  -14.003 1.00 31.02 ? 17  DA  B C6    1 
ATOM   336  N  N6    . DA  B 2 5  ? 1.251   -5.756  -12.948 1.00 30.81 ? 17  DA  B N6    1 
ATOM   337  N  N1    . DA  B 2 5  ? 2.115   -5.650  -14.989 1.00 30.95 ? 17  DA  B N1    1 
ATOM   338  C  C2    . DA  B 2 5  ? 2.514   -6.307  -16.083 1.00 31.09 ? 17  DA  B C2    1 
ATOM   339  N  N3    . DA  B 2 5  ? 2.538   -7.614  -16.383 1.00 31.70 ? 17  DA  B N3    1 
ATOM   340  C  C4    . DA  B 2 5  ? 2.062   -8.322  -15.346 1.00 32.36 ? 17  DA  B C4    1 
ATOM   341  P  P     . DC  B 2 6  ? 6.153   -12.874 -14.874 1.00 36.31 ? 18  DC  B P     1 
ATOM   342  O  OP1   . DC  B 2 6  ? 7.078   -13.871 -15.596 1.00 37.09 ? 18  DC  B OP1   1 
ATOM   343  O  OP2   . DC  B 2 6  ? 5.978   -12.916 -13.349 1.00 36.16 ? 18  DC  B OP2   1 
ATOM   344  O  "O5'" . DC  B 2 6  ? 6.580   -11.329 -15.248 1.00 33.42 ? 18  DC  B "O5'" 1 
ATOM   345  C  "C5'" . DC  B 2 6  ? 7.046   -11.061 -16.574 1.00 30.16 ? 18  DC  B "C5'" 1 
ATOM   346  C  "C4'" . DC  B 2 6  ? 7.285   -9.563  -16.699 1.00 27.19 ? 18  DC  B "C4'" 1 
ATOM   347  O  "O4'" . DC  B 2 6  ? 6.083   -8.887  -16.350 1.00 25.36 ? 18  DC  B "O4'" 1 
ATOM   348  C  "C3'" . DC  B 2 6  ? 8.243   -9.040  -15.650 1.00 26.42 ? 18  DC  B "C3'" 1 
ATOM   349  O  "O3'" . DC  B 2 6  ? 9.603   -9.165  -16.046 1.00 27.16 ? 18  DC  B "O3'" 1 
ATOM   350  C  "C2'" . DC  B 2 6  ? 7.860   -7.624  -15.636 1.00 24.78 ? 18  DC  B "C2'" 1 
ATOM   351  C  "C1'" . DC  B 2 6  ? 6.404   -7.638  -15.774 1.00 23.47 ? 18  DC  B "C1'" 1 
ATOM   352  N  N1    . DC  B 2 6  ? 5.719   -7.527  -14.488 1.00 21.73 ? 18  DC  B N1    1 
ATOM   353  C  C2    . DC  B 2 6  ? 5.469   -6.274  -14.019 1.00 20.88 ? 18  DC  B C2    1 
ATOM   354  O  O2    . DC  B 2 6  ? 5.883   -5.285  -14.603 1.00 21.04 ? 18  DC  B O2    1 
ATOM   355  N  N3    . DC  B 2 6  ? 4.809   -6.103  -12.877 1.00 20.06 ? 18  DC  B N3    1 
ATOM   356  C  C4    . DC  B 2 6  ? 4.419   -7.156  -12.213 1.00 21.48 ? 18  DC  B C4    1 
ATOM   357  N  N4    . DC  B 2 6  ? 3.812   -6.957  -11.062 1.00 22.96 ? 18  DC  B N4    1 
ATOM   358  C  C5    . DC  B 2 6  ? 4.661   -8.470  -12.664 1.00 21.69 ? 18  DC  B C5    1 
ATOM   359  C  C6    . DC  B 2 6  ? 5.319   -8.608  -13.819 1.00 21.49 ? 18  DC  B C6    1 
ATOM   360  P  P     . DC  B 2 7  ? 10.694  -9.097  -14.859 1.00 28.69 ? 19  DC  B P     1 
ATOM   361  O  OP1   . DC  B 2 7  ? 11.959  -9.600  -15.420 1.00 29.72 ? 19  DC  B OP1   1 
ATOM   362  O  OP2   . DC  B 2 7  ? 10.125  -9.661  -13.597 1.00 28.16 ? 19  DC  B OP2   1 
ATOM   363  O  "O5'" . DC  B 2 7  ? 10.926  -7.542  -14.636 1.00 27.38 ? 19  DC  B "O5'" 1 
ATOM   364  C  "C5'" . DC  B 2 7  ? 11.618  -6.684  -15.544 1.00 25.19 ? 19  DC  B "C5'" 1 
ATOM   365  C  "C4'" . DC  B 2 7  ? 11.711  -5.263  -14.958 1.00 23.54 ? 19  DC  B "C4'" 1 
ATOM   366  O  "O4'" . DC  B 2 7  ? 10.434  -4.670  -14.688 1.00 22.77 ? 19  DC  B "O4'" 1 
ATOM   367  C  "C3'" . DC  B 2 7  ? 12.289  -5.363  -13.593 1.00 22.77 ? 19  DC  B "C3'" 1 
ATOM   368  O  "O3'" . DC  B 2 7  ? 13.686  -5.425  -13.685 1.00 23.87 ? 19  DC  B "O3'" 1 
ATOM   369  C  "C2'" . DC  B 2 7  ? 11.872  -4.106  -12.989 1.00 21.81 ? 19  DC  B "C2'" 1 
ATOM   370  C  "C1'" . DC  B 2 7  ? 10.515  -3.852  -13.505 1.00 21.49 ? 19  DC  B "C1'" 1 
ATOM   371  N  N1    . DC  B 2 7  ? 9.472   -4.256  -12.540 1.00 20.15 ? 19  DC  B N1    1 
ATOM   372  C  C2    . DC  B 2 7  ? 9.033   -3.392  -11.592 1.00 19.50 ? 19  DC  B C2    1 
ATOM   373  O  O2    . DC  B 2 7  ? 9.467   -2.271  -11.476 1.00 19.20 ? 19  DC  B O2    1 
ATOM   374  N  N3    . DC  B 2 7  ? 8.062   -3.743  -10.751 1.00 19.45 ? 19  DC  B N3    1 
ATOM   375  C  C4    . DC  B 2 7  ? 7.532   -4.931  -10.854 1.00 19.40 ? 19  DC  B C4    1 
ATOM   376  N  N4    . DC  B 2 7  ? 6.562   -5.269  -10.043 1.00 19.26 ? 19  DC  B N4    1 
ATOM   377  C  C5    . DC  B 2 7  ? 7.955   -5.852  -11.810 1.00 19.26 ? 19  DC  B C5    1 
ATOM   378  C  C6    . DC  B 2 7  ? 8.932   -5.462  -12.629 1.00 19.50 ? 19  DC  B C6    1 
ATOM   379  P  P     . DA  B 2 8  ? 14.538  -5.962  -12.470 1.00 24.28 ? 20  DA  B P     1 
ATOM   380  O  OP1   . DA  B 2 8  ? 15.944  -5.905  -12.882 1.00 24.84 ? 20  DA  B OP1   1 
ATOM   381  O  OP2   . DA  B 2 8  ? 13.954  -7.215  -11.981 1.00 23.94 ? 20  DA  B OP2   1 
ATOM   382  O  "O5'" . DA  B 2 8  ? 14.353  -4.894  -11.372 1.00 23.32 ? 20  DA  B "O5'" 1 
ATOM   383  C  "C5'" . DA  B 2 8  ? 14.431  -5.289  -10.041 1.00 22.82 ? 20  DA  B "C5'" 1 
ATOM   384  C  "C4'" . DA  B 2 8  ? 13.964  -4.164  -9.136  1.00 22.84 ? 20  DA  B "C4'" 1 
ATOM   385  O  "O4'" . DA  B 2 8  ? 12.627  -3.786  -9.449  1.00 22.63 ? 20  DA  B "O4'" 1 
ATOM   386  C  "C3'" . DA  B 2 8  ? 13.867  -4.599  -7.721  1.00 23.33 ? 20  DA  B "C3'" 1 
ATOM   387  O  "O3'" . DA  B 2 8  ? 15.120  -4.478  -7.074  1.00 25.86 ? 20  DA  B "O3'" 1 
ATOM   388  C  "C2'" . DA  B 2 8  ? 12.964  -3.492  -7.216  1.00 22.20 ? 20  DA  B "C2'" 1 
ATOM   389  C  "C1'" . DA  B 2 8  ? 11.936  -3.347  -8.279  1.00 21.60 ? 20  DA  B "C1'" 1 
ATOM   390  N  N9    . DA  B 2 8  ? 10.779  -4.228  -8.148  1.00 19.95 ? 20  DA  B N9    1 
ATOM   391  C  C8    . DA  B 2 8  ? 10.493  -5.368  -8.825  1.00 19.61 ? 20  DA  B C8    1 
ATOM   392  N  N7    . DA  B 2 8  ? 9.361   -5.926  -8.528  1.00 19.63 ? 20  DA  B N7    1 
ATOM   393  C  C5    . DA  B 2 8  ? 8.870   -5.079  -7.574  1.00 19.73 ? 20  DA  B C5    1 
ATOM   394  C  C6    . DA  B 2 8  ? 7.709   -5.113  -6.850  1.00 19.36 ? 20  DA  B C6    1 
ATOM   395  N  N6    . DA  B 2 8  ? 6.797   -6.053  -6.975  1.00 18.90 ? 20  DA  B N6    1 
ATOM   396  N  N1    . DA  B 2 8  ? 7.514   -4.138  -5.986  1.00 19.73 ? 20  DA  B N1    1 
ATOM   397  C  C2    . DA  B 2 8  ? 8.430   -3.187  -5.856  1.00 19.29 ? 20  DA  B C2    1 
ATOM   398  N  N3    . DA  B 2 8  ? 9.581   -3.031  -6.474  1.00 19.45 ? 20  DA  B N3    1 
ATOM   399  C  C4    . DA  B 2 8  ? 9.733   -4.047  -7.333  1.00 19.78 ? 20  DA  B C4    1 
ATOM   400  P  P     . DG  B 2 9  ? 15.423  -5.286  -5.746  1.00 26.67 ? 21  DG  B P     1 
ATOM   401  O  OP1   . DG  B 2 9  ? 16.847  -5.165  -5.374  1.00 27.63 ? 21  DG  B OP1   1 
ATOM   402  O  OP2   . DG  B 2 9  ? 14.920  -6.637  -6.066  1.00 26.92 ? 21  DG  B OP2   1 
ATOM   403  O  "O5'" . DG  B 2 9  ? 14.554  -4.634  -4.567  1.00 25.94 ? 21  DG  B "O5'" 1 
ATOM   404  C  "C5'" . DG  B 2 9  ? 14.906  -3.377  -3.995  1.00 26.17 ? 21  DG  B "C5'" 1 
ATOM   405  C  "C4'" . DG  B 2 9  ? 13.777  -2.804  -3.177  1.00 26.09 ? 21  DG  B "C4'" 1 
ATOM   406  O  "O4'" . DG  B 2 9  ? 12.558  -2.782  -3.944  1.00 25.80 ? 21  DG  B "O4'" 1 
ATOM   407  C  "C3'" . DG  B 2 9  ? 13.485  -3.699  -2.020  1.00 26.30 ? 21  DG  B "C3'" 1 
ATOM   408  O  "O3'" . DG  B 2 9  ? 14.329  -3.396  -0.929  1.00 27.04 ? 21  DG  B "O3'" 1 
ATOM   409  C  "C2'" . DG  B 2 9  ? 12.117  -3.148  -1.730  1.00 26.02 ? 21  DG  B "C2'" 1 
ATOM   410  C  "C1'" . DG  B 2 9  ? 11.440  -3.023  -3.077  1.00 24.67 ? 21  DG  B "C1'" 1 
ATOM   411  N  N9    . DG  B 2 9  ? 10.696  -4.260  -3.468  1.00 22.62 ? 21  DG  B N9    1 
ATOM   412  C  C8    . DG  B 2 9  ? 11.035  -5.249  -4.330  1.00 21.89 ? 21  DG  B C8    1 
ATOM   413  N  N7    . DG  B 2 9  ? 10.122  -6.174  -4.483  1.00 21.75 ? 21  DG  B N7    1 
ATOM   414  C  C5    . DG  B 2 9  ? 9.111   -5.759  -3.651  1.00 22.15 ? 21  DG  B C5    1 
ATOM   415  C  C6    . DG  B 2 9  ? 7.870   -6.331  -3.378  1.00 22.40 ? 21  DG  B C6    1 
ATOM   416  O  O6    . DG  B 2 9  ? 7.402   -7.348  -3.845  1.00 23.54 ? 21  DG  B O6    1 
ATOM   417  N  N1    . DG  B 2 9  ? 7.140   -5.605  -2.490  1.00 22.23 ? 21  DG  B N1    1 
ATOM   418  C  C2    . DG  B 2 9  ? 7.570   -4.445  -1.934  1.00 22.18 ? 21  DG  B C2    1 
ATOM   419  N  N2    . DG  B 2 9  ? 6.711   -3.804  -1.163  1.00 22.17 ? 21  DG  B N2    1 
ATOM   420  N  N3    . DG  B 2 9  ? 8.744   -3.899  -2.175  1.00 21.91 ? 21  DG  B N3    1 
ATOM   421  C  C4    . DG  B 2 9  ? 9.457   -4.602  -3.040  1.00 22.12 ? 21  DG  B C4    1 
ATOM   422  P  P     . DA  B 2 10 ? 14.599  -4.369  0.291   1.00 27.11 ? 22  DA  B P     1 
ATOM   423  O  OP1   . DA  B 2 10 ? 15.656  -3.723  1.111   1.00 27.22 ? 22  DA  B OP1   1 
ATOM   424  O  OP2   . DA  B 2 10 ? 14.790  -5.713  -0.291  1.00 26.70 ? 22  DA  B OP2   1 
ATOM   425  O  "O5'" . DA  B 2 10 ? 13.238  -4.435  1.107   1.00 25.25 ? 22  DA  B "O5'" 1 
ATOM   426  C  "C5'" . DA  B 2 10 ? 12.893  -3.364  1.950   1.00 24.35 ? 22  DA  B "C5'" 1 
ATOM   427  C  "C4'" . DA  B 2 10 ? 11.538  -3.537  2.589   1.00 24.03 ? 22  DA  B "C4'" 1 
ATOM   428  O  "O4'" . DA  B 2 10 ? 10.605  -3.667  1.545   1.00 23.79 ? 22  DA  B "O4'" 1 
ATOM   429  C  "C3'" . DA  B 2 10 ? 11.358  -4.818  3.358   1.00 24.61 ? 22  DA  B "C3'" 1 
ATOM   430  O  "O3'" . DA  B 2 10 ? 11.844  -4.715  4.689   1.00 26.35 ? 22  DA  B "O3'" 1 
ATOM   431  C  "C2'" . DA  B 2 10 ? 9.881   -4.850  3.399   1.00 23.58 ? 22  DA  B "C2'" 1 
ATOM   432  C  "C1'" . DA  B 2 10 ? 9.502   -4.417  2.027   1.00 23.12 ? 22  DA  B "C1'" 1 
ATOM   433  N  N9    . DA  B 2 10 ? 9.382   -5.507  1.133   1.00 22.21 ? 22  DA  B N9    1 
ATOM   434  C  C8    . DA  B 2 10 ? 10.269  -5.932  0.251   1.00 21.99 ? 22  DA  B C8    1 
ATOM   435  N  N7    . DA  B 2 10 ? 9.878   -6.979  -0.383  1.00 22.12 ? 22  DA  B N7    1 
ATOM   436  C  C5    . DA  B 2 10 ? 8.653   -7.263  0.113   1.00 22.04 ? 22  DA  B C5    1 
ATOM   437  C  C6    . DA  B 2 10 ? 7.731   -8.257  -0.156  1.00 22.48 ? 22  DA  B C6    1 
ATOM   438  N  N6    . DA  B 2 10 ? 7.911   -9.210  -1.043  1.00 22.86 ? 22  DA  B N6    1 
ATOM   439  N  N1    . DA  B 2 10 ? 6.599   -8.243  0.526   1.00 23.14 ? 22  DA  B N1    1 
ATOM   440  C  C2    . DA  B 2 10 ? 6.443   -7.282  1.413   1.00 24.01 ? 22  DA  B C2    1 
ATOM   441  N  N3    . DA  B 2 10 ? 7.247   -6.302  1.743   1.00 23.78 ? 22  DA  B N3    1 
ATOM   442  C  C4    . DA  B 2 10 ? 8.351   -6.354  1.042   1.00 22.56 ? 22  DA  B C4    1 
ATOM   443  P  P     . DG  B 2 11 ? 12.480  -5.940  5.485   1.00 27.17 ? 23  DG  B P     1 
ATOM   444  O  OP1   . DG  B 2 11 ? 13.070  -5.390  6.728   1.00 28.16 ? 23  DG  B OP1   1 
ATOM   445  O  OP2   . DG  B 2 11 ? 13.281  -6.803  4.595   1.00 26.32 ? 23  DG  B OP2   1 
ATOM   446  O  "O5'" . DG  B 2 11 ? 11.094  -6.706  5.723   1.00 26.11 ? 23  DG  B "O5'" 1 
ATOM   447  C  "C5'" . DG  B 2 11 ? 10.138  -6.260  6.682   1.00 25.64 ? 23  DG  B "C5'" 1 
ATOM   448  C  "C4'" . DG  B 2 11 ? 8.906   -7.159  6.683   1.00 25.06 ? 23  DG  B "C4'" 1 
ATOM   449  O  "O4'" . DG  B 2 11 ? 8.334   -7.182  5.387   1.00 24.35 ? 23  DG  B "O4'" 1 
ATOM   450  C  "C3'" . DG  B 2 11 ? 9.279   -8.630  6.863   1.00 25.80 ? 23  DG  B "C3'" 1 
ATOM   451  O  "O3'" . DG  B 2 11 ? 9.482   -8.962  8.227   1.00 27.99 ? 23  DG  B "O3'" 1 
ATOM   452  C  "C2'" . DG  B 2 11 ? 8.024   -9.232  6.394   1.00 24.27 ? 23  DG  B "C2'" 1 
ATOM   453  C  "C1'" . DG  B 2 11 ? 7.651   -8.409  5.211   1.00 22.90 ? 23  DG  B "C1'" 1 
ATOM   454  N  N9    . DG  B 2 11 ? 8.107   -9.097  4.048   1.00 20.57 ? 23  DG  B N9    1 
ATOM   455  C  C8    . DG  B 2 11 ? 9.247   -8.912  3.368   1.00 20.27 ? 23  DG  B C8    1 
ATOM   456  N  N7    . DG  B 2 11 ? 9.375   -9.764  2.386   1.00 20.69 ? 23  DG  B N7    1 
ATOM   457  C  C5    . DG  B 2 11 ? 8.232   -10.549 2.440   1.00 19.56 ? 23  DG  B C5    1 
ATOM   458  C  C6    . DG  B 2 11 ? 7.801   -11.630 1.646   1.00 18.79 ? 23  DG  B C6    1 
ATOM   459  O  O6    . DG  B 2 11 ? 8.322   -12.144 0.669   1.00 19.25 ? 23  DG  B O6    1 
ATOM   460  N  N1    . DG  B 2 11 ? 6.610   -12.110 2.054   1.00 18.09 ? 23  DG  B N1    1 
ATOM   461  C  C2    . DG  B 2 11 ? 5.918   -11.611 3.085   1.00 18.91 ? 23  DG  B C2    1 
ATOM   462  N  N2    . DG  B 2 11 ? 4.754   -12.162 3.307   1.00 19.38 ? 23  DG  B N2    1 
ATOM   463  N  N3    . DG  B 2 11 ? 6.292   -10.614 3.840   1.00 19.02 ? 23  DG  B N3    1 
ATOM   464  C  C4    . DG  B 2 11 ? 7.460   -10.131 3.460   1.00 19.52 ? 23  DG  B C4    1 
ATOM   465  P  P     . DG  B 2 12 ? 10.242  -10.289 8.588   1.00 30.35 ? 24  DG  B P     1 
ATOM   466  O  OP1   . DG  B 2 12 ? 11.351  -9.941  9.499   1.00 30.32 ? 24  DG  B OP1   1 
ATOM   467  O  OP2   . DG  B 2 12 ? 10.519  -11.050 7.373   1.00 30.43 ? 24  DG  B OP2   1 
ATOM   468  O  "O5'" . DG  B 2 12 ? 9.034   -11.017 9.361   1.00 30.30 ? 24  DG  B "O5'" 1 
ATOM   469  C  "C5'" . DG  B 2 12 ? 8.550   -12.332 9.008   1.00 30.19 ? 24  DG  B "C5'" 1 
ATOM   470  C  "C4'" . DG  B 2 12 ? 7.174   -12.289 8.374   1.00 30.27 ? 24  DG  B "C4'" 1 
ATOM   471  O  "O4'" . DG  B 2 12 ? 7.343   -12.268 6.941   1.00 29.38 ? 24  DG  B "O4'" 1 
ATOM   472  C  "C3'" . DG  B 2 12 ? 6.344   -13.497 8.642   1.00 30.91 ? 24  DG  B "C3'" 1 
ATOM   473  O  "O3'" . DG  B 2 12 ? 4.984   -13.004 8.505   1.00 33.18 ? 24  DG  B "O3'" 1 
ATOM   474  C  "C2'" . DG  B 2 12 ? 6.831   -14.405 7.504   1.00 29.05 ? 24  DG  B "C2'" 1 
ATOM   475  C  "C1'" . DG  B 2 12 ? 6.867   -13.461 6.322   1.00 27.29 ? 24  DG  B "C1'" 1 
ATOM   476  N  N9    . DG  B 2 12 ? 7.794   -13.774 5.239   1.00 23.59 ? 24  DG  B N9    1 
ATOM   477  C  C8    . DG  B 2 12 ? 8.935   -13.158 4.966   1.00 21.91 ? 24  DG  B C8    1 
ATOM   478  N  N7    . DG  B 2 12 ? 9.505   -13.614 3.904   1.00 21.89 ? 24  DG  B N7    1 
ATOM   479  C  C5    . DG  B 2 12 ? 8.688   -14.608 3.438   1.00 21.75 ? 24  DG  B C5    1 
ATOM   480  C  C6    . DG  B 2 12 ? 8.798   -15.466 2.318   1.00 21.78 ? 24  DG  B C6    1 
ATOM   481  O  O6    . DG  B 2 12 ? 9.650   -15.573 1.460   1.00 21.60 ? 24  DG  B O6    1 
ATOM   482  N  N1    . DG  B 2 12 ? 7.770   -16.316 2.204   1.00 22.05 ? 24  DG  B N1    1 
ATOM   483  C  C2    . DG  B 2 12 ? 6.741   -16.352 3.065   1.00 23.15 ? 24  DG  B C2    1 
ATOM   484  N  N2    . DG  B 2 12 ? 5.800   -17.200 2.758   1.00 23.30 ? 24  DG  B N2    1 
ATOM   485  N  N3    . DG  B 2 12 ? 6.615   -15.567 4.132   1.00 23.70 ? 24  DG  B N3    1 
ATOM   486  C  C4    . DG  B 2 12 ? 7.628   -14.708 4.258   1.00 22.59 ? 24  DG  B C4    1 
ATOM   487  O  "O5'" . DC  C 1 1  ? -15.755 6.108   17.387  1.00 30.02 ? 25  DC  C "O5'" 1 
ATOM   488  C  "C5'" . DC  C 1 1  ? -15.652 4.979   18.316  1.00 28.13 ? 25  DC  C "C5'" 1 
ATOM   489  C  "C4'" . DC  C 1 1  ? -15.666 3.607   17.676  1.00 25.72 ? 25  DC  C "C4'" 1 
ATOM   490  O  "O4'" . DC  C 1 1  ? -16.786 3.528   16.806  1.00 24.06 ? 25  DC  C "O4'" 1 
ATOM   491  C  "C3'" . DC  C 1 1  ? -14.495 3.392   16.793  1.00 25.86 ? 25  DC  C "C3'" 1 
ATOM   492  O  "O3'" . DC  C 1 1  ? -13.314 3.072   17.550  1.00 26.04 ? 25  DC  C "O3'" 1 
ATOM   493  C  "C2'" . DC  C 1 1  ? -15.102 2.185   16.072  1.00 25.01 ? 25  DC  C "C2'" 1 
ATOM   494  C  "C1'" . DC  C 1 1  ? -16.568 2.522   15.851  1.00 23.77 ? 25  DC  C "C1'" 1 
ATOM   495  N  N1    . DC  C 1 1  ? -16.857 3.107   14.533  1.00 23.28 ? 25  DC  C N1    1 
ATOM   496  C  C2    . DC  C 1 1  ? -17.042 2.239   13.491  1.00 24.02 ? 25  DC  C C2    1 
ATOM   497  O  O2    . DC  C 1 1  ? -16.899 1.039   13.669  1.00 25.08 ? 25  DC  C O2    1 
ATOM   498  N  N3    . DC  C 1 1  ? -17.326 2.683   12.243  1.00 23.22 ? 25  DC  C N3    1 
ATOM   499  C  C4    . DC  C 1 1  ? -17.425 3.989   12.036  1.00 22.94 ? 25  DC  C C4    1 
ATOM   500  N  N4    . DC  C 1 1  ? -17.742 4.387   10.804  1.00 23.03 ? 25  DC  C N4    1 
ATOM   501  C  C5    . DC  C 1 1  ? -17.232 4.932   13.110  1.00 22.17 ? 25  DC  C C5    1 
ATOM   502  C  C6    . DC  C 1 1  ? -16.951 4.441   14.335  1.00 22.24 ? 25  DC  C C6    1 
ATOM   503  P  P     . DC  C 1 2  ? -11.840 2.924   16.857  1.00 26.32 ? 26  DC  C P     1 
ATOM   504  O  OP1   . DC  C 1 2  ? -10.893 2.622   17.965  1.00 26.80 ? 26  DC  C OP1   1 
ATOM   505  O  OP2   . DC  C 1 2  ? -11.576 4.098   15.980  1.00 25.50 ? 26  DC  C OP2   1 
ATOM   506  O  "O5'" . DC  C 1 2  ? -11.959 1.610   15.942  1.00 25.38 ? 26  DC  C "O5'" 1 
ATOM   507  C  "C5'" . DC  C 1 2  ? -11.913 0.302   16.541  1.00 25.32 ? 26  DC  C "C5'" 1 
ATOM   508  C  "C4'" . DC  C 1 2  ? -12.173 -0.783  15.521  1.00 25.73 ? 26  DC  C "C4'" 1 
ATOM   509  O  "O4'" . DC  C 1 2  ? -13.355 -0.481  14.774  1.00 25.40 ? 26  DC  C "O4'" 1 
ATOM   510  C  "C3'" . DC  C 1 2  ? -11.094 -0.800  14.485  1.00 26.07 ? 26  DC  C "C3'" 1 
ATOM   511  O  "O3'" . DC  C 1 2  ? -9.978  -1.514  14.989  1.00 26.41 ? 26  DC  C "O3'" 1 
ATOM   512  C  "C2'" . DC  C 1 2  ? -11.791 -1.562  13.395  1.00 25.35 ? 26  DC  C "C2'" 1 
ATOM   513  C  "C1'" . DC  C 1 2  ? -13.169 -0.979  13.440  1.00 24.83 ? 26  DC  C "C1'" 1 
ATOM   514  N  N1    . DC  C 1 2  ? -13.375 0.148   12.501  1.00 24.38 ? 26  DC  C N1    1 
ATOM   515  C  C2    . DC  C 1 2  ? -13.418 -0.091  11.161  1.00 24.75 ? 26  DC  C C2    1 
ATOM   516  O  O2    . DC  C 1 2  ? -13.305 -1.207  10.691  1.00 25.51 ? 26  DC  C O2    1 
ATOM   517  N  N3    . DC  C 1 2  ? -13.652 0.927   10.318  1.00 24.20 ? 26  DC  C N3    1 
ATOM   518  C  C4    . DC  C 1 2  ? -13.851 2.154   10.774  1.00 23.55 ? 26  DC  C C4    1 
ATOM   519  N  N4    . DC  C 1 2  ? -14.108 3.129   9.918   1.00 24.00 ? 26  DC  C N4    1 
ATOM   520  C  C5    . DC  C 1 2  ? -13.816 2.432   12.150  1.00 23.28 ? 26  DC  C C5    1 
ATOM   521  C  C6    . DC  C 1 2  ? -13.572 1.391   12.960  1.00 24.16 ? 26  DC  C C6    1 
HETATM 522  N  N1    . BRU C 1 3  ? -9.781  -1.436  8.991   1.00 25.03 ? 27  BRU C N1    1 
HETATM 523  C  C2    . BRU C 1 3  ? -10.108 -1.026  7.726   1.00 24.89 ? 27  BRU C C2    1 
HETATM 524  N  N3    . BRU C 1 3  ? -10.472 0.267   7.636   1.00 24.29 ? 27  BRU C N3    1 
HETATM 525  C  C4    . BRU C 1 3  ? -10.522 1.157   8.662   1.00 24.55 ? 27  BRU C C4    1 
HETATM 526  C  C5    . BRU C 1 3  ? -10.174 0.660   9.899   1.00 24.81 ? 27  BRU C C5    1 
HETATM 527  C  C6    . BRU C 1 3  ? -9.811  -0.576  10.050  1.00 24.73 ? 27  BRU C C6    1 
HETATM 528  O  O2    . BRU C 1 3  ? -10.113 -1.715  6.710   1.00 25.99 ? 27  BRU C O2    1 
HETATM 529  O  O4    . BRU C 1 3  ? -10.841 2.323   8.529   1.00 24.83 ? 27  BRU C O4    1 
HETATM 530  BR BR    . BRU C 1 3  ? -10.260 1.854   11.305  1.00 28.39 ? 27  BRU C BR    1 
HETATM 531  C  "C1'" . BRU C 1 3  ? -9.443  -2.838  9.201   1.00 25.92 ? 27  BRU C "C1'" 1 
HETATM 532  C  "C2'" . BRU C 1 3  ? -7.970  -3.124  9.104   1.00 26.39 ? 27  BRU C "C2'" 1 
HETATM 533  C  "C3'" . BRU C 1 3  ? -7.409  -3.046  10.502  1.00 26.09 ? 27  BRU C "C3'" 1 
HETATM 534  C  "C4'" . BRU C 1 3  ? -8.534  -3.723  11.202  1.00 26.24 ? 27  BRU C "C4'" 1 
HETATM 535  O  "O3'" . BRU C 1 3  ? -6.222  -3.818  10.578  1.00 25.96 ? 27  BRU C "O3'" 1 
HETATM 536  O  "O4'" . BRU C 1 3  ? -9.701  -3.130  10.578  1.00 26.58 ? 27  BRU C "O4'" 1 
HETATM 537  C  "C5'" . BRU C 1 3  ? -8.451  -3.426  12.675  1.00 25.53 ? 27  BRU C "C5'" 1 
HETATM 538  O  "O5'" . BRU C 1 3  ? -8.605  -2.054  12.875  1.00 24.68 ? 27  BRU C "O5'" 1 
HETATM 539  P  P     . BRU C 1 3  ? -8.511  -1.408  14.328  1.00 26.73 ? 27  BRU C P     1 
HETATM 540  O  OP1   . BRU C 1 3  ? -7.583  -2.168  15.213  1.00 27.90 ? 27  BRU C OP1   1 
HETATM 541  O  OP2   . BRU C 1 3  ? -8.265  0.030   14.132  1.00 25.73 ? 27  BRU C OP2   1 
ATOM   542  P  P     . DC  C 1 4  ? -4.846  -3.105  10.380  1.00 24.00 ? 28  DC  C P     1 
ATOM   543  O  OP1   . DC  C 1 4  ? -3.852  -4.171  10.584  1.00 25.60 ? 28  DC  C OP1   1 
ATOM   544  O  OP2   . DC  C 1 4  ? -4.795  -1.881  11.186  1.00 22.87 ? 28  DC  C OP2   1 
ATOM   545  O  "O5'" . DC  C 1 4  ? -4.965  -2.730  8.840   1.00 21.92 ? 28  DC  C "O5'" 1 
ATOM   546  C  "C5'" . DC  C 1 4  ? -4.771  -3.688  7.829   1.00 21.56 ? 28  DC  C "C5'" 1 
ATOM   547  C  "C4'" . DC  C 1 4  ? -4.985  -3.130  6.423   1.00 21.84 ? 28  DC  C "C4'" 1 
ATOM   548  O  "O4'" . DC  C 1 4  ? -6.261  -2.500  6.353   1.00 22.33 ? 28  DC  C "O4'" 1 
ATOM   549  C  "C3'" . DC  C 1 4  ? -4.052  -2.005  6.072   1.00 22.56 ? 28  DC  C "C3'" 1 
ATOM   550  O  "O3'" . DC  C 1 4  ? -2.788  -2.498  5.551   1.00 21.83 ? 28  DC  C "O3'" 1 
ATOM   551  C  "C2'" . DC  C 1 4  ? -4.887  -1.359  4.956   1.00 22.86 ? 28  DC  C "C2'" 1 
ATOM   552  C  "C1'" . DC  C 1 4  ? -6.325  -1.427  5.382   1.00 22.14 ? 28  DC  C "C1'" 1 
ATOM   553  N  N1    . DC  C 1 4  ? -6.719  -0.100  5.981   1.00 21.57 ? 28  DC  C N1    1 
ATOM   554  C  C2    . DC  C 1 4  ? -7.106  0.904   5.162   1.00 21.25 ? 28  DC  C C2    1 
ATOM   555  O  O2    . DC  C 1 4  ? -7.190  0.683   3.982   1.00 21.89 ? 28  DC  C O2    1 
ATOM   556  N  N3    . DC  C 1 4  ? -7.454  2.109   5.635   1.00 20.21 ? 28  DC  C N3    1 
ATOM   557  C  C4    . DC  C 1 4  ? -7.427  2.308   6.933   1.00 19.74 ? 28  DC  C C4    1 
ATOM   558  N  N4    . DC  C 1 4  ? -7.809  3.474   7.390   1.00 20.03 ? 28  DC  C N4    1 
ATOM   559  C  C5    . DC  C 1 4  ? -7.037  1.306   7.842   1.00 19.95 ? 28  DC  C C5    1 
ATOM   560  C  C6    . DC  C 1 4  ? -6.693  0.121   7.313   1.00 20.97 ? 28  DC  C C6    1 
ATOM   561  P  P     . DT  C 1 5  ? -1.461  -1.652  5.480   1.00 20.63 ? 29  DT  C P     1 
ATOM   562  O  OP1   . DT  C 1 5  ? -0.385  -2.585  5.129   1.00 22.17 ? 29  DT  C OP1   1 
ATOM   563  O  OP2   . DT  C 1 5  ? -1.339  -0.906  6.709   1.00 19.29 ? 29  DT  C OP2   1 
ATOM   564  O  "O5'" . DT  C 1 5  ? -1.726  -0.650  4.337   1.00 19.25 ? 29  DT  C "O5'" 1 
ATOM   565  C  "C5'" . DT  C 1 5  ? -1.751  -1.110  3.003   1.00 19.23 ? 29  DT  C "C5'" 1 
ATOM   566  C  "C4'" . DT  C 1 5  ? -2.111  -0.027  2.033   1.00 19.38 ? 29  DT  C "C4'" 1 
ATOM   567  O  "O4'" . DT  C 1 5  ? -3.428  0.472   2.340   1.00 19.79 ? 29  DT  C "O4'" 1 
ATOM   568  C  "C3'" . DT  C 1 5  ? -1.243  1.160   2.281   1.00 19.84 ? 29  DT  C "C3'" 1 
ATOM   569  O  "O3'" . DT  C 1 5  ? -0.034  1.037   1.595   1.00 21.08 ? 29  DT  C "O3'" 1 
ATOM   570  C  "C2'" . DT  C 1 5  ? -2.096  2.131   1.626   1.00 19.21 ? 29  DT  C "C2'" 1 
ATOM   571  C  "C1'" . DT  C 1 5  ? -3.477  1.849   2.084   1.00 18.65 ? 29  DT  C "C1'" 1 
ATOM   572  N  N1    . DT  C 1 5  ? -3.838  2.605   3.306   1.00 17.82 ? 29  DT  C N1    1 
ATOM   573  C  C2    . DT  C 1 5  ? -4.441  3.803   3.128   1.00 17.79 ? 29  DT  C C2    1 
ATOM   574  O  O2    . DT  C 1 5  ? -4.682  4.294   2.033   1.00 19.10 ? 29  DT  C O2    1 
ATOM   575  N  N3    . DT  C 1 5  ? -4.743  4.479   4.252   1.00 16.60 ? 29  DT  C N3    1 
ATOM   576  C  C4    . DT  C 1 5  ? -4.516  4.096   5.513   1.00 16.58 ? 29  DT  C C4    1 
ATOM   577  O  O4    . DT  C 1 5  ? -4.833  4.836   6.419   1.00 17.66 ? 29  DT  C O4    1 
ATOM   578  C  C5    . DT  C 1 5  ? -3.890  2.856   5.638   1.00 16.10 ? 29  DT  C C5    1 
ATOM   579  C  C7    . DT  C 1 5  ? -3.540  2.371   7.007   1.00 15.59 ? 29  DT  C C7    1 
ATOM   580  C  C6    . DT  C 1 5  ? -3.581  2.156   4.558   1.00 17.21 ? 29  DT  C C6    1 
ATOM   581  P  P     . DG  C 1 6  ? 1.255   1.881   1.827   1.00 21.80 ? 30  DG  C P     1 
ATOM   582  O  OP1   . DG  C 1 6  ? 2.315   1.134   1.162   1.00 24.59 ? 30  DG  C OP1   1 
ATOM   583  O  OP2   . DG  C 1 6  ? 1.444   2.171   3.237   1.00 20.80 ? 30  DG  C OP2   1 
ATOM   584  O  "O5'" . DG  C 1 6  ? 1.030   3.204   1.051   1.00 21.46 ? 30  DG  C "O5'" 1 
ATOM   585  C  "C5'" . DG  C 1 6  ? 0.952   3.240   -0.370  1.00 21.20 ? 30  DG  C "C5'" 1 
ATOM   586  C  "C4'" . DG  C 1 6  ? 0.441   4.601   -0.915  1.00 20.62 ? 30  DG  C "C4'" 1 
ATOM   587  O  "O4'" . DG  C 1 6  ? -0.885  4.921   -0.447  1.00 18.72 ? 30  DG  C "O4'" 1 
ATOM   588  C  "C3'" . DG  C 1 6  ? 1.360   5.714   -0.477  1.00 20.56 ? 30  DG  C "C3'" 1 
ATOM   589  O  "O3'" . DG  C 1 6  ? 2.408   5.875   -1.427  1.00 21.91 ? 30  DG  C "O3'" 1 
ATOM   590  C  "C2'" . DG  C 1 6  ? 0.347   6.827   -0.626  1.00 18.67 ? 30  DG  C "C2'" 1 
ATOM   591  C  "C1'" . DG  C 1 6  ? -0.953  6.291   -0.136  1.00 16.76 ? 30  DG  C "C1'" 1 
ATOM   592  N  N9    . DG  C 1 6  ? -1.110  6.475   1.320   1.00 14.04 ? 30  DG  C N9    1 
ATOM   593  C  C8    . DG  C 1 6  ? -0.757  5.696   2.424   1.00 12.16 ? 30  DG  C C8    1 
ATOM   594  N  N7    . DG  C 1 6  ? -1.133  6.190   3.548   1.00 12.33 ? 30  DG  C N7    1 
ATOM   595  C  C5    . DG  C 1 6  ? -1.768  7.362   3.154   1.00 12.08 ? 30  DG  C C5    1 
ATOM   596  C  C6    . DG  C 1 6  ? -2.399  8.355   3.897   1.00 12.26 ? 30  DG  C C6    1 
ATOM   597  O  O6    . DG  C 1 6  ? -2.578  8.395   5.094   1.00 13.16 ? 30  DG  C O6    1 
ATOM   598  N  N1    . DG  C 1 6  ? -2.899  9.392   3.169   1.00 11.09 ? 30  DG  C N1    1 
ATOM   599  C  C2    . DG  C 1 6  ? -2.821  9.484   1.852   1.00 11.32 ? 30  DG  C C2    1 
ATOM   600  N  N2    . DG  C 1 6  ? -3.168  10.642  1.359   1.00 11.57 ? 30  DG  C N2    1 
ATOM   601  N  N3    . DG  C 1 6  ? -2.269  8.562   1.114   1.00 11.52 ? 30  DG  C N3    1 
ATOM   602  C  C4    . DG  C 1 6  ? -1.754  7.541   1.819   1.00 12.38 ? 30  DG  C C4    1 
ATOM   603  P  P     . DG  C 1 7  ? 3.859   6.183   -0.902  1.00 24.64 ? 31  DG  C P     1 
ATOM   604  O  OP1   . DG  C 1 7  ? 4.704   6.514   -2.049  1.00 26.43 ? 31  DG  C OP1   1 
ATOM   605  O  OP2   . DG  C 1 7  ? 4.310   5.121   -0.005  1.00 25.67 ? 31  DG  C OP2   1 
ATOM   606  O  "O5'" . DG  C 1 7  ? 3.779   7.433   0.053   1.00 23.96 ? 31  DG  C "O5'" 1 
ATOM   607  C  "C5'" . DG  C 1 7  ? 3.670   8.787   -0.356  1.00 22.61 ? 31  DG  C "C5'" 1 
ATOM   608  C  "C4'" . DG  C 1 7  ? 3.089   9.772   0.724   1.00 21.70 ? 31  DG  C "C4'" 1 
ATOM   609  O  "O4'" . DG  C 1 7  ? 2.044   9.172   1.459   1.00 21.17 ? 31  DG  C "O4'" 1 
ATOM   610  C  "C3'" . DG  C 1 7  ? 3.965   10.084  1.840   1.00 21.70 ? 31  DG  C "C3'" 1 
ATOM   611  O  "O3'" . DG  C 1 7  ? 4.930   11.033  1.444   1.00 23.79 ? 31  DG  C "O3'" 1 
ATOM   612  C  "C2'" . DG  C 1 7  ? 2.952   10.733  2.725   1.00 20.69 ? 31  DG  C "C2'" 1 
ATOM   613  C  "C1'" . DG  C 1 7  ? 1.678   10.045  2.483   1.00 20.19 ? 31  DG  C "C1'" 1 
ATOM   614  N  N9    . DG  C 1 7  ? 1.206   9.294   3.693   1.00 19.66 ? 31  DG  C N9    1 
ATOM   615  C  C8    . DG  C 1 7  ? 1.201   7.919   4.096   1.00 19.43 ? 31  DG  C C8    1 
ATOM   616  N  N7    . DG  C 1 7  ? 0.650   7.708   5.292   1.00 19.60 ? 31  DG  C N7    1 
ATOM   617  C  C5    . DG  C 1 7  ? 0.283   9.027   5.664   1.00 19.53 ? 31  DG  C C5    1 
ATOM   618  C  C6    . DG  C 1 7  ? -0.356  9.545   6.815   1.00 19.65 ? 31  DG  C C6    1 
ATOM   619  O  O6    . DG  C 1 7  ? -0.832  8.960   7.770   1.00 21.01 ? 31  DG  C O6    1 
ATOM   620  N  N1    . DG  C 1 7  ? -0.540  10.903  6.802   1.00 18.98 ? 31  DG  C N1    1 
ATOM   621  C  C2    . DG  C 1 7  ? -0.172  11.740  5.828   1.00 18.32 ? 31  DG  C C2    1 
ATOM   622  N  N2    . DG  C 1 7  ? -0.471  13.010  6.005   1.00 17.82 ? 31  DG  C N2    1 
ATOM   623  N  N3    . DG  C 1 7  ? 0.414   11.318  4.743   1.00 18.50 ? 31  DG  C N3    1 
ATOM   624  C  C4    . DG  C 1 7  ? 0.616   9.966   4.715   1.00 19.05 ? 31  DG  C C4    1 
ATOM   625  P  P     . DT  C 1 8  ? 6.288   11.296  2.226   1.00 25.21 ? 32  DT  C P     1 
ATOM   626  O  OP1   . DT  C 1 8  ? 7.200   11.929  1.272   1.00 26.41 ? 32  DT  C OP1   1 
ATOM   627  O  OP2   . DT  C 1 8  ? 6.695   10.078  2.926   1.00 25.19 ? 32  DT  C OP2   1 
ATOM   628  O  "O5'" . DT  C 1 8  ? 6.019   12.319  3.367   1.00 25.36 ? 32  DT  C "O5'" 1 
ATOM   629  C  "C5'" . DT  C 1 8  ? 5.789   13.687  3.070   1.00 25.81 ? 32  DT  C "C5'" 1 
ATOM   630  C  "C4'" . DT  C 1 8  ? 4.988   14.420  4.204   1.00 27.09 ? 32  DT  C "C4'" 1 
ATOM   631  O  "O4'" . DT  C 1 8  ? 3.747   13.736  4.551   1.00 27.95 ? 32  DT  C "O4'" 1 
ATOM   632  C  "C3'" . DT  C 1 8  ? 5.813   14.499  5.455   1.00 28.24 ? 32  DT  C "C3'" 1 
ATOM   633  O  "O3'" . DT  C 1 8  ? 6.515   15.745  5.508   1.00 30.65 ? 32  DT  C "O3'" 1 
ATOM   634  C  "C2'" . DT  C 1 8  ? 4.687   14.581  6.437   1.00 28.05 ? 32  DT  C "C2'" 1 
ATOM   635  C  "C1'" . DT  C 1 8  ? 3.528   13.824  5.944   1.00 28.01 ? 32  DT  C "C1'" 1 
ATOM   636  N  N1    . DT  C 1 8  ? 3.489   12.479  6.522   1.00 28.81 ? 32  DT  C N1    1 
ATOM   637  C  C2    . DT  C 1 8  ? 2.749   12.299  7.664   1.00 29.91 ? 32  DT  C C2    1 
ATOM   638  O  O2    . DT  C 1 8  ? 2.240   13.208  8.310   1.00 30.77 ? 32  DT  C O2    1 
ATOM   639  N  N3    . DT  C 1 8  ? 2.639   11.010  8.128   1.00 29.71 ? 32  DT  C N3    1 
ATOM   640  C  C4    . DT  C 1 8  ? 3.200   9.910   7.566   1.00 30.05 ? 32  DT  C C4    1 
ATOM   641  O  O4    . DT  C 1 8  ? 3.023   8.845   8.138   1.00 31.51 ? 32  DT  C O4    1 
ATOM   642  C  C5    . DT  C 1 8  ? 3.973   10.154  6.387   1.00 29.47 ? 32  DT  C C5    1 
ATOM   643  C  C7    . DT  C 1 8  ? 4.658   9.021   5.664   1.00 29.11 ? 32  DT  C C7    1 
ATOM   644  C  C6    . DT  C 1 8  ? 4.093   11.404  5.912   1.00 29.51 ? 32  DT  C C6    1 
ATOM   645  P  P     . DC  C 1 9  ? 7.751   16.014  6.490   1.00 31.82 ? 33  DC  C P     1 
ATOM   646  O  OP1   . DC  C 1 9  ? 8.308   17.338  6.150   1.00 33.02 ? 33  DC  C OP1   1 
ATOM   647  O  OP2   . DC  C 1 9  ? 8.608   14.820  6.425   1.00 31.88 ? 33  DC  C OP2   1 
ATOM   648  O  "O5'" . DC  C 1 9  ? 7.090   16.058  7.927   1.00 30.71 ? 33  DC  C "O5'" 1 
ATOM   649  C  "C5'" . DC  C 1 9  ? 6.363   17.192  8.319   1.00 30.82 ? 33  DC  C "C5'" 1 
ATOM   650  C  "C4'" . DC  C 1 9  ? 5.766   16.895  9.675   1.00 31.74 ? 33  DC  C "C4'" 1 
ATOM   651  O  "O4'" . DC  C 1 9  ? 5.041   15.675  9.600   1.00 31.53 ? 33  DC  C "O4'" 1 
ATOM   652  C  "C3'" . DC  C 1 9  ? 6.794   16.592  10.713  1.00 32.79 ? 33  DC  C "C3'" 1 
ATOM   653  O  "O3'" . DC  C 1 9  ? 7.180   17.817  11.311  1.00 35.57 ? 33  DC  C "O3'" 1 
ATOM   654  C  "C2'" . DC  C 1 9  ? 5.970   15.782  11.664  1.00 32.00 ? 33  DC  C "C2'" 1 
ATOM   655  C  "C1'" . DC  C 1 9  ? 4.922   15.067  10.884  1.00 30.78 ? 33  DC  C "C1'" 1 
ATOM   656  N  N1    . DC  C 1 9  ? 5.174   13.626  10.725  1.00 28.83 ? 33  DC  C N1    1 
ATOM   657  C  C2    . DC  C 1 9  ? 4.558   12.753  11.592  1.00 28.13 ? 33  DC  C C2    1 
ATOM   658  O  O2    . DC  C 1 9  ? 3.895   13.184  12.526  1.00 27.63 ? 33  DC  C O2    1 
ATOM   659  N  N3    . DC  C 1 9  ? 4.692   11.419  11.419  1.00 27.76 ? 33  DC  C N3    1 
ATOM   660  C  C4    . DC  C 1 9  ? 5.426   10.990  10.394  1.00 27.98 ? 33  DC  C C4    1 
ATOM   661  N  N4    . DC  C 1 9  ? 5.520   9.674   10.162  1.00 28.91 ? 33  DC  C N4    1 
ATOM   662  C  C5    . DC  C 1 9  ? 6.084   11.891  9.490   1.00 27.10 ? 33  DC  C C5    1 
ATOM   663  C  C6    . DC  C 1 9  ? 5.928   13.201  9.699   1.00 27.09 ? 33  DC  C C6    1 
ATOM   664  P  P     . DT  C 1 10 ? 8.361   17.923  12.400  1.00 38.24 ? 34  DT  C P     1 
ATOM   665  O  OP1   . DT  C 1 10 ? 8.563   19.346  12.725  1.00 38.58 ? 34  DT  C OP1   1 
ATOM   666  O  OP2   . DT  C 1 10 ? 9.507   17.091  11.937  1.00 38.47 ? 34  DT  C OP2   1 
ATOM   667  O  "O5'" . DT  C 1 10 ? 7.742   17.239  13.734  1.00 38.09 ? 34  DT  C "O5'" 1 
ATOM   668  C  "C5'" . DT  C 1 10 ? 6.673   17.862  14.461  1.00 38.67 ? 34  DT  C "C5'" 1 
ATOM   669  C  "C4'" . DT  C 1 10 ? 6.247   17.079  15.764  1.00 39.64 ? 34  DT  C "C4'" 1 
ATOM   670  O  "O4'" . DT  C 1 10 ? 5.859   15.675  15.526  1.00 38.99 ? 34  DT  C "O4'" 1 
ATOM   671  C  "C3'" . DT  C 1 10 ? 7.446   17.089  16.741  1.00 41.28 ? 34  DT  C "C3'" 1 
ATOM   672  O  "O3'" . DT  C 1 10 ? 6.934   17.199  18.065  1.00 44.00 ? 34  DT  C "O3'" 1 
ATOM   673  C  "C2'" . DT  C 1 10 ? 8.062   15.715  16.499  1.00 39.86 ? 34  DT  C "C2'" 1 
ATOM   674  C  "C1'" . DT  C 1 10 ? 6.861   14.799  16.090  1.00 38.18 ? 34  DT  C "C1'" 1 
ATOM   675  N  N1    . DT  C 1 10 ? 7.248   13.775  15.074  1.00 36.07 ? 34  DT  C N1    1 
ATOM   676  C  C2    . DT  C 1 10 ? 6.705   12.543  15.158  1.00 34.87 ? 34  DT  C C2    1 
ATOM   677  O  O2    . DT  C 1 10 ? 5.972   12.206  16.052  1.00 34.89 ? 34  DT  C O2    1 
ATOM   678  N  N3    . DT  C 1 10 ? 7.020   11.642  14.228  1.00 34.37 ? 34  DT  C N3    1 
ATOM   679  C  C4    . DT  C 1 10 ? 7.844   11.863  13.205  1.00 35.53 ? 34  DT  C C4    1 
ATOM   680  O  O4    . DT  C 1 10 ? 8.083   10.972  12.416  1.00 36.20 ? 34  DT  C O4    1 
ATOM   681  C  C5    . DT  C 1 10 ? 8.405   13.153  13.137  1.00 36.33 ? 34  DT  C C5    1 
ATOM   682  C  C7    . DT  C 1 10 ? 9.381   13.468  11.995  1.00 36.73 ? 34  DT  C C7    1 
ATOM   683  C  C6    . DT  C 1 10 ? 8.089   14.058  14.066  1.00 36.31 ? 34  DT  C C6    1 
ATOM   684  P  P     . DC  C 1 11 ? 7.929   17.157  19.368  1.00 46.15 ? 35  DC  C P     1 
ATOM   685  O  OP1   . DC  C 1 11 ? 7.197   17.938  20.413  1.00 46.45 ? 35  DC  C OP1   1 
ATOM   686  O  OP2   . DC  C 1 11 ? 9.373   17.377  19.008  1.00 45.78 ? 35  DC  C OP2   1 
ATOM   687  O  "O5'" . DC  C 1 11 ? 7.792   15.594  19.723  1.00 46.04 ? 35  DC  C "O5'" 1 
ATOM   688  C  "C5'" . DC  C 1 11 ? 6.526   15.184  20.236  1.00 45.86 ? 35  DC  C "C5'" 1 
ATOM   689  C  "C4'" . DC  C 1 11 ? 6.536   13.730  20.759  1.00 45.40 ? 35  DC  C "C4'" 1 
ATOM   690  O  "O4'" . DC  C 1 11 ? 6.650   12.725  19.694  1.00 44.66 ? 35  DC  C "O4'" 1 
ATOM   691  C  "C3'" . DC  C 1 11 ? 7.729   13.584  21.749  1.00 45.03 ? 35  DC  C "C3'" 1 
ATOM   692  O  "O3'" . DC  C 1 11 ? 7.303   12.706  22.776  1.00 45.45 ? 35  DC  C "O3'" 1 
ATOM   693  C  "C2'" . DC  C 1 11 ? 8.731   12.889  20.862  1.00 44.50 ? 35  DC  C "C2'" 1 
ATOM   694  C  "C1'" . DC  C 1 11 ? 7.862   11.997  19.923  1.00 43.23 ? 35  DC  C "C1'" 1 
ATOM   695  N  N1    . DC  C 1 11 ? 8.522   11.722  18.611  1.00 41.24 ? 35  DC  C N1    1 
ATOM   696  C  C2    . DC  C 1 11 ? 8.394   10.433  18.089  1.00 40.77 ? 35  DC  C C2    1 
ATOM   697  O  O2    . DC  C 1 11 ? 7.735   9.569   18.667  1.00 40.92 ? 35  DC  C O2    1 
ATOM   698  N  N3    . DC  C 1 11 ? 9.022   10.091  16.934  1.00 39.87 ? 35  DC  C N3    1 
ATOM   699  C  C4    . DC  C 1 11 ? 9.759   11.009  16.318  1.00 39.76 ? 35  DC  C C4    1 
ATOM   700  N  N4    . DC  C 1 11 ? 10.400  10.611  15.228  1.00 39.38 ? 35  DC  C N4    1 
ATOM   701  C  C5    . DC  C 1 11 ? 9.907   12.354  16.821  1.00 39.94 ? 35  DC  C C5    1 
ATOM   702  C  C6    . DC  C 1 11 ? 9.267   12.661  17.972  1.00 40.32 ? 35  DC  C C6    1 
ATOM   703  P  P     . DC  C 1 12 ? 8.241   12.523  24.069  1.00 45.49 ? 36  DC  C P     1 
ATOM   704  O  OP1   . DC  C 1 12 ? 7.247   12.383  25.192  1.00 46.00 ? 36  DC  C OP1   1 
ATOM   705  O  OP2   . DC  C 1 12 ? 9.253   13.640  24.040  1.00 44.23 ? 36  DC  C OP2   1 
ATOM   706  O  "O5'" . DC  C 1 12 ? 8.886   11.029  23.664  1.00 43.99 ? 36  DC  C "O5'" 1 
ATOM   707  C  "C5'" . DC  C 1 12 ? 7.841   10.045  23.790  1.00 42.45 ? 36  DC  C "C5'" 1 
ATOM   708  C  "C4'" . DC  C 1 12 ? 8.242   8.625   23.525  1.00 41.19 ? 36  DC  C "C4'" 1 
ATOM   709  O  "O4'" . DC  C 1 12 ? 8.651   8.514   22.131  1.00 40.08 ? 36  DC  C "O4'" 1 
ATOM   710  C  "C3'" . DC  C 1 12 ? 9.406   8.204   24.420  1.00 40.71 ? 36  DC  C "C3'" 1 
ATOM   711  O  "O3'" . DC  C 1 12 ? 9.217   6.787   24.772  1.00 41.92 ? 36  DC  C "O3'" 1 
ATOM   712  C  "C2'" . DC  C 1 12 ? 10.576  8.453   23.442  1.00 39.02 ? 36  DC  C "C2'" 1 
ATOM   713  C  "C1'" . DC  C 1 12 ? 10.014  8.026   22.063  1.00 37.34 ? 36  DC  C "C1'" 1 
ATOM   714  N  N1    . DC  C 1 12 ? 10.705  8.657   20.893  1.00 33.07 ? 36  DC  C N1    1 
ATOM   715  C  C2    . DC  C 1 12 ? 10.920  7.916   19.758  1.00 30.95 ? 36  DC  C C2    1 
ATOM   716  O  O2    . DC  C 1 12 ? 10.491  6.780   19.665  1.00 31.08 ? 36  DC  C O2    1 
ATOM   717  N  N3    . DC  C 1 12 ? 11.579  8.434   18.711  1.00 29.22 ? 36  DC  C N3    1 
ATOM   718  C  C4    . DC  C 1 12 ? 12.004  9.676   18.798  1.00 29.24 ? 36  DC  C C4    1 
ATOM   719  N  N4    . DC  C 1 12 ? 12.672  10.177  17.781  1.00 28.25 ? 36  DC  C N4    1 
ATOM   720  C  C5    . DC  C 1 12 ? 11.789  10.481  19.956  1.00 30.13 ? 36  DC  C C5    1 
ATOM   721  C  C6    . DC  C 1 12 ? 11.133  9.919   20.980  1.00 31.34 ? 36  DC  C C6    1 
ATOM   722  O  "O5'" . DG  D 2 1  ? 14.779  2.808   10.540  1.00 50.62 ? 37  DG  D "O5'" 1 
ATOM   723  C  "C5'" . DG  D 2 1  ? 14.944  1.556   11.254  1.00 49.42 ? 37  DG  D "C5'" 1 
ATOM   724  C  "C4'" . DG  D 2 1  ? 13.799  1.306   12.297  1.00 48.42 ? 37  DG  D "C4'" 1 
ATOM   725  O  "O4'" . DG  D 2 1  ? 13.788  2.363   13.326  1.00 46.82 ? 37  DG  D "O4'" 1 
ATOM   726  C  "C3'" . DG  D 2 1  ? 12.374  1.262   11.616  1.00 48.46 ? 37  DG  D "C3'" 1 
ATOM   727  O  "O3'" . DG  D 2 1  ? 11.639  0.305   12.412  1.00 50.31 ? 37  DG  D "O3'" 1 
ATOM   728  C  "C2'" . DG  D 2 1  ? 11.917  2.714   11.869  1.00 46.40 ? 37  DG  D "C2'" 1 
ATOM   729  C  "C1'" . DG  D 2 1  ? 12.488  2.992   13.291  1.00 44.01 ? 37  DG  D "C1'" 1 
ATOM   730  N  N9    . DG  D 2 1  ? 12.719  4.419   13.583  1.00 39.22 ? 37  DG  D N9    1 
ATOM   731  C  C8    . DG  D 2 1  ? 13.227  5.405   12.764  1.00 37.97 ? 37  DG  D C8    1 
ATOM   732  N  N7    . DG  D 2 1  ? 13.298  6.581   13.347  1.00 36.27 ? 37  DG  D N7    1 
ATOM   733  C  C5    . DG  D 2 1  ? 12.798  6.350   14.641  1.00 34.98 ? 37  DG  D C5    1 
ATOM   734  C  C6    . DG  D 2 1  ? 12.633  7.245   15.728  1.00 34.02 ? 37  DG  D C6    1 
ATOM   735  O  O6    . DG  D 2 1  ? 12.941  8.437   15.781  1.00 34.51 ? 37  DG  D O6    1 
ATOM   736  N  N1    . DG  D 2 1  ? 12.097  6.611   16.825  1.00 32.77 ? 37  DG  D N1    1 
ATOM   737  C  C2    . DG  D 2 1  ? 11.774  5.286   16.880  1.00 32.55 ? 37  DG  D C2    1 
ATOM   738  N  N2    . DG  D 2 1  ? 11.266  4.881   18.016  1.00 31.90 ? 37  DG  D N2    1 
ATOM   739  N  N3    . DG  D 2 1  ? 11.928  4.419   15.883  1.00 33.68 ? 37  DG  D N3    1 
ATOM   740  C  C4    . DG  D 2 1  ? 12.440  5.033   14.787  1.00 35.80 ? 37  DG  D C4    1 
ATOM   741  P  P     . DG  D 2 2  ? 10.228  -0.306  11.834  1.00 51.83 ? 38  DG  D P     1 
ATOM   742  O  OP1   . DG  D 2 2  ? 10.298  -1.810  11.754  1.00 52.11 ? 38  DG  D OP1   1 
ATOM   743  O  OP2   . DG  D 2 2  ? 9.886   0.487   10.608  1.00 52.05 ? 38  DG  D OP2   1 
ATOM   744  O  "O5'" . DG  D 2 2  ? 9.314   0.180   13.108  1.00 50.39 ? 38  DG  D "O5'" 1 
ATOM   745  C  "C5'" . DG  D 2 2  ? 9.447   -0.536  14.318  1.00 49.45 ? 38  DG  D "C5'" 1 
ATOM   746  C  "C4'" . DG  D 2 2  ? 8.576   0.140   15.374  1.00 49.10 ? 38  DG  D "C4'" 1 
ATOM   747  O  "O4'" . DG  D 2 2  ? 9.038   1.497   15.633  1.00 48.41 ? 38  DG  D "O4'" 1 
ATOM   748  C  "C3'" . DG  D 2 2  ? 7.110   0.267   14.924  1.00 49.21 ? 38  DG  D "C3'" 1 
ATOM   749  O  "O3'" . DG  D 2 2  ? 6.302   -0.066  16.045  1.00 50.54 ? 38  DG  D "O3'" 1 
ATOM   750  C  "C2'" . DG  D 2 2  ? 6.995   1.765   14.646  1.00 48.06 ? 38  DG  D "C2'" 1 
ATOM   751  C  "C1'" . DG  D 2 2  ? 7.959   2.459   15.622  1.00 46.77 ? 38  DG  D "C1'" 1 
ATOM   752  N  N9    . DG  D 2 2  ? 8.467   3.737   15.041  1.00 44.16 ? 38  DG  D N9    1 
ATOM   753  C  C8    . DG  D 2 2  ? 9.006   3.975   13.785  1.00 43.11 ? 38  DG  D C8    1 
ATOM   754  N  N7    . DG  D 2 2  ? 9.340   5.228   13.542  1.00 41.94 ? 38  DG  D N7    1 
ATOM   755  C  C5    . DG  D 2 2  ? 8.984   5.866   14.734  1.00 41.32 ? 38  DG  D C5    1 
ATOM   756  C  C6    . DG  D 2 2  ? 9.096   7.232   15.092  1.00 40.58 ? 38  DG  D C6    1 
ATOM   757  O  O6    . DG  D 2 2  ? 9.522   8.157   14.399  1.00 40.71 ? 38  DG  D O6    1 
ATOM   758  N  N1    . DG  D 2 2  ? 8.640   7.485   16.358  1.00 40.28 ? 38  DG  D N1    1 
ATOM   759  C  C2    . DG  D 2 2  ? 8.137   6.516   17.189  1.00 41.27 ? 38  DG  D C2    1 
ATOM   760  N  N2    . DG  D 2 2  ? 7.750   6.942   18.376  1.00 41.26 ? 38  DG  D N2    1 
ATOM   761  N  N3    . DG  D 2 2  ? 8.017   5.214   16.886  1.00 41.87 ? 38  DG  D N3    1 
ATOM   762  C  C4    . DG  D 2 2  ? 8.460   4.965   15.636  1.00 42.31 ? 38  DG  D C4    1 
ATOM   763  P  P     . DA  D 2 3  ? 4.707   -0.172  15.781  1.00 51.61 ? 39  DA  D P     1 
ATOM   764  O  OP1   . DA  D 2 3  ? 4.160   -1.251  16.683  1.00 52.26 ? 39  DA  D OP1   1 
ATOM   765  O  OP2   . DA  D 2 3  ? 4.487   -0.189  14.294  1.00 51.69 ? 39  DA  D OP2   1 
ATOM   766  O  "O5'" . DA  D 2 3  ? 4.249   1.262   16.346  1.00 49.92 ? 39  DA  D "O5'" 1 
ATOM   767  C  "C5'" . DA  D 2 3  ? 4.312   1.348   17.760  1.00 48.11 ? 39  DA  D "C5'" 1 
ATOM   768  C  "C4'" . DA  D 2 3  ? 3.757   2.670   18.243  1.00 46.46 ? 39  DA  D "C4'" 1 
ATOM   769  O  "O4'" . DA  D 2 3  ? 4.543   3.739   17.670  1.00 45.08 ? 39  DA  D "O4'" 1 
ATOM   770  C  "C3'" . DA  D 2 3  ? 2.306   2.843   17.824  1.00 45.96 ? 39  DA  D "C3'" 1 
ATOM   771  O  "O3'" . DA  D 2 3  ? 1.618   3.421   18.919  1.00 47.33 ? 39  DA  D "O3'" 1 
ATOM   772  C  "C2'" . DA  D 2 3  ? 2.454   3.825   16.690  1.00 44.51 ? 39  DA  D "C2'" 1 
ATOM   773  C  "C1'" . DA  D 2 3  ? 3.679   4.686   17.044  1.00 42.90 ? 39  DA  D "C1'" 1 
ATOM   774  N  N9    . DA  D 2 3  ? 4.419   5.218   15.874  1.00 39.21 ? 39  DA  D N9    1 
ATOM   775  C  C8    . DA  D 2 3  ? 4.809   4.528   14.740  1.00 38.05 ? 39  DA  D C8    1 
ATOM   776  N  N7    . DA  D 2 3  ? 5.478   5.261   13.889  1.00 36.89 ? 39  DA  D N7    1 
ATOM   777  C  C5    . DA  D 2 3  ? 5.521   6.524   14.509  1.00 36.07 ? 39  DA  D C5    1 
ATOM   778  C  C6    . DA  D 2 3  ? 6.089   7.745   14.119  1.00 35.42 ? 39  DA  D C6    1 
ATOM   779  N  N6    . DA  D 2 3  ? 6.700   7.879   12.950  1.00 35.65 ? 39  DA  D N6    1 
ATOM   780  N  N1    . DA  D 2 3  ? 5.984   8.808   14.919  1.00 34.68 ? 39  DA  D N1    1 
ATOM   781  C  C2    . DA  D 2 3  ? 5.329   8.625   16.060  1.00 34.91 ? 39  DA  D C2    1 
ATOM   782  N  N3    . DA  D 2 3  ? 4.740   7.548   16.564  1.00 35.66 ? 39  DA  D N3    1 
ATOM   783  C  C4    . DA  D 2 3  ? 4.881   6.507   15.710  1.00 36.67 ? 39  DA  D C4    1 
ATOM   784  P  P     . DG  D 2 4  ? -0.006  3.365   18.887  1.00 48.81 ? 40  DG  D P     1 
ATOM   785  O  OP1   . DG  D 2 4  ? -0.496  3.258   20.307  1.00 49.08 ? 40  DG  D OP1   1 
ATOM   786  O  OP2   . DG  D 2 4  ? -0.427  2.391   17.823  1.00 48.79 ? 40  DG  D OP2   1 
ATOM   787  O  "O5'" . DG  D 2 4  ? -0.324  4.819   18.308  1.00 47.44 ? 40  DG  D "O5'" 1 
ATOM   788  C  "C5'" . DG  D 2 4  ? -0.201  5.905   19.235  1.00 45.91 ? 40  DG  D "C5'" 1 
ATOM   789  C  "C4'" . DG  D 2 4  ? -0.356  7.203   18.471  1.00 44.36 ? 40  DG  D "C4'" 1 
ATOM   790  O  "O4'" . DG  D 2 4  ? 0.749   7.340   17.514  1.00 43.86 ? 40  DG  D "O4'" 1 
ATOM   791  C  "C3'" . DG  D 2 4  ? -1.686  7.135   17.672  1.00 43.48 ? 40  DG  D "C3'" 1 
ATOM   792  O  "O3'" . DG  D 2 4  ? -2.373  8.378   17.642  1.00 43.62 ? 40  DG  D "O3'" 1 
ATOM   793  C  "C2'" . DG  D 2 4  ? -1.122  6.893   16.297  1.00 43.15 ? 40  DG  D "C2'" 1 
ATOM   794  C  "C1'" . DG  D 2 4  ? 0.139   7.751   16.302  1.00 42.44 ? 40  DG  D "C1'" 1 
ATOM   795  N  N9    . DG  D 2 4  ? 1.014   7.478   15.152  1.00 40.17 ? 40  DG  D N9    1 
ATOM   796  C  C8    . DG  D 2 4  ? 1.191   6.354   14.386  1.00 39.00 ? 40  DG  D C8    1 
ATOM   797  N  N7    . DG  D 2 4  ? 1.988   6.540   13.366  1.00 38.04 ? 40  DG  D N7    1 
ATOM   798  C  C5    . DG  D 2 4  ? 2.356   7.881   13.488  1.00 37.83 ? 40  DG  D C5    1 
ATOM   799  C  C6    . DG  D 2 4  ? 3.200   8.680   12.683  1.00 37.26 ? 40  DG  D C6    1 
ATOM   800  O  O6    . DG  D 2 4  ? 3.796   8.372   11.652  1.00 37.35 ? 40  DG  D O6    1 
ATOM   801  N  N1    . DG  D 2 4  ? 3.296   9.963   13.155  1.00 36.99 ? 40  DG  D N1    1 
ATOM   802  C  C2    . DG  D 2 4  ? 2.656   10.420  14.262  1.00 37.71 ? 40  DG  D C2    1 
ATOM   803  N  N2    . DG  D 2 4  ? 2.882   11.692  14.549  1.00 38.34 ? 40  DG  D N2    1 
ATOM   804  N  N3    . DG  D 2 4  ? 1.856   9.687   15.036  1.00 37.77 ? 40  DG  D N3    1 
ATOM   805  C  C4    . DG  D 2 4  ? 1.761   8.435   14.578  1.00 38.54 ? 40  DG  D C4    1 
ATOM   806  P  P     . DA  D 2 5  ? -3.965  8.345   17.234  1.00 43.65 ? 41  DA  D P     1 
ATOM   807  O  OP1   . DA  D 2 5  ? -4.745  8.263   18.500  1.00 43.88 ? 41  DA  D OP1   1 
ATOM   808  O  OP2   . DA  D 2 5  ? -4.277  7.438   16.077  1.00 42.66 ? 41  DA  D OP2   1 
ATOM   809  O  "O5'" . DA  D 2 5  ? -4.072  9.851   16.685  1.00 42.23 ? 41  DA  D "O5'" 1 
ATOM   810  C  "C5'" . DA  D 2 5  ? -3.979  11.015  17.538  1.00 39.62 ? 41  DA  D "C5'" 1 
ATOM   811  C  "C4'" . DA  D 2 5  ? -3.317  12.209  16.781  1.00 37.12 ? 41  DA  D "C4'" 1 
ATOM   812  O  "O4'" . DA  D 2 5  ? -1.959  11.836  16.473  1.00 35.36 ? 41  DA  D "O4'" 1 
ATOM   813  C  "C3'" . DA  D 2 5  ? -3.977  12.521  15.428  1.00 35.82 ? 41  DA  D "C3'" 1 
ATOM   814  O  "O3'" . DA  D 2 5  ? -5.080  13.426  15.489  1.00 35.71 ? 41  DA  D "O3'" 1 
ATOM   815  C  "C2'" . DA  D 2 5  ? -2.818  13.278  14.864  1.00 34.86 ? 41  DA  D "C2'" 1 
ATOM   816  C  "C1'" . DA  D 2 5  ? -1.590  12.435  15.223  1.00 33.52 ? 41  DA  D "C1'" 1 
ATOM   817  N  N9    . DA  D 2 5  ? -1.297  11.366  14.198  1.00 30.56 ? 41  DA  D N9    1 
ATOM   818  C  C8    . DA  D 2 5  ? -1.642  10.044  14.201  1.00 29.44 ? 41  DA  D C8    1 
ATOM   819  N  N7    . DA  D 2 5  ? -1.168  9.355   13.182  1.00 28.11 ? 41  DA  D N7    1 
ATOM   820  C  C5    . DA  D 2 5  ? -0.454  10.289  12.457  1.00 26.85 ? 41  DA  D C5    1 
ATOM   821  C  C6    . DA  D 2 5  ? 0.276   10.201  11.284  1.00 25.07 ? 41  DA  D C6    1 
ATOM   822  N  N6    . DA  D 2 5  ? 0.424   9.091   10.606  1.00 24.23 ? 41  DA  D N6    1 
ATOM   823  N  N1    . DA  D 2 5  ? 0.866   11.284  10.813  1.00 25.42 ? 41  DA  D N1    1 
ATOM   824  C  C2    . DA  D 2 5  ? 0.720   12.413  11.483  1.00 26.46 ? 41  DA  D C2    1 
ATOM   825  N  N3    . DA  D 2 5  ? 0.055   12.644  12.605  1.00 27.62 ? 41  DA  D N3    1 
ATOM   826  C  C4    . DA  D 2 5  ? -0.524  11.509  13.054  1.00 28.44 ? 41  DA  D C4    1 
ATOM   827  P  P     . DC  D 2 6  ? -6.155  13.353  14.293  1.00 36.05 ? 42  DC  D P     1 
ATOM   828  O  OP1   . DC  D 2 6  ? -7.231  14.329  14.623  1.00 37.07 ? 42  DC  D OP1   1 
ATOM   829  O  OP2   . DC  D 2 6  ? -6.441  11.931  13.959  1.00 35.30 ? 42  DC  D OP2   1 
ATOM   830  O  "O5'" . DC  D 2 6  ? -5.312  13.939  13.067  1.00 34.06 ? 42  DC  D "O5'" 1 
ATOM   831  C  "C5'" . DC  D 2 6  ? -5.078  15.343  13.013  1.00 30.79 ? 42  DC  D "C5'" 1 
ATOM   832  C  "C4'" . DC  D 2 6  ? -4.245  15.677  11.800  1.00 28.16 ? 42  DC  D "C4'" 1 
ATOM   833  O  "O4'" . DC  D 2 6  ? -3.131  14.813  11.896  1.00 26.80 ? 42  DC  D "O4'" 1 
ATOM   834  C  "C3'" . DC  D 2 6  ? -4.895  15.412  10.434  1.00 26.74 ? 42  DC  D "C3'" 1 
ATOM   835  O  "O3'" . DC  D 2 6  ? -5.563  16.567  9.929   1.00 26.84 ? 42  DC  D "O3'" 1 
ATOM   836  C  "C2'" . DC  D 2 6  ? -3.644  15.265  9.666   1.00 26.09 ? 42  DC  D "C2'" 1 
ATOM   837  C  "C1'" . DC  D 2 6  ? -2.709  14.553  10.577  1.00 25.64 ? 42  DC  D "C1'" 1 
ATOM   838  N  N1    . DC  D 2 6  ? -2.774  13.132  10.330  1.00 24.36 ? 42  DC  D N1    1 
ATOM   839  C  C2    . DC  D 2 6  ? -2.059  12.614  9.289   1.00 23.80 ? 42  DC  D C2    1 
ATOM   840  O  O2    . DC  D 2 6  ? -1.354  13.265  8.522   1.00 24.10 ? 42  DC  D O2    1 
ATOM   841  N  N3    . DC  D 2 6  ? -2.143  11.299  9.068   1.00 23.34 ? 42  DC  D N3    1 
ATOM   842  C  C4    . DC  D 2 6  ? -2.889  10.507  9.810   1.00 23.31 ? 42  DC  D C4    1 
ATOM   843  N  N4    . DC  D 2 6  ? -2.942  9.226   9.495   1.00 22.94 ? 42  DC  D N4    1 
ATOM   844  C  C5    . DC  D 2 6  ? -3.633  11.015  10.890  1.00 23.78 ? 42  DC  D C5    1 
ATOM   845  C  C6    . DC  D 2 6  ? -3.540  12.337  11.109  1.00 23.97 ? 42  DC  D C6    1 
ATOM   846  P  P     . DC  D 2 7  ? -6.822  16.427  8.942   1.00 27.33 ? 43  DC  D P     1 
ATOM   847  O  OP1   . DC  D 2 7  ? -7.516  17.729  8.896   1.00 29.05 ? 43  DC  D OP1   1 
ATOM   848  O  OP2   . DC  D 2 7  ? -7.573  15.200  9.310   1.00 26.46 ? 43  DC  D OP2   1 
ATOM   849  O  "O5'" . DC  D 2 7  ? -6.108  16.200  7.539   1.00 25.51 ? 43  DC  D "O5'" 1 
ATOM   850  C  "C5'" . DC  D 2 7  ? -5.744  17.268  6.702   1.00 23.12 ? 43  DC  D "C5'" 1 
ATOM   851  C  "C4'" . DC  D 2 7  ? -5.313  16.692  5.399   1.00 21.51 ? 43  DC  D "C4'" 1 
ATOM   852  O  "O4'" . DC  D 2 7  ? -4.240  15.801  5.545   1.00 20.80 ? 43  DC  D "O4'" 1 
ATOM   853  C  "C3'" . DC  D 2 7  ? -6.367  15.806  4.871   1.00 20.76 ? 43  DC  D "C3'" 1 
ATOM   854  O  "O3'" . DC  D 2 7  ? -7.307  16.663  4.293   1.00 21.80 ? 43  DC  D "O3'" 1 
ATOM   855  C  "C2'" . DC  D 2 7  ? -5.577  15.036  3.874   1.00 19.66 ? 43  DC  D "C2'" 1 
ATOM   856  C  "C1'" . DC  D 2 7  ? -4.271  14.821  4.521   1.00 19.95 ? 43  DC  D "C1'" 1 
ATOM   857  N  N1    . DC  D 2 7  ? -4.197  13.523  5.157   1.00 19.33 ? 43  DC  D N1    1 
ATOM   858  C  C2    . DC  D 2 7  ? -3.840  12.479  4.409   1.00 19.04 ? 43  DC  D C2    1 
ATOM   859  O  O2    . DC  D 2 7  ? -3.492  12.628  3.262   1.00 19.12 ? 43  DC  D O2    1 
ATOM   860  N  N3    . DC  D 2 7  ? -3.815  11.261  4.942   1.00 19.31 ? 43  DC  D N3    1 
ATOM   861  C  C4    . DC  D 2 7  ? -4.134  11.096  6.211   1.00 19.10 ? 43  DC  D C4    1 
ATOM   862  N  N4    . DC  D 2 7  ? -4.125  9.879   6.719   1.00 18.38 ? 43  DC  D N4    1 
ATOM   863  C  C5    . DC  D 2 7  ? -4.503  12.184  7.025   1.00 18.24 ? 43  DC  D C5    1 
ATOM   864  C  C6    . DC  D 2 7  ? -4.518  13.379  6.444   1.00 18.23 ? 43  DC  D C6    1 
ATOM   865  P  P     . DA  D 2 8  ? -8.784  16.276  3.956   1.00 22.55 ? 44  DA  D P     1 
ATOM   866  O  OP1   . DA  D 2 8  ? -9.467  17.526  3.588   1.00 23.54 ? 44  DA  D OP1   1 
ATOM   867  O  OP2   . DA  D 2 8  ? -9.366  15.457  5.022   1.00 22.46 ? 44  DA  D OP2   1 
ATOM   868  O  "O5'" . DA  D 2 8  ? -8.582  15.368  2.702   1.00 20.82 ? 44  DA  D "O5'" 1 
ATOM   869  C  "C5'" . DA  D 2 8  ? -9.398  14.249  2.479   1.00 20.06 ? 44  DA  D "C5'" 1 
ATOM   870  C  "C4'" . DA  D 2 8  ? -8.689  13.302  1.594   1.00 20.84 ? 44  DA  D "C4'" 1 
ATOM   871  O  "O4'" . DA  D 2 8  ? -7.497  12.884  2.247   1.00 21.10 ? 44  DA  D "O4'" 1 
ATOM   872  C  "C3'" . DA  D 2 8  ? -9.446  12.057  1.436   1.00 21.70 ? 44  DA  D "C3'" 1 
ATOM   873  O  "O3'" . DA  D 2 8  ? -10.421 12.199  0.426   1.00 23.30 ? 44  DA  D "O3'" 1 
ATOM   874  C  "C2'" . DA  D 2 8  ? -8.310  11.188  0.968   1.00 20.96 ? 44  DA  D "C2'" 1 
ATOM   875  C  "C1'" . DA  D 2 8  ? -7.157  11.559  1.857   1.00 20.15 ? 44  DA  D "C1'" 1 
ATOM   876  N  N9    . DA  D 2 8  ? -7.046  10.707  3.056   1.00 19.00 ? 44  DA  D N9    1 
ATOM   877  C  C8    . DA  D 2 8  ? -7.316  10.968  4.351   1.00 19.03 ? 44  DA  D C8    1 
ATOM   878  N  N7    . DA  D 2 8  ? -7.080  10.005  5.200   1.00 19.81 ? 44  DA  D N7    1 
ATOM   879  C  C5    . DA  D 2 8  ? -6.612  9.029   4.380   1.00 19.37 ? 44  DA  D C5    1 
ATOM   880  C  C6    . DA  D 2 8  ? -6.188  7.765   4.634   1.00 18.95 ? 44  DA  D C6    1 
ATOM   881  N  N6    . DA  D 2 8  ? -6.127  7.227   5.816   1.00 19.28 ? 44  DA  D N6    1 
ATOM   882  N  N1    . DA  D 2 8  ? -5.797  7.053   3.620   1.00 19.03 ? 44  DA  D N1    1 
ATOM   883  C  C2    . DA  D 2 8  ? -5.825  7.573   2.418   1.00 19.52 ? 44  DA  D C2    1 
ATOM   884  N  N3    . DA  D 2 8  ? -6.197  8.756   2.013   1.00 19.60 ? 44  DA  D N3    1 
ATOM   885  C  C4    . DA  D 2 8  ? -6.591  9.447   3.081   1.00 19.57 ? 44  DA  D C4    1 
ATOM   886  P  P     . DG  D 2 9  ? -11.723 11.316  0.533   1.00 24.63 ? 45  DG  D P     1 
ATOM   887  O  OP1   . DG  D 2 9  ? -12.614 11.862  -0.488  1.00 25.54 ? 45  DG  D OP1   1 
ATOM   888  O  OP2   . DG  D 2 9  ? -12.128 11.257  1.947   1.00 23.29 ? 45  DG  D OP2   1 
ATOM   889  O  "O5'" . DG  D 2 9  ? -11.456 9.843   0.100   1.00 24.54 ? 45  DG  D "O5'" 1 
ATOM   890  C  "C5'" . DG  D 2 9  ? -11.084 9.647   -1.248  1.00 25.88 ? 45  DG  D "C5'" 1 
ATOM   891  C  "C4'" . DG  D 2 9  ? -10.430 8.286   -1.485  1.00 26.65 ? 45  DG  D "C4'" 1 
ATOM   892  O  "O4'" . DG  D 2 9  ? -9.230  8.111   -0.695  1.00 26.50 ? 45  DG  D "O4'" 1 
ATOM   893  C  "C3'" . DG  D 2 9  ? -11.362 7.222   -1.034  1.00 27.52 ? 45  DG  D "C3'" 1 
ATOM   894  O  "O3'" . DG  D 2 9  ? -12.292 6.978   -2.070  1.00 29.31 ? 45  DG  D "O3'" 1 
ATOM   895  C  "C2'" . DG  D 2 9  ? -10.327 6.150   -0.933  1.00 26.76 ? 45  DG  D "C2'" 1 
ATOM   896  C  "C1'" . DG  D 2 9  ? -9.137  6.774   -0.236  1.00 25.62 ? 45  DG  D "C1'" 1 
ATOM   897  N  N9    . DG  D 2 9  ? -9.244  6.783   1.223   1.00 24.27 ? 45  DG  D N9    1 
ATOM   898  C  C8    . DG  D 2 9  ? -9.657  7.753   2.060   1.00 24.45 ? 45  DG  D C8    1 
ATOM   899  N  N7    . DG  D 2 9  ? -9.534  7.469   3.329   1.00 24.93 ? 45  DG  D N7    1 
ATOM   900  C  C5    . DG  D 2 9  ? -9.001  6.205   3.313   1.00 24.62 ? 45  DG  D C5    1 
ATOM   901  C  C6    . DG  D 2 9  ? -8.638  5.362   4.376   1.00 25.10 ? 45  DG  D C6    1 
ATOM   902  O  O6    . DG  D 2 9  ? -8.656  5.613   5.574   1.00 25.31 ? 45  DG  D O6    1 
ATOM   903  N  N1    . DG  D 2 9  ? -8.139  4.154   3.919   1.00 25.37 ? 45  DG  D N1    1 
ATOM   904  C  C2    . DG  D 2 9  ? -8.004  3.837   2.593   1.00 25.24 ? 45  DG  D C2    1 
ATOM   905  N  N2    . DG  D 2 9  ? -7.460  2.667   2.293   1.00 25.21 ? 45  DG  D N2    1 
ATOM   906  N  N3    . DG  D 2 9  ? -8.348  4.645   1.603   1.00 24.95 ? 45  DG  D N3    1 
ATOM   907  C  C4    . DG  D 2 9  ? -8.835  5.795   2.030   1.00 24.23 ? 45  DG  D C4    1 
ATOM   908  P  P     . DA  D 2 10 ? -13.637 6.166   -1.813  1.00 29.89 ? 46  DA  D P     1 
ATOM   909  O  OP1   . DA  D 2 10 ? -14.338 6.032   -3.119  1.00 30.23 ? 46  DA  D OP1   1 
ATOM   910  O  OP2   . DA  D 2 10 ? -14.295 6.772   -0.633  1.00 29.33 ? 46  DA  D OP2   1 
ATOM   911  O  "O5'" . DA  D 2 10 ? -13.158 4.709   -1.391  1.00 28.16 ? 46  DA  D "O5'" 1 
ATOM   912  C  "C5'" . DA  D 2 10 ? -12.638 3.830   -2.394  1.00 27.47 ? 46  DA  D "C5'" 1 
ATOM   913  C  "C4'" . DA  D 2 10 ? -12.095 2.512   -1.825  1.00 27.64 ? 46  DA  D "C4'" 1 
ATOM   914  O  "O4'" . DA  D 2 10 ? -11.089 2.794   -0.875  1.00 27.15 ? 46  DA  D "O4'" 1 
ATOM   915  C  "C3'" . DA  D 2 10 ? -13.101 1.777   -0.976  1.00 28.45 ? 46  DA  D "C3'" 1 
ATOM   916  O  "O3'" . DA  D 2 10 ? -13.952 1.030   -1.842  1.00 30.09 ? 46  DA  D "O3'" 1 
ATOM   917  C  "C2'" . DA  D 2 10 ? -12.164 0.912   -0.180  1.00 26.82 ? 46  DA  D "C2'" 1 
ATOM   918  C  "C1'" . DA  D 2 10 ? -11.038 1.812   0.144   1.00 26.24 ? 46  DA  D "C1'" 1 
ATOM   919  N  N9    . DA  D 2 10 ? -11.228 2.486   1.415   1.00 25.63 ? 46  DA  D N9    1 
ATOM   920  C  C8    . DA  D 2 10 ? -11.703 3.732   1.658   1.00 26.00 ? 46  DA  D C8    1 
ATOM   921  N  N7    . DA  D 2 10 ? -11.789 4.001   2.934   1.00 26.37 ? 46  DA  D N7    1 
ATOM   922  C  C5    . DA  D 2 10 ? -11.342 2.871   3.568   1.00 25.56 ? 46  DA  D C5    1 
ATOM   923  C  C6    . DA  D 2 10 ? -11.193 2.525   4.911   1.00 25.93 ? 46  DA  D C6    1 
ATOM   924  N  N6    . DA  D 2 10 ? -11.506 3.311   5.916   1.00 26.13 ? 46  DA  D N6    1 
ATOM   925  N  N1    . DA  D 2 10 ? -10.721 1.329   5.202   1.00 26.15 ? 46  DA  D N1    1 
ATOM   926  C  C2    . DA  D 2 10 ? -10.432 0.544   4.181   1.00 26.33 ? 46  DA  D C2    1 
ATOM   927  N  N3    . DA  D 2 10 ? -10.527 0.748   2.888   1.00 26.14 ? 46  DA  D N3    1 
ATOM   928  C  C4    . DA  D 2 10 ? -11.002 1.954   2.645   1.00 25.51 ? 46  DA  D C4    1 
ATOM   929  P  P     . DG  D 2 11 ? -15.464 0.701   -1.415  1.00 32.27 ? 47  DG  D P     1 
ATOM   930  O  OP1   . DG  D 2 11 ? -16.061 -0.034  -2.541  1.00 33.55 ? 47  DG  D OP1   1 
ATOM   931  O  OP2   . DG  D 2 11 ? -16.170 1.873   -0.874  1.00 32.15 ? 47  DG  D OP2   1 
ATOM   932  O  "O5'" . DG  D 2 11 ? -15.306 -0.287  -0.169  1.00 31.57 ? 47  DG  D "O5'" 1 
ATOM   933  C  "C5'" . DG  D 2 11 ? -14.952 -1.653  -0.402  1.00 30.46 ? 47  DG  D "C5'" 1 
ATOM   934  C  "C4'" . DG  D 2 11 ? -14.675 -2.334  0.926   1.00 30.21 ? 47  DG  D "C4'" 1 
ATOM   935  O  "O4'" . DG  D 2 11 ? -13.693 -1.601  1.670   1.00 29.56 ? 47  DG  D "O4'" 1 
ATOM   936  C  "C3'" . DG  D 2 11 ? -15.857 -2.200  1.870   1.00 30.99 ? 47  DG  D "C3'" 1 
ATOM   937  O  "O3'" . DG  D 2 11 ? -16.920 -3.085  1.544   1.00 32.75 ? 47  DG  D "O3'" 1 
ATOM   938  C  "C2'" . DG  D 2 11 ? -15.150 -2.661  3.110   1.00 29.72 ? 47  DG  D "C2'" 1 
ATOM   939  C  "C1'" . DG  D 2 11 ? -13.839 -1.889  3.069   1.00 28.26 ? 47  DG  D "C1'" 1 
ATOM   940  N  N9    . DG  D 2 11 ? -13.999 -0.686  3.864   1.00 25.82 ? 47  DG  D N9    1 
ATOM   941  C  C8    . DG  D 2 11 ? -14.326 0.542   3.455   1.00 25.39 ? 47  DG  D C8    1 
ATOM   942  N  N7    . DG  D 2 11 ? -14.412 1.404   4.429   1.00 25.48 ? 47  DG  D N7    1 
ATOM   943  C  C5    . DG  D 2 11 ? -14.120 0.675   5.556   1.00 24.76 ? 47  DG  D C5    1 
ATOM   944  C  C6    . DG  D 2 11 ? -14.064 1.060   6.900   1.00 24.52 ? 47  DG  D C6    1 
ATOM   945  O  O6    . DG  D 2 11 ? -14.288 2.163   7.377   1.00 24.46 ? 47  DG  D O6    1 
ATOM   946  N  N1    . DG  D 2 11 ? -13.728 0.023   7.710   1.00 24.83 ? 47  DG  D N1    1 
ATOM   947  C  C2    . DG  D 2 11 ? -13.487 -1.230  7.271   1.00 26.56 ? 47  DG  D C2    1 
ATOM   948  N  N2    . DG  D 2 11 ? -13.085 -2.099  8.185   1.00 27.46 ? 47  DG  D N2    1 
ATOM   949  N  N3    . DG  D 2 11 ? -13.550 -1.599  6.010   1.00 26.63 ? 47  DG  D N3    1 
ATOM   950  C  C4    . DG  D 2 11 ? -13.870 -0.598  5.209   1.00 25.23 ? 47  DG  D C4    1 
ATOM   951  P  P     . DG  D 2 12 ? -18.230 -3.134  2.445   1.00 34.05 ? 48  DG  D P     1 
ATOM   952  O  OP1   . DG  D 2 12 ? -19.335 -3.286  1.494   1.00 34.75 ? 48  DG  D OP1   1 
ATOM   953  O  OP2   . DG  D 2 12 ? -18.283 -2.052  3.432   1.00 33.74 ? 48  DG  D OP2   1 
ATOM   954  O  "O5'" . DG  D 2 12 ? -17.915 -4.485  3.190   1.00 33.42 ? 48  DG  D "O5'" 1 
ATOM   955  C  "C5'" . DG  D 2 12 ? -18.426 -4.660  4.516   1.00 32.71 ? 48  DG  D "C5'" 1 
ATOM   956  C  "C4'" . DG  D 2 12 ? -17.314 -4.838  5.514   1.00 31.21 ? 48  DG  D "C4'" 1 
ATOM   957  O  "O4'" . DG  D 2 12 ? -16.646 -3.578  5.704   1.00 30.08 ? 48  DG  D "O4'" 1 
ATOM   958  C  "C3'" . DG  D 2 12 ? -17.833 -5.219  6.849   1.00 30.89 ? 48  DG  D "C3'" 1 
ATOM   959  O  "O3'" . DG  D 2 12 ? -16.836 -5.880  7.580   1.00 32.65 ? 48  DG  D "O3'" 1 
ATOM   960  C  "C2'" . DG  D 2 12 ? -18.005 -3.905  7.504   1.00 29.95 ? 48  DG  D "C2'" 1 
ATOM   961  C  "C1'" . DG  D 2 12 ? -16.756 -3.174  7.092   1.00 28.81 ? 48  DG  D "C1'" 1 
ATOM   962  N  N9    . DG  D 2 12 ? -16.949 -1.721  7.256   1.00 26.00 ? 48  DG  D N9    1 
ATOM   963  C  C8    . DG  D 2 12 ? -17.197 -0.817  6.286   1.00 25.31 ? 48  DG  D C8    1 
ATOM   964  N  N7    . DG  D 2 12 ? -17.364 0.391   6.739   1.00 25.62 ? 48  DG  D N7    1 
ATOM   965  C  C5    . DG  D 2 12 ? -17.217 0.267   8.112   1.00 25.17 ? 48  DG  D C5    1 
ATOM   966  C  C6    . DG  D 2 12 ? -17.294 1.222   9.138   1.00 25.09 ? 48  DG  D C6    1 
ATOM   967  O  O6    . DG  D 2 12 ? -17.549 2.411   9.098   1.00 25.72 ? 48  DG  D O6    1 
ATOM   968  N  N1    . DG  D 2 12 ? -17.087 0.699   10.358  1.00 24.77 ? 48  DG  D N1    1 
ATOM   969  C  C2    . DG  D 2 12 ? -16.831 -0.592  10.589  1.00 24.58 ? 48  DG  D C2    1 
ATOM   970  N  N2    . DG  D 2 12 ? -16.620 -0.906  11.848  1.00 24.18 ? 48  DG  D N2    1 
ATOM   971  N  N3    . DG  D 2 12 ? -16.757 -1.518  9.650   1.00 25.12 ? 48  DG  D N3    1 
ATOM   972  C  C4    . DG  D 2 12 ? -16.966 -1.018  8.429   1.00 25.14 ? 48  DG  D C4    1 
HETATM 973  PT PT1   . CPT E 3 .  ? 2.338   -1.472  -8.153  1.00 23.76 ? 49  CPT A PT1   1 
HETATM 974  N  N1    . CPT E 3 .  ? 1.826   -2.115  -6.459  1.00 22.60 ? 49  CPT A N1    1 
HETATM 975  N  N2    . CPT E 3 .  ? 1.229   -2.586  -9.224  1.00 22.50 ? 49  CPT A N2    1 
HETATM 976  PT PT1   . CPT F 3 .  ? 0.096   5.915   4.988   1.00 26.46 ? 50  CPT C PT1   1 
HETATM 977  N  N1    . CPT F 3 .  ? -0.783  4.279   5.344   1.00 24.71 ? 50  CPT C N1    1 
HETATM 978  N  N2    . CPT F 3 .  ? 0.712   6.046   6.797   1.00 24.53 ? 50  CPT C N2    1 
HETATM 979  O  O     . HOH G 4 .  ? -3.551  -10.555 -2.691  1.00 55.00 ? 54  HOH A O     1 
HETATM 980  O  O     . HOH G 4 .  ? 1.864   -7.689  -6.696  1.00 45.29 ? 55  HOH A O     1 
HETATM 981  O  O     . HOH G 4 .  ? 1.129   -7.518  -20.459 1.00 57.12 ? 58  HOH A O     1 
HETATM 982  O  O     . HOH G 4 .  ? -2.641  -4.528  -5.245  1.00 69.93 ? 60  HOH A O     1 
HETATM 983  O  O     . HOH G 4 .  ? 7.558   -0.282  -3.206  1.00 30.23 ? 62  HOH A O     1 
HETATM 984  O  O     . HOH G 4 .  ? -2.108  1.159   -7.014  1.00 57.08 ? 66  HOH A O     1 
HETATM 985  O  O     . HOH G 4 .  ? -0.366  5.328   -5.033  1.00 27.35 ? 68  HOH A O     1 
HETATM 986  O  O     . HOH G 4 .  ? -4.422  2.359   -5.514  1.00 59.47 ? 80  HOH A O     1 
HETATM 987  O  O     . HOH G 4 .  ? -3.551  -10.555 -2.691  1.00 55.00 ? 85  HOH A O     1 
HETATM 988  O  O     . HOH G 4 .  ? 1.864   -7.689  -6.696  1.00 45.29 ? 86  HOH A O     1 
HETATM 989  O  O     . HOH G 4 .  ? 1.129   -7.518  -20.459 1.00 57.12 ? 89  HOH A O     1 
HETATM 990  O  O     . HOH G 4 .  ? -2.641  -4.528  -5.245  1.00 69.93 ? 91  HOH A O     1 
HETATM 991  O  O     . HOH G 4 .  ? 7.558   -0.282  -3.206  1.00 30.23 ? 93  HOH A O     1 
HETATM 992  O  O     . HOH G 4 .  ? -2.108  1.159   -7.014  1.00 57.08 ? 97  HOH A O     1 
HETATM 993  O  O     . HOH G 4 .  ? -0.366  5.328   -5.033  1.00 27.35 ? 99  HOH A O     1 
HETATM 994  O  O     . HOH G 4 .  ? -4.422  2.359   -5.514  1.00 59.47 ? 111 HOH A O     1 
HETATM 995  O  O     . HOH H 4 .  ? 10.915  -12.167 -13.233 1.00 54.01 ? 51  HOH B O     1 
HETATM 996  O  O     . HOH H 4 .  ? 14.795  -9.749  -5.223  1.00 72.52 ? 52  HOH B O     1 
HETATM 997  O  O     . HOH H 4 .  ? 18.657  -7.310  -5.254  1.00 69.54 ? 53  HOH B O     1 
HETATM 998  O  O     . HOH H 4 .  ? 0.405   -8.053  -10.557 1.00 36.07 ? 56  HOH B O     1 
HETATM 999  O  O     . HOH H 4 .  ? 6.710   -1.700  0.981   1.00 51.71 ? 59  HOH B O     1 
HETATM 1000 O  O     . HOH H 4 .  ? 9.949   -0.177  -6.026  1.00 45.60 ? 61  HOH B O     1 
HETATM 1001 O  O     . HOH H 4 .  ? -6.135  -3.935  -11.056 1.00 76.05 ? 63  HOH B O     1 
HETATM 1002 O  O     . HOH H 4 .  ? -9.350  4.143   -12.008 1.00 35.44 ? 69  HOH B O     1 
HETATM 1003 O  O     . HOH H 4 .  ? -4.464  -16.059 -10.065 1.00 41.69 ? 76  HOH B O     1 
HETATM 1004 O  O     . HOH H 4 .  ? 11.936  -11.044 -10.902 1.00 65.67 ? 79  HOH B O     1 
HETATM 1005 O  O     . HOH H 4 .  ? 10.915  -12.167 -13.233 1.00 54.01 ? 82  HOH B O     1 
HETATM 1006 O  O     . HOH H 4 .  ? 14.795  -9.749  -5.223  1.00 72.52 ? 83  HOH B O     1 
HETATM 1007 O  O     . HOH H 4 .  ? 18.657  -7.310  -5.254  1.00 69.54 ? 84  HOH B O     1 
HETATM 1008 O  O     . HOH H 4 .  ? 0.405   -8.053  -10.557 1.00 36.07 ? 87  HOH B O     1 
HETATM 1009 O  O     . HOH H 4 .  ? 6.710   -1.700  0.981   1.00 51.71 ? 90  HOH B O     1 
HETATM 1010 O  O     . HOH H 4 .  ? 9.949   -0.177  -6.026  1.00 45.60 ? 92  HOH B O     1 
HETATM 1011 O  O     . HOH H 4 .  ? -6.135  -3.935  -11.056 1.00 76.05 ? 94  HOH B O     1 
HETATM 1012 O  O     . HOH H 4 .  ? -9.350  4.143   -12.008 1.00 45.22 ? 100 HOH B O     1 
HETATM 1013 O  O     . HOH H 4 .  ? -4.464  -16.059 -10.065 1.00 41.69 ? 107 HOH B O     1 
HETATM 1014 O  O     . HOH H 4 .  ? 11.936  -11.044 -10.902 1.00 65.67 ? 110 HOH B O     1 
HETATM 1015 O  O     . HOH I 4 .  ? 7.269   5.533   -3.004  1.00 40.78 ? 67  HOH C O     1 
HETATM 1016 O  O     . HOH I 4 .  ? -15.810 8.930   16.915  1.00 58.73 ? 72  HOH C O     1 
HETATM 1017 O  O     . HOH I 4 .  ? 5.466   10.087  -2.868  1.00 38.53 ? 73  HOH C O     1 
HETATM 1018 O  O     . HOH I 4 .  ? 11.006  17.412  16.890  1.00 61.52 ? 75  HOH C O     1 
HETATM 1019 O  O     . HOH I 4 .  ? 6.737   7.190   3.344   1.00 44.33 ? 78  HOH C O     1 
HETATM 1020 O  O     . HOH I 4 .  ? 6.307   12.587  -1.633  1.00 59.03 ? 81  HOH C O     1 
HETATM 1021 O  O     . HOH I 4 .  ? 7.269   5.533   -3.004  1.00 40.78 ? 98  HOH C O     1 
HETATM 1022 O  O     . HOH I 4 .  ? -15.810 8.930   16.915  1.00 58.73 ? 103 HOH C O     1 
HETATM 1023 O  O     . HOH I 4 .  ? 5.466   10.087  -2.868  1.00 38.53 ? 104 HOH C O     1 
HETATM 1024 O  O     . HOH I 4 .  ? 11.006  17.412  16.890  1.00 61.52 ? 106 HOH C O     1 
HETATM 1025 O  O     . HOH I 4 .  ? 6.737   7.190   3.344   1.00 44.33 ? 109 HOH C O     1 
HETATM 1026 O  O     . HOH I 4 .  ? 6.307   12.587  -1.633  1.00 59.03 ? 112 HOH C O     1 
HETATM 1027 O  O     . HOH J 4 .  ? 8.034   -3.892  8.224   1.00 57.00 ? 57  HOH D O     1 
HETATM 1028 O  O     . HOH J 4 .  ? -15.465 -1.915  -4.424  1.00 68.65 ? 64  HOH D O     1 
HETATM 1029 O  O     . HOH J 4 .  ? -7.647  0.908   -0.296  1.00 58.23 ? 65  HOH D O     1 
HETATM 1030 O  O     . HOH J 4 .  ? -3.008  9.553   19.996  1.00 49.02 ? 70  HOH D O     1 
HETATM 1031 O  O     . HOH J 4 .  ? -8.175  9.873   14.780  1.00 68.31 ? 71  HOH D O     1 
HETATM 1032 O  O     . HOH J 4 .  ? -7.249  9.485   7.784   1.00 56.07 ? 74  HOH D O     1 
HETATM 1033 O  O     . HOH J 4 .  ? 10.568  -4.137  10.135  1.00 59.25 ? 77  HOH D O     1 
HETATM 1034 O  O     . HOH J 4 .  ? 8.034   -3.892  8.224   1.00 57.00 ? 88  HOH D O     1 
HETATM 1035 O  O     . HOH J 4 .  ? -15.465 -1.915  -4.424  1.00 68.65 ? 95  HOH D O     1 
HETATM 1036 O  O     . HOH J 4 .  ? -7.647  0.908   -0.296  1.00 85.09 ? 96  HOH D O     1 
HETATM 1037 O  O     . HOH J 4 .  ? -3.008  9.553   19.996  1.00 49.02 ? 101 HOH D O     1 
HETATM 1038 O  O     . HOH J 4 .  ? -8.175  9.873   14.780  1.00 68.31 ? 102 HOH D O     1 
HETATM 1039 O  O     . HOH J 4 .  ? -7.249  9.485   7.784   1.00 56.07 ? 105 HOH D O     1 
HETATM 1040 O  O     . HOH J 4 .  ? 10.568  -4.137  10.135  1.00 59.25 ? 108 HOH D O     1 
# 
